data_5H40
#
_entry.id   5H40
#
_cell.length_a   86.780
_cell.length_b   94.330
_cell.length_c   156.920
_cell.angle_alpha   90.00
_cell.angle_beta   97.60
_cell.angle_gamma   90.00
#
_symmetry.space_group_name_H-M   'P 1 21 1'
#
loop_
_entity.id
_entity.type
_entity.pdbx_description
1 polymer 'Uncharacterized protein'
2 branched beta-D-glucopyranose-(1-2)-beta-D-glucopyranose
3 non-polymer GLYCEROL
4 non-polymer 'CALCIUM ION'
5 water water
#
_entity_poly.entity_id   1
_entity_poly.type   'polypeptide(L)'
_entity_poly.pdbx_seq_one_letter_code
;(MSE)GILKTLSAPIILENSNSTFTFLPGGDNFEWIHESI(MSE)INAFQGNTLDGSTNNLYLRIYKDNSLAFYPLIG
(MSE)NSKSTIKSGTSTLIFEGTAEDISYTVTFRLTPYGIWFWDISLSGNCNKADIIYSQDIGVGTKGSVNSNELYLAQY
LGHSIFQGDYGYVICSRQN(MSE)AQGDLFPYLQQGSLGIRSIAYSTDGTQFFGLSYKKTNIPEALYGDLPSKNKQYELA
HTALQTEAFSLSGTKQFSFYGICKTNHPEVIREIEYIQELEKAYAYHESGEILPVNVPTLQNIGAPYASSRWDAKQVEHY
FPKRLLEEKEEEALLSFFTPEKSHVVLQDKELTTERPHGHIL(MSE)TNFDVTKVPQGVVSSTNY(MSE)YGAFNCQFVV
GNTTYNKLLSNHRGLLNIQKDSGQRIFIKIGDCYRQLTLPAAYE(MSE)NVAGSTWYYQLDEDVLIITSFA(MSE)YNRP
EIVLKVQSLGHKKYDFIVTHQLTVGPNEYENEIKLTREGNILQLSPTDPVVTNHFYPELSFR(MSE)RIPEDCTLSDDSI
FFHNNTTINPSLLSIEILQKSSFDIV(MSE)QGFDTGNVIPFLDQYDYKEQLEAYRIYYDQLVCNFKLSAPDKIPLSAEK
LNAIIHWYAHDALIHFASPHGLEQSGGAAWGTRDVCQGPIEFFLTTGHFDLVRHILITLYSHQIEGGFEWPQWF(MSE)F
DHYPIHQEDCHGDVVFWPLKAISDYIQATGDTSILNELVDYRTAKDALPTNQPETILIHIKRAVTTIKNRYLSGTALISY
AGGDWDDTLQPANSELKENLVSAWTQALAEQTLELLCSAIKGIDHDFSKELSH(MSE)ANDIRTSFYQYLIKDGVIAGFL
YRESEEH(MSE)KY(MSE)LHPDDTESSIHYRLLPLTRSIIAQLADFKLATRNLEIIDEHLACPDGVRL(MSE)DHPASY
SGGISKIFLRAEQAANVGREISLQYVHAHIRYIEALAT(MSE)GLSKKAWDAL(MSE)RINPILLTDYVPNALTRQSNVY
FSSSEGCFDDRYEYAKNFDKLRTGDINVKGGWRLYSSGPGIYIRRIIADLLGIRFGHNVIHIDPVVTKELDGVTLQFTCF
GKTVFFTYHVDDT(MSE)DKHICVKSNNNILPGDNLNNIYRDGGIQIAKDVFLSAA(MSE)SDNNFHIYVKNLEHHHHHH
;
_entity_poly.pdbx_strand_id   A,B
#
# COMPACT_ATOMS: atom_id res chain seq x y z
N GLY A 2 37.16 20.68 39.43
CA GLY A 2 35.87 21.16 38.92
C GLY A 2 34.90 19.99 38.86
N ILE A 3 33.70 20.19 39.40
CA ILE A 3 32.67 19.14 39.46
C ILE A 3 31.48 19.58 38.65
N LEU A 4 31.16 18.80 37.62
CA LEU A 4 29.96 19.05 36.81
C LEU A 4 28.82 18.30 37.45
N LYS A 5 27.81 19.05 37.79
CA LYS A 5 26.66 18.49 38.42
C LYS A 5 25.85 17.73 37.38
N THR A 6 24.90 16.97 37.87
CA THR A 6 24.02 16.15 37.09
C THR A 6 22.66 16.82 36.86
N LEU A 7 22.07 16.53 35.70
CA LEU A 7 20.74 17.01 35.37
C LEU A 7 19.71 16.33 36.23
N SER A 8 18.83 17.10 36.83
CA SER A 8 17.64 16.60 37.52
C SER A 8 16.44 17.34 36.96
N ALA A 9 15.39 16.60 36.64
CA ALA A 9 14.19 17.21 36.10
C ALA A 9 13.53 18.07 37.21
N PRO A 10 13.51 19.41 37.04
CA PRO A 10 12.99 20.30 38.11
C PRO A 10 11.48 20.27 38.33
N ILE A 11 10.72 19.73 37.38
CA ILE A 11 9.28 19.68 37.52
C ILE A 11 8.95 18.26 37.88
N ILE A 12 8.42 18.08 39.10
CA ILE A 12 8.18 16.77 39.64
C ILE A 12 6.72 16.64 40.06
N LEU A 13 5.99 15.85 39.30
CA LEU A 13 4.62 15.54 39.60
C LEU A 13 4.54 14.20 40.30
N GLU A 14 3.74 14.15 41.37
CA GLU A 14 3.57 12.95 42.16
C GLU A 14 2.16 12.75 42.52
N ASN A 15 1.79 11.49 42.47
CA ASN A 15 0.52 11.10 42.96
C ASN A 15 0.52 9.60 43.19
N SER A 16 0.38 9.22 44.44
CA SER A 16 0.16 7.83 44.79
C SER A 16 1.44 7.06 44.36
N ASN A 17 1.33 6.14 43.41
CA ASN A 17 2.50 5.37 42.97
C ASN A 17 3.10 5.87 41.64
N SER A 18 2.86 7.12 41.30
CA SER A 18 3.22 7.66 40.03
C SER A 18 4.11 8.83 40.31
N THR A 19 5.26 8.85 39.62
CA THR A 19 6.13 10.02 39.61
C THR A 19 6.43 10.32 38.15
N PHE A 20 5.94 11.50 37.70
CA PHE A 20 6.17 12.00 36.34
C PHE A 20 6.93 13.28 36.39
N THR A 21 8.09 13.29 35.73
CA THR A 21 8.97 14.40 35.80
C THR A 21 9.13 15.03 34.42
N PHE A 22 9.40 16.33 34.41
CA PHE A 22 9.44 17.09 33.23
C PHE A 22 10.60 18.06 33.32
N LEU A 23 11.16 18.39 32.16
CA LEU A 23 12.11 19.46 32.03
C LEU A 23 11.38 20.83 32.04
N PRO A 24 12.10 21.95 32.25
CA PRO A 24 11.46 23.26 32.59
C PRO A 24 10.44 23.74 31.58
N GLY A 25 10.66 23.42 30.30
CA GLY A 25 9.66 23.73 29.27
C GLY A 25 8.53 22.75 29.22
N GLY A 26 8.48 21.80 30.12
CA GLY A 26 7.36 20.90 30.18
C GLY A 26 7.52 19.69 29.30
N ASP A 27 8.76 19.40 28.90
CA ASP A 27 9.08 18.21 28.10
C ASP A 27 9.16 16.95 28.95
N ASN A 28 8.55 15.87 28.51
CA ASN A 28 8.62 14.64 29.31
C ASN A 28 10.07 14.33 29.65
N PHE A 29 10.35 14.02 30.89
CA PHE A 29 11.65 13.46 31.21
C PHE A 29 11.53 11.95 31.53
N GLU A 30 10.97 11.62 32.69
CA GLU A 30 10.71 10.26 33.08
C GLU A 30 9.32 10.14 33.65
N TRP A 31 8.51 9.32 33.01
CA TRP A 31 7.18 9.01 33.48
C TRP A 31 7.15 7.61 34.13
N ILE A 32 7.19 7.59 35.46
CA ILE A 32 7.25 6.33 36.18
C ILE A 32 5.93 6.10 36.93
N HIS A 33 5.36 4.93 36.69
CA HIS A 33 4.28 4.42 37.47
C HIS A 33 4.76 3.11 38.08
N GLU A 34 4.92 3.15 39.39
CA GLU A 34 5.48 2.06 40.19
C GLU A 34 6.88 1.81 39.63
N SER A 35 7.13 0.68 39.04
CA SER A 35 8.54 0.45 38.59
C SER A 35 8.62 0.48 37.05
N ILE A 36 7.55 0.96 36.42
CA ILE A 36 7.40 0.95 34.97
C ILE A 36 7.58 2.36 34.36
N ILE A 38 7.02 4.67 31.32
CA ILE A 38 5.95 4.75 30.37
C ILE A 38 6.43 5.36 29.04
N ASN A 39 7.24 6.44 29.12
CA ASN A 39 7.76 7.03 27.91
C ASN A 39 8.94 6.16 27.43
N ALA A 40 9.35 6.32 26.18
CA ALA A 40 10.53 5.58 25.62
C ALA A 40 11.81 6.39 25.70
N PHE A 41 11.69 7.70 25.48
CA PHE A 41 12.86 8.57 25.48
C PHE A 41 12.73 9.64 26.49
N GLN A 42 13.86 9.96 27.12
CA GLN A 42 13.92 11.07 28.03
C GLN A 42 14.07 12.32 27.17
N GLY A 43 13.37 13.38 27.52
CA GLY A 43 13.53 14.66 26.89
C GLY A 43 14.96 15.14 27.16
N ASN A 44 15.43 16.07 26.38
CA ASN A 44 16.66 16.80 26.68
C ASN A 44 16.42 18.29 26.52
N THR A 45 17.36 19.10 26.96
CA THR A 45 17.10 20.51 27.23
C THR A 45 17.10 21.37 25.97
N LEU A 46 17.61 20.82 24.88
CA LEU A 46 17.73 21.54 23.60
C LEU A 46 16.60 21.15 22.63
N ASP A 47 16.29 19.86 22.55
CA ASP A 47 15.29 19.33 21.62
C ASP A 47 13.96 19.21 22.26
N GLY A 48 13.93 19.04 23.60
CA GLY A 48 12.66 18.74 24.22
C GLY A 48 12.49 17.26 24.19
N SER A 49 11.25 16.81 24.20
CA SER A 49 10.93 15.41 24.16
C SER A 49 10.21 15.03 22.84
N THR A 50 9.98 13.73 22.68
CA THR A 50 9.44 13.18 21.46
C THR A 50 7.93 13.26 21.38
N ASN A 51 7.28 13.28 22.55
CA ASN A 51 5.83 13.40 22.63
C ASN A 51 5.39 14.85 22.38
N ASN A 52 4.16 15.04 21.97
CA ASN A 52 3.61 16.39 21.85
C ASN A 52 2.13 16.32 21.60
N LEU A 53 1.50 17.48 21.55
CA LEU A 53 0.12 17.63 21.11
C LEU A 53 0.13 18.75 20.07
N TYR A 54 -0.38 18.47 18.86
CA TYR A 54 -0.23 19.41 17.75
C TYR A 54 -1.64 19.94 17.39
N LEU A 55 -1.72 21.26 17.29
CA LEU A 55 -2.90 21.91 16.80
C LEU A 55 -2.68 22.16 15.34
N ARG A 56 -3.56 21.65 14.49
CA ARG A 56 -3.49 21.99 13.03
C ARG A 56 -4.65 22.89 12.59
N ILE A 57 -4.34 23.81 11.67
CA ILE A 57 -5.28 24.78 11.13
C ILE A 57 -5.31 24.67 9.61
N TYR A 58 -6.46 24.32 9.07
CA TYR A 58 -6.67 24.20 7.64
C TYR A 58 -7.27 25.46 7.05
N LYS A 59 -6.66 25.94 5.97
CA LYS A 59 -7.17 27.11 5.24
C LYS A 59 -7.26 26.73 3.78
N ASP A 60 -7.73 27.69 2.97
CA ASP A 60 -7.91 27.50 1.54
C ASP A 60 -6.60 27.26 0.84
N ASN A 61 -5.50 27.85 1.34
CA ASN A 61 -4.22 27.76 0.69
C ASN A 61 -3.12 27.29 1.63
N SER A 62 -3.47 26.67 2.75
CA SER A 62 -2.38 26.25 3.65
C SER A 62 -2.83 25.29 4.70
N LEU A 63 -1.88 24.52 5.19
CA LEU A 63 -2.06 23.72 6.43
C LEU A 63 -1.00 24.19 7.37
N ALA A 64 -1.36 24.49 8.59
CA ALA A 64 -0.41 24.89 9.62
C ALA A 64 -0.50 23.89 10.75
N PHE A 65 0.57 23.79 11.52
CA PHE A 65 0.65 22.79 12.62
C PHE A 65 1.55 23.36 13.70
N TYR A 66 1.07 23.30 14.96
CA TYR A 66 1.75 23.96 16.08
C TYR A 66 1.83 23.01 17.30
N PRO A 67 3.04 22.77 17.81
CA PRO A 67 3.10 22.02 19.05
C PRO A 67 2.59 22.89 20.22
N LEU A 68 1.78 22.26 21.06
CA LEU A 68 1.10 22.93 22.20
C LEU A 68 1.82 22.75 23.53
N ILE A 69 2.65 21.72 23.63
CA ILE A 69 3.43 21.47 24.85
C ILE A 69 4.93 21.39 24.61
N GLY A 70 5.69 21.45 25.68
CA GLY A 70 7.14 21.28 25.61
C GLY A 70 7.84 22.53 25.20
N ASN A 72 9.36 23.63 22.64
CA ASN A 72 9.06 24.16 21.31
C ASN A 72 7.68 24.83 21.12
N SER A 73 6.78 24.71 22.10
CA SER A 73 5.49 25.38 22.01
C SER A 73 5.53 26.88 22.33
N LYS A 74 6.56 27.37 23.03
CA LYS A 74 6.46 28.74 23.64
C LYS A 74 5.28 28.88 24.67
N SER A 75 4.80 27.78 25.24
CA SER A 75 3.75 27.84 26.24
C SER A 75 4.36 28.45 27.52
N THR A 76 3.56 29.23 28.25
CA THR A 76 3.89 29.52 29.66
C THR A 76 3.42 28.31 30.42
N ILE A 77 3.94 28.18 31.63
CA ILE A 77 3.71 26.99 32.44
C ILE A 77 3.42 27.32 33.91
N LYS A 78 2.40 26.66 34.42
CA LYS A 78 2.10 26.59 35.85
C LYS A 78 2.15 25.14 36.30
N SER A 79 2.68 24.92 37.51
CA SER A 79 2.67 23.60 38.16
C SER A 79 2.12 23.55 39.60
N GLY A 80 1.48 22.44 39.92
CA GLY A 80 1.15 22.09 41.28
C GLY A 80 1.85 20.77 41.54
N THR A 81 1.38 20.04 42.55
CA THR A 81 2.03 18.80 42.94
C THR A 81 1.68 17.68 41.96
N SER A 82 0.52 17.75 41.29
CA SER A 82 0.13 16.72 40.34
C SER A 82 -0.49 17.27 39.06
N THR A 83 -0.13 18.48 38.71
CA THR A 83 -0.85 19.18 37.66
C THR A 83 0.11 20.05 36.95
N LEU A 84 -0.02 20.11 35.61
CA LEU A 84 0.81 20.99 34.83
C LEU A 84 -0.10 21.73 33.85
N ILE A 85 0.05 23.02 33.72
CA ILE A 85 -0.89 23.79 32.91
C ILE A 85 -0.08 24.58 31.91
N PHE A 86 -0.30 24.29 30.63
CA PHE A 86 0.38 25.04 29.56
C PHE A 86 -0.58 26.06 28.97
N GLU A 87 -0.08 27.27 28.71
CA GLU A 87 -0.89 28.29 28.09
C GLU A 87 -0.17 29.05 27.01
N GLY A 88 -0.94 29.34 25.97
CA GLY A 88 -0.43 30.19 24.90
C GLY A 88 -1.42 30.46 23.79
N THR A 89 -0.86 30.95 22.68
CA THR A 89 -1.65 31.18 21.47
C THR A 89 -0.96 30.57 20.24
N ALA A 90 -1.78 30.04 19.35
CA ALA A 90 -1.30 29.63 18.01
C ALA A 90 -2.11 30.35 16.96
N GLU A 91 -1.46 31.23 16.21
CA GLU A 91 -2.13 32.20 15.33
C GLU A 91 -3.09 33.02 16.20
N ASP A 92 -4.38 32.97 15.91
CA ASP A 92 -5.37 33.63 16.78
C ASP A 92 -6.16 32.69 17.66
N ILE A 93 -5.67 31.45 17.85
CA ILE A 93 -6.35 30.52 18.75
C ILE A 93 -5.61 30.57 20.09
N SER A 94 -6.37 30.78 21.17
CA SER A 94 -5.84 30.69 22.52
C SER A 94 -6.01 29.29 22.96
N TYR A 95 -5.01 28.76 23.66
CA TYR A 95 -5.18 27.40 24.23
C TYR A 95 -4.74 27.27 25.66
N THR A 96 -5.29 26.27 26.31
CA THR A 96 -4.68 25.86 27.55
C THR A 96 -4.67 24.35 27.53
N VAL A 97 -3.55 23.79 27.94
CA VAL A 97 -3.44 22.35 28.05
C VAL A 97 -3.16 22.06 29.50
N THR A 98 -3.98 21.22 30.06
CA THR A 98 -3.83 20.84 31.45
C THR A 98 -3.43 19.41 31.56
N PHE A 99 -2.27 19.18 32.11
CA PHE A 99 -1.87 17.81 32.42
C PHE A 99 -2.21 17.45 33.87
N ARG A 100 -2.95 16.38 34.05
CA ARG A 100 -3.29 15.86 35.37
C ARG A 100 -2.78 14.48 35.56
N LEU A 101 -2.00 14.32 36.60
CA LEU A 101 -1.58 13.03 37.04
C LEU A 101 -2.49 12.67 38.23
N THR A 102 -3.31 11.66 38.02
CA THR A 102 -4.19 11.14 39.07
C THR A 102 -3.57 10.04 39.92
N PRO A 103 -4.29 9.66 41.01
CA PRO A 103 -3.90 8.54 41.87
C PRO A 103 -4.06 7.17 41.28
N TYR A 104 -4.73 7.04 40.14
CA TYR A 104 -5.14 5.70 39.59
C TYR A 104 -4.19 5.13 38.52
N GLY A 105 -2.96 5.61 38.46
CA GLY A 105 -2.09 5.26 37.33
C GLY A 105 -2.72 5.68 36.00
N ILE A 106 -3.40 6.83 36.04
CA ILE A 106 -4.13 7.42 34.90
C ILE A 106 -3.78 8.87 34.85
N TRP A 107 -3.54 9.35 33.63
CA TRP A 107 -3.22 10.74 33.35
C TRP A 107 -4.09 11.31 32.25
N PHE A 108 -4.16 12.62 32.22
CA PHE A 108 -4.93 13.32 31.20
C PHE A 108 -4.20 14.45 30.65
N TRP A 109 -4.38 14.68 29.34
CA TRP A 109 -4.11 16.00 28.73
C TRP A 109 -5.44 16.61 28.37
N ASP A 110 -5.84 17.60 29.15
CA ASP A 110 -7.11 18.31 28.88
C ASP A 110 -6.80 19.47 28.04
N ILE A 111 -7.42 19.50 26.87
CA ILE A 111 -7.22 20.58 25.94
C ILE A 111 -8.40 21.52 25.99
N SER A 112 -8.09 22.82 25.99
CA SER A 112 -9.08 23.88 25.82
C SER A 112 -8.62 24.88 24.82
N LEU A 113 -9.43 25.03 23.80
CA LEU A 113 -9.19 25.95 22.68
C LEU A 113 -10.26 27.05 22.59
N SER A 114 -9.81 28.27 22.40
CA SER A 114 -10.69 29.45 22.26
C SER A 114 -10.28 30.27 21.07
N GLY A 115 -11.24 30.58 20.22
CA GLY A 115 -10.98 31.49 19.12
C GLY A 115 -11.92 31.20 17.97
N ASN A 116 -11.58 31.76 16.84
CA ASN A 116 -12.40 31.63 15.65
C ASN A 116 -11.59 31.01 14.53
N CYS A 117 -12.02 29.84 14.11
CA CYS A 117 -11.43 29.27 12.94
C CYS A 117 -12.37 28.23 12.28
N ASN A 118 -12.31 28.21 10.97
CA ASN A 118 -13.14 27.34 10.14
C ASN A 118 -12.87 25.83 10.31
N LYS A 119 -11.59 25.46 10.40
CA LYS A 119 -11.22 24.01 10.41
C LYS A 119 -9.87 23.79 11.11
N ALA A 120 -9.92 22.98 12.15
CA ALA A 120 -8.74 22.64 12.96
C ALA A 120 -8.84 21.19 13.38
N ASP A 121 -7.72 20.61 13.72
CA ASP A 121 -7.74 19.32 14.45
C ASP A 121 -6.59 19.25 15.40
N ILE A 122 -6.59 18.19 16.18
CA ILE A 122 -5.50 17.94 17.06
C ILE A 122 -4.89 16.55 16.81
N ILE A 123 -3.58 16.50 16.97
CA ILE A 123 -2.85 15.26 16.94
C ILE A 123 -2.17 15.01 18.26
N TYR A 124 -2.51 13.88 18.83
CA TYR A 124 -1.86 13.39 20.02
C TYR A 124 -0.67 12.51 19.59
N SER A 125 0.49 12.72 20.23
CA SER A 125 1.73 12.03 19.90
C SER A 125 2.51 11.61 21.14
N GLN A 126 2.72 10.31 21.34
CA GLN A 126 3.33 9.81 22.56
C GLN A 126 4.22 8.60 22.34
N ASP A 127 5.52 8.75 22.60
CA ASP A 127 6.47 7.67 22.52
C ASP A 127 6.28 6.81 23.80
N ILE A 128 6.27 5.51 23.65
CA ILE A 128 5.98 4.62 24.82
C ILE A 128 6.97 3.52 24.98
N GLY A 129 7.54 3.41 26.19
CA GLY A 129 8.50 2.35 26.56
C GLY A 129 7.79 1.11 27.11
N VAL A 130 7.19 1.29 28.29
CA VAL A 130 6.42 0.25 28.95
C VAL A 130 7.33 -0.94 29.36
N GLY A 131 8.36 -0.58 30.12
CA GLY A 131 9.32 -1.55 30.66
C GLY A 131 9.92 -0.89 31.89
N THR A 132 10.75 -1.63 32.59
CA THR A 132 11.51 -1.04 33.65
C THR A 132 12.42 0.03 33.05
N LYS A 133 12.85 0.94 33.91
CA LYS A 133 13.82 1.96 33.54
C LYS A 133 15.07 1.38 32.86
N GLY A 134 15.65 0.32 33.43
CA GLY A 134 16.84 -0.30 32.88
C GLY A 134 16.57 -0.93 31.53
N SER A 135 15.41 -1.52 31.37
CA SER A 135 15.00 -2.07 30.06
C SER A 135 14.92 -1.01 28.97
N VAL A 136 14.25 0.09 29.28
CA VAL A 136 14.14 1.20 28.35
C VAL A 136 15.49 1.77 27.96
N ASN A 137 16.26 2.21 28.90
CA ASN A 137 17.63 2.74 28.66
C ASN A 137 18.58 1.77 27.91
N SER A 138 18.46 0.48 28.18
CA SER A 138 19.35 -0.53 27.62
C SER A 138 19.20 -0.59 26.12
N ASN A 139 17.95 -0.65 25.66
CA ASN A 139 17.68 -0.71 24.26
C ASN A 139 16.19 -0.49 23.97
N GLU A 140 15.85 0.73 23.57
CA GLU A 140 14.47 1.10 23.32
C GLU A 140 13.84 0.27 22.21
N LEU A 141 14.67 -0.04 21.18
CA LEU A 141 14.26 -0.74 19.99
C LEU A 141 13.82 -2.16 20.31
N TYR A 142 14.62 -2.83 21.09
CA TYR A 142 14.40 -4.17 21.52
C TYR A 142 13.06 -4.22 22.33
N LEU A 143 12.92 -3.28 23.27
CA LEU A 143 11.75 -3.26 24.16
C LEU A 143 10.47 -3.12 23.38
N ALA A 144 10.50 -2.20 22.43
CA ALA A 144 9.34 -1.96 21.50
C ALA A 144 8.90 -3.16 20.66
N GLN A 145 9.87 -4.00 20.30
CA GLN A 145 9.61 -5.22 19.57
C GLN A 145 8.71 -6.17 20.28
N TYR A 146 8.63 -6.03 21.58
CA TYR A 146 7.79 -6.94 22.39
C TYR A 146 6.51 -6.30 22.94
N LEU A 147 6.26 -5.06 22.55
CA LEU A 147 5.12 -4.30 23.01
C LEU A 147 4.03 -4.43 21.95
N GLY A 148 3.08 -5.33 22.20
CA GLY A 148 2.02 -5.64 21.25
C GLY A 148 0.82 -4.73 21.45
N HIS A 149 0.42 -4.05 20.36
CA HIS A 149 -0.67 -3.09 20.33
C HIS A 149 -1.96 -3.74 19.77
N SER A 150 -3.08 -3.45 20.44
CA SER A 150 -4.40 -3.88 20.03
C SER A 150 -5.28 -2.64 19.92
N ILE A 151 -6.11 -2.63 18.88
CA ILE A 151 -6.81 -1.40 18.49
C ILE A 151 -8.33 -1.61 18.53
N PHE A 152 -8.99 -0.67 19.20
CA PHE A 152 -10.41 -0.76 19.39
C PHE A 152 -11.00 0.60 19.15
N GLN A 153 -12.30 0.53 18.83
CA GLN A 153 -13.23 1.65 18.84
C GLN A 153 -13.94 1.71 20.20
N GLY A 154 -13.77 2.80 20.90
CA GLY A 154 -14.49 3.04 22.15
C GLY A 154 -15.60 4.01 21.89
N ASP A 155 -16.00 4.76 22.90
CA ASP A 155 -17.03 5.80 22.70
C ASP A 155 -16.50 7.01 21.93
N TYR A 156 -15.18 7.21 21.90
CA TYR A 156 -14.60 8.36 21.21
C TYR A 156 -13.52 7.99 20.14
N GLY A 157 -13.90 7.04 19.33
CA GLY A 157 -13.10 6.52 18.29
C GLY A 157 -12.00 5.59 18.79
N TYR A 158 -10.82 5.71 18.18
CA TYR A 158 -9.75 4.75 18.44
C TYR A 158 -9.17 4.84 19.83
N VAL A 159 -8.91 3.65 20.37
CA VAL A 159 -8.21 3.54 21.61
C VAL A 159 -7.14 2.45 21.46
N ILE A 160 -5.97 2.77 21.97
CA ILE A 160 -4.77 1.97 21.76
C ILE A 160 -4.44 1.32 23.08
N CYS A 161 -4.43 0.00 23.05
CA CYS A 161 -4.08 -0.79 24.18
C CYS A 161 -2.81 -1.56 23.86
N SER A 162 -1.85 -1.47 24.76
CA SER A 162 -0.57 -2.14 24.56
C SER A 162 -0.17 -3.02 25.76
N ARG A 163 0.28 -4.21 25.45
CA ARG A 163 0.85 -5.14 26.43
C ARG A 163 2.32 -5.44 26.14
N GLN A 164 3.14 -5.20 27.15
CA GLN A 164 4.52 -5.55 27.07
C GLN A 164 4.62 -7.08 27.34
N ASN A 165 5.09 -7.80 26.32
CA ASN A 165 5.15 -9.26 26.39
C ASN A 165 6.43 -9.84 26.92
N ALA A 167 8.87 -10.02 29.84
CA ALA A 167 8.68 -9.87 31.29
C ALA A 167 9.58 -8.76 31.84
N GLN A 168 9.01 -7.94 32.72
CA GLN A 168 9.67 -6.80 33.29
C GLN A 168 9.61 -7.01 34.81
N GLY A 169 10.74 -7.42 35.36
CA GLY A 169 10.71 -8.21 36.59
C GLY A 169 9.98 -9.50 36.20
N ASP A 170 8.84 -9.73 36.86
CA ASP A 170 7.93 -10.82 36.48
C ASP A 170 6.59 -10.32 35.95
N LEU A 171 6.56 -9.03 35.67
CA LEU A 171 5.36 -8.31 35.33
C LEU A 171 5.28 -8.09 33.83
N PHE A 172 4.06 -8.06 33.33
CA PHE A 172 3.75 -7.80 31.91
C PHE A 172 2.95 -6.50 31.81
N PRO A 173 3.62 -5.35 31.74
CA PRO A 173 2.91 -4.10 31.92
C PRO A 173 2.08 -3.72 30.71
N TYR A 174 1.25 -2.71 30.90
CA TYR A 174 0.17 -2.40 29.95
C TYR A 174 -0.08 -0.91 29.85
N LEU A 175 -0.55 -0.48 28.69
CA LEU A 175 -0.96 0.92 28.50
C LEU A 175 -2.24 0.98 27.71
N GLN A 176 -3.01 2.04 27.97
CA GLN A 176 -4.20 2.35 27.22
C GLN A 176 -4.16 3.82 26.96
N GLN A 177 -4.47 4.21 25.73
CA GLN A 177 -4.46 5.62 25.37
C GLN A 177 -5.65 5.89 24.49
N GLY A 178 -6.31 7.01 24.75
CA GLY A 178 -7.44 7.38 23.89
C GLY A 178 -7.86 8.78 24.14
N SER A 179 -9.05 9.07 23.69
CA SER A 179 -9.59 10.44 23.77
C SER A 179 -10.94 10.43 24.42
N LEU A 180 -11.27 11.60 24.98
CA LEU A 180 -12.57 11.86 25.67
C LEU A 180 -13.14 13.19 25.26
N GLY A 181 -14.41 13.17 24.89
CA GLY A 181 -15.14 14.36 24.45
C GLY A 181 -14.84 14.76 23.00
N ILE A 182 -14.06 13.95 22.30
CA ILE A 182 -13.78 14.13 20.88
C ILE A 182 -13.38 12.80 20.26
N ARG A 183 -13.86 12.54 19.04
CA ARG A 183 -13.56 11.31 18.29
C ARG A 183 -12.11 11.30 17.74
N SER A 184 -11.39 10.24 18.07
CA SER A 184 -10.11 9.94 17.46
C SER A 184 -10.39 9.15 16.21
N ILE A 185 -10.21 9.79 15.07
CA ILE A 185 -10.68 9.22 13.79
C ILE A 185 -9.59 8.45 13.07
N ALA A 186 -8.37 8.54 13.59
CA ALA A 186 -7.26 7.85 12.98
C ALA A 186 -6.17 7.71 14.02
N TYR A 187 -5.28 6.78 13.74
CA TYR A 187 -4.25 6.40 14.68
C TYR A 187 -2.96 5.91 13.96
N SER A 188 -1.85 5.87 14.69
CA SER A 188 -0.64 5.14 14.26
C SER A 188 0.08 4.68 15.50
N THR A 189 0.92 3.68 15.34
CA THR A 189 1.57 3.03 16.49
C THR A 189 3.11 2.96 16.47
N ASP A 190 3.73 3.37 15.36
CA ASP A 190 5.18 3.39 15.23
C ASP A 190 5.69 4.75 14.81
N GLY A 191 6.88 5.10 15.35
CA GLY A 191 7.55 6.38 15.09
C GLY A 191 7.79 6.62 13.58
N THR A 192 8.05 5.52 12.87
CA THR A 192 8.31 5.61 11.40
C THR A 192 7.07 6.04 10.69
N GLN A 193 5.92 5.71 11.23
CA GLN A 193 4.63 6.22 10.66
C GLN A 193 4.32 7.66 10.96
N PHE A 194 4.76 8.15 12.11
CA PHE A 194 4.44 9.47 12.54
C PHE A 194 5.46 10.47 12.03
N PHE A 195 6.72 10.25 12.35
CA PHE A 195 7.77 11.17 11.89
C PHE A 195 8.15 10.97 10.42
N GLY A 196 8.17 9.70 9.99
CA GLY A 196 8.62 9.32 8.65
C GLY A 196 10.11 9.44 8.47
N LEU A 197 10.59 8.87 7.37
CA LEU A 197 12.00 8.92 7.06
C LEU A 197 12.42 10.34 6.65
N SER A 198 11.48 11.10 6.15
CA SER A 198 11.76 12.45 5.69
C SER A 198 12.18 13.37 6.80
N TYR A 199 11.78 13.03 8.04
CA TYR A 199 12.18 13.79 9.22
C TYR A 199 13.71 13.97 9.37
N LYS A 200 14.44 12.91 9.03
CA LYS A 200 15.86 12.91 9.10
C LYS A 200 16.43 14.07 8.25
N LYS A 201 15.67 14.58 7.27
CA LYS A 201 16.07 15.85 6.61
C LYS A 201 15.30 17.11 7.03
N THR A 202 14.00 17.03 7.01
CA THR A 202 13.12 18.16 7.19
C THR A 202 12.96 18.62 8.63
N ASN A 203 13.20 17.72 9.59
CA ASN A 203 12.94 17.95 11.01
C ASN A 203 11.46 18.21 11.33
N ILE A 204 10.56 17.84 10.41
CA ILE A 204 9.16 17.99 10.61
C ILE A 204 8.51 16.59 10.52
N PRO A 205 7.70 16.21 11.53
CA PRO A 205 7.01 14.96 11.48
C PRO A 205 6.07 14.89 10.26
N GLU A 206 6.36 13.92 9.39
CA GLU A 206 5.66 13.76 8.13
C GLU A 206 4.16 13.67 8.24
N ALA A 207 3.66 12.98 9.27
CA ALA A 207 2.21 12.83 9.46
C ALA A 207 1.52 14.18 9.66
N LEU A 208 2.24 15.22 10.03
CA LEU A 208 1.61 16.51 10.27
C LEU A 208 0.99 17.11 9.02
N TYR A 209 1.42 16.67 7.84
CA TYR A 209 0.89 17.15 6.55
C TYR A 209 -0.32 16.38 6.07
N GLY A 210 -0.70 15.31 6.75
CA GLY A 210 -1.91 14.58 6.34
C GLY A 210 -2.61 13.80 7.42
N ASP A 211 -3.23 12.72 7.02
CA ASP A 211 -4.00 11.90 7.93
C ASP A 211 -3.14 10.78 8.44
N LEU A 212 -3.30 10.42 9.70
CA LEU A 212 -2.59 9.16 10.20
C LEU A 212 -3.04 7.92 9.44
N PRO A 213 -2.16 6.92 9.22
CA PRO A 213 -2.55 5.78 8.42
C PRO A 213 -3.59 4.82 8.98
N SER A 214 -3.79 4.81 10.28
CA SER A 214 -4.70 3.89 10.88
C SER A 214 -4.33 2.44 10.60
N LYS A 215 -3.08 2.13 10.88
CA LYS A 215 -2.53 0.80 10.86
C LYS A 215 -1.57 0.64 12.03
N ASN A 216 -1.57 -0.54 12.58
CA ASN A 216 -0.66 -0.84 13.61
C ASN A 216 0.57 -1.41 12.92
N LYS A 217 1.65 -0.65 12.92
CA LYS A 217 2.94 -1.16 12.51
C LYS A 217 3.80 -1.56 13.71
N GLN A 218 4.10 -2.84 13.88
CA GLN A 218 4.89 -3.29 15.02
C GLN A 218 6.35 -3.25 14.61
N TYR A 219 7.04 -2.24 15.09
CA TYR A 219 8.40 -2.02 14.72
C TYR A 219 9.10 -1.58 15.99
N GLU A 220 10.08 -0.71 15.89
CA GLU A 220 11.03 -0.46 16.99
C GLU A 220 10.89 0.91 17.65
N LEU A 221 9.99 1.73 17.10
CA LEU A 221 9.70 3.04 17.68
C LEU A 221 8.26 3.07 18.17
N ALA A 222 8.00 2.42 19.31
CA ALA A 222 6.63 2.35 19.87
C ALA A 222 6.16 3.78 20.09
N HIS A 223 5.21 4.20 19.28
CA HIS A 223 4.86 5.62 19.24
C HIS A 223 3.42 5.81 18.87
N THR A 224 2.62 6.19 19.87
CA THR A 224 1.18 6.27 19.68
C THR A 224 0.79 7.64 19.14
N ALA A 225 -0.01 7.64 18.11
CA ALA A 225 -0.58 8.88 17.72
C ALA A 225 -2.05 8.72 17.41
N LEU A 226 -2.78 9.79 17.64
CA LEU A 226 -4.18 9.80 17.48
C LEU A 226 -4.53 11.14 16.91
N GLN A 227 -5.43 11.12 15.93
CA GLN A 227 -5.90 12.29 15.20
C GLN A 227 -7.37 12.54 15.47
N THR A 228 -7.70 13.74 15.90
CA THR A 228 -9.14 14.04 16.18
C THR A 228 -9.85 14.29 14.89
N GLU A 229 -11.16 14.14 14.96
CA GLU A 229 -12.03 14.70 13.99
C GLU A 229 -11.71 16.19 13.87
N ALA A 230 -11.87 16.69 12.66
CA ALA A 230 -11.75 18.14 12.44
C ALA A 230 -13.00 18.89 12.95
N PHE A 231 -12.79 20.13 13.32
CA PHE A 231 -13.86 20.89 14.00
C PHE A 231 -13.66 22.33 13.71
N SER A 232 -14.76 23.03 13.84
CA SER A 232 -14.79 24.48 13.85
C SER A 232 -14.62 25.10 15.25
N LEU A 233 -14.08 26.33 15.30
CA LEU A 233 -14.06 27.11 16.56
C LEU A 233 -14.72 28.48 16.34
N SER A 234 -15.70 28.78 17.18
CA SER A 234 -16.11 30.19 17.41
C SER A 234 -16.59 30.36 18.85
N GLY A 235 -15.62 30.66 19.73
CA GLY A 235 -15.79 30.45 21.16
C GLY A 235 -14.81 29.39 21.63
N THR A 236 -15.28 28.47 22.47
CA THR A 236 -14.41 27.64 23.29
C THR A 236 -14.79 26.18 23.15
N LYS A 237 -13.79 25.34 22.93
CA LYS A 237 -14.03 23.89 22.85
C LYS A 237 -13.03 23.14 23.72
N GLN A 238 -13.47 22.06 24.31
CA GLN A 238 -12.65 21.36 25.27
C GLN A 238 -12.83 19.89 25.14
N PHE A 239 -11.74 19.17 25.37
CA PHE A 239 -11.71 17.70 25.24
C PHE A 239 -10.37 17.18 25.76
N SER A 240 -10.30 15.87 25.93
CA SER A 240 -9.12 15.28 26.52
C SER A 240 -8.53 14.12 25.74
N PHE A 241 -7.21 13.92 25.93
CA PHE A 241 -6.57 12.60 25.80
C PHE A 241 -6.20 12.04 27.17
N TYR A 242 -6.19 10.73 27.23
CA TYR A 242 -5.80 10.05 28.42
C TYR A 242 -4.84 8.87 28.21
N GLY A 243 -4.16 8.52 29.28
CA GLY A 243 -3.46 7.25 29.38
C GLY A 243 -3.73 6.52 30.69
N ILE A 244 -3.61 5.20 30.62
CA ILE A 244 -3.71 4.31 31.75
C ILE A 244 -2.50 3.41 31.72
N CYS A 245 -1.83 3.27 32.87
CA CYS A 245 -0.78 2.27 33.02
C CYS A 245 -1.19 1.21 34.03
N LYS A 246 -1.13 -0.05 33.64
CA LYS A 246 -1.17 -1.19 34.61
C LYS A 246 0.16 -1.89 34.59
N THR A 247 0.78 -2.01 35.75
CA THR A 247 2.06 -2.67 35.81
C THR A 247 2.01 -4.18 35.56
N ASN A 248 0.82 -4.79 35.64
CA ASN A 248 0.76 -6.23 35.36
C ASN A 248 -0.57 -6.63 34.80
N HIS A 249 -0.52 -7.13 33.57
CA HIS A 249 -1.68 -7.46 32.76
C HIS A 249 -1.33 -8.79 32.15
N PRO A 250 -1.34 -9.86 32.98
CA PRO A 250 -0.91 -11.19 32.52
C PRO A 250 -1.73 -11.78 31.35
N GLU A 251 -2.98 -11.35 31.20
CA GLU A 251 -3.81 -11.82 30.08
C GLU A 251 -3.48 -11.03 28.84
N VAL A 252 -3.82 -11.63 27.72
CA VAL A 252 -3.76 -10.97 26.45
C VAL A 252 -4.90 -9.97 26.40
N ILE A 253 -4.75 -8.97 25.54
CA ILE A 253 -5.71 -7.87 25.43
C ILE A 253 -6.81 -8.32 24.48
N ARG A 254 -8.06 -8.19 24.92
CA ARG A 254 -9.24 -8.63 24.14
C ARG A 254 -10.30 -7.58 23.92
N GLU A 255 -10.27 -6.57 24.76
CA GLU A 255 -11.23 -5.48 24.71
C GLU A 255 -10.70 -4.30 25.52
N ILE A 256 -11.40 -3.18 25.41
CA ILE A 256 -11.09 -2.00 26.18
C ILE A 256 -11.45 -2.30 27.67
N GLU A 257 -10.53 -1.99 28.57
CA GLU A 257 -10.71 -2.27 29.98
C GLU A 257 -10.66 -1.01 30.80
N TYR A 258 -11.00 -1.16 32.08
CA TYR A 258 -10.91 -0.07 33.06
C TYR A 258 -11.78 1.14 32.75
N ILE A 259 -12.92 0.87 32.12
CA ILE A 259 -13.88 1.92 31.75
C ILE A 259 -14.36 2.71 32.98
N GLN A 260 -14.82 2.02 34.01
CA GLN A 260 -15.28 2.69 35.26
C GLN A 260 -14.13 3.42 35.96
N GLU A 261 -12.94 2.81 35.99
CA GLU A 261 -11.81 3.47 36.66
C GLU A 261 -11.43 4.78 35.97
N LEU A 262 -11.51 4.78 34.62
CA LEU A 262 -11.16 5.95 33.81
C LEU A 262 -12.14 7.11 34.07
N GLU A 263 -13.44 6.79 33.98
CA GLU A 263 -14.53 7.75 34.36
C GLU A 263 -14.27 8.35 35.77
N LYS A 264 -13.90 7.51 36.71
CA LYS A 264 -13.57 7.98 38.05
C LYS A 264 -12.40 8.94 38.04
N ALA A 265 -11.30 8.50 37.43
CA ALA A 265 -10.05 9.32 37.34
C ALA A 265 -10.28 10.63 36.61
N TYR A 266 -11.13 10.60 35.60
CA TYR A 266 -11.43 11.78 34.84
C TYR A 266 -11.94 12.95 35.69
N ALA A 267 -12.65 12.61 36.76
CA ALA A 267 -13.22 13.58 37.73
C ALA A 267 -12.21 14.10 38.74
N TYR A 268 -10.99 13.57 38.72
CA TYR A 268 -9.93 13.98 39.66
C TYR A 268 -9.28 15.33 39.36
N HIS A 269 -9.15 16.17 40.40
CA HIS A 269 -8.44 17.45 40.31
C HIS A 269 -7.74 17.72 41.63
N GLU A 270 -6.57 18.33 41.54
CA GLU A 270 -5.74 18.55 42.69
C GLU A 270 -6.31 19.77 43.43
N SER A 271 -6.44 19.69 44.76
CA SER A 271 -6.89 20.84 45.60
C SER A 271 -5.91 22.03 45.61
N GLY A 272 -4.62 21.78 45.65
CA GLY A 272 -3.60 22.85 45.79
C GLY A 272 -3.59 24.01 44.80
N GLU A 273 -2.80 25.04 45.10
CA GLU A 273 -2.58 26.12 44.15
C GLU A 273 -1.70 25.60 43.01
N ILE A 274 -1.89 26.19 41.84
CA ILE A 274 -1.15 25.86 40.63
C ILE A 274 -0.46 27.17 40.16
N LEU A 275 0.85 27.23 40.38
CA LEU A 275 1.58 28.49 40.30
C LEU A 275 2.58 28.55 39.16
N PRO A 276 2.75 29.75 38.57
CA PRO A 276 3.71 29.92 37.50
C PRO A 276 5.11 29.40 37.84
N VAL A 277 5.78 28.84 36.83
CA VAL A 277 7.24 28.58 36.90
C VAL A 277 7.99 29.31 35.77
N ASN A 278 9.25 29.63 35.99
CA ASN A 278 10.07 30.23 34.94
C ASN A 278 10.41 29.18 33.85
N VAL A 279 10.19 29.58 32.60
CA VAL A 279 10.53 28.76 31.42
C VAL A 279 11.72 29.39 30.70
N PRO A 280 12.91 28.77 30.80
CA PRO A 280 14.05 29.20 29.97
C PRO A 280 13.71 28.90 28.49
N THR A 281 14.13 29.77 27.59
CA THR A 281 13.76 29.80 26.17
C THR A 281 15.04 29.92 25.32
N LEU A 282 15.02 29.21 24.20
CA LEU A 282 16.17 29.19 23.30
C LEU A 282 16.40 30.57 22.70
N GLN A 283 17.63 30.96 22.63
CA GLN A 283 18.00 32.27 22.08
C GLN A 283 18.87 32.10 20.84
N ASN A 284 18.38 32.61 19.71
CA ASN A 284 19.09 32.57 18.44
C ASN A 284 19.48 31.10 18.09
N ILE A 285 18.58 30.16 18.38
CA ILE A 285 18.71 28.77 17.97
C ILE A 285 17.63 28.57 16.94
N GLY A 286 18.06 28.31 15.72
CA GLY A 286 17.14 28.01 14.62
C GLY A 286 16.74 26.51 14.57
N ALA A 287 16.00 26.20 13.52
CA ALA A 287 15.77 24.82 13.16
C ALA A 287 17.08 24.19 12.69
N PRO A 288 17.13 22.85 12.75
CA PRO A 288 18.36 22.19 12.30
C PRO A 288 18.68 22.49 10.85
N TYR A 289 19.95 22.37 10.49
CA TYR A 289 20.41 22.57 9.08
C TYR A 289 20.76 21.26 8.41
N ALA A 290 19.99 20.94 7.40
CA ALA A 290 20.34 19.78 6.56
C ALA A 290 20.91 20.32 5.27
N SER A 291 21.88 19.63 4.71
CA SER A 291 22.49 20.00 3.47
C SER A 291 21.48 19.94 2.37
N SER A 292 21.70 20.76 1.35
CA SER A 292 21.00 20.57 0.06
C SER A 292 21.64 19.32 -0.55
N ARG A 293 20.92 18.69 -1.44
CA ARG A 293 21.43 17.51 -2.12
C ARG A 293 22.40 17.84 -3.25
N TRP A 294 23.33 16.95 -3.49
CA TRP A 294 24.27 17.14 -4.56
C TRP A 294 23.70 16.64 -5.89
N ASP A 295 23.95 17.38 -6.97
CA ASP A 295 23.64 16.90 -8.35
C ASP A 295 24.82 16.12 -8.89
N ALA A 296 24.66 15.60 -10.10
CA ALA A 296 25.68 14.69 -10.70
C ALA A 296 27.04 15.38 -10.87
N LYS A 297 27.02 16.65 -11.28
CA LYS A 297 28.27 17.44 -11.46
C LYS A 297 28.98 17.53 -10.14
N GLN A 298 28.22 17.78 -9.07
CA GLN A 298 28.87 17.90 -7.73
C GLN A 298 29.48 16.56 -7.26
N VAL A 299 28.68 15.49 -7.40
CA VAL A 299 29.15 14.16 -7.03
C VAL A 299 30.43 13.80 -7.79
N GLU A 300 30.40 14.02 -9.09
CA GLU A 300 31.53 13.75 -10.00
C GLU A 300 32.81 14.52 -9.60
N HIS A 301 32.62 15.77 -9.18
CA HIS A 301 33.72 16.62 -8.76
C HIS A 301 34.41 16.13 -7.48
N TYR A 302 33.62 15.78 -6.48
CA TYR A 302 34.18 15.31 -5.22
C TYR A 302 34.54 13.84 -5.23
N PHE A 303 33.86 13.06 -6.08
CA PHE A 303 34.12 11.61 -6.15
C PHE A 303 34.27 11.16 -7.60
N PRO A 304 35.39 11.54 -8.26
CA PRO A 304 35.55 11.21 -9.70
C PRO A 304 35.71 9.74 -10.00
N LYS A 305 36.09 8.95 -9.00
CA LYS A 305 36.34 7.52 -9.17
C LYS A 305 35.38 6.72 -8.29
N ARG A 306 34.40 6.10 -8.95
CA ARG A 306 33.31 5.44 -8.27
C ARG A 306 33.19 3.99 -8.72
N LEU A 307 32.96 3.10 -7.75
CA LEU A 307 32.81 1.66 -7.99
C LEU A 307 31.46 1.18 -7.45
N LEU A 308 30.91 0.15 -8.11
CA LEU A 308 29.72 -0.57 -7.60
C LEU A 308 28.60 0.44 -7.31
N GLU A 309 28.37 1.37 -8.24
CA GLU A 309 27.34 2.38 -8.10
C GLU A 309 25.91 1.79 -7.99
N GLU A 310 25.19 2.24 -6.98
CA GLU A 310 23.84 1.89 -6.76
C GLU A 310 22.98 3.06 -7.16
N LYS A 311 22.16 2.87 -8.17
CA LYS A 311 21.23 3.89 -8.58
C LYS A 311 19.81 3.40 -8.51
N GLU A 312 18.89 4.27 -8.13
CA GLU A 312 17.44 4.00 -8.20
C GLU A 312 16.82 5.20 -8.87
N GLU A 313 16.02 4.94 -9.89
CA GLU A 313 15.39 5.97 -10.69
C GLU A 313 16.44 6.97 -11.18
N GLU A 314 17.61 6.45 -11.55
CA GLU A 314 18.73 7.27 -12.07
C GLU A 314 19.39 8.22 -11.05
N ALA A 315 18.90 8.25 -9.81
CA ALA A 315 19.59 8.92 -8.69
C ALA A 315 20.67 7.99 -8.12
N LEU A 316 21.88 8.52 -8.02
CA LEU A 316 22.94 7.80 -7.35
C LEU A 316 22.70 7.75 -5.82
N LEU A 317 22.62 6.54 -5.26
CA LEU A 317 22.42 6.38 -3.86
C LEU A 317 23.68 6.14 -3.07
N SER A 318 24.55 5.32 -3.63
CA SER A 318 25.72 4.95 -2.90
C SER A 318 26.75 4.39 -3.86
N PHE A 319 27.99 4.33 -3.38
CA PHE A 319 29.06 3.75 -4.15
C PHE A 319 30.26 3.51 -3.26
N PHE A 320 31.22 2.81 -3.81
CA PHE A 320 32.49 2.59 -3.17
C PHE A 320 33.60 3.26 -4.01
N THR A 321 34.72 3.46 -3.36
CA THR A 321 35.91 4.09 -3.95
C THR A 321 37.15 3.15 -3.97
N PRO A 322 38.12 3.42 -4.86
CA PRO A 322 39.43 2.70 -4.89
C PRO A 322 40.20 2.81 -3.57
N GLU A 323 39.95 3.86 -2.83
CA GLU A 323 40.53 4.03 -1.48
C GLU A 323 39.85 3.15 -0.41
N LYS A 324 38.90 2.29 -0.82
CA LYS A 324 38.18 1.37 0.08
C LYS A 324 37.19 2.08 1.02
N SER A 325 36.68 3.24 0.59
CA SER A 325 35.64 3.92 1.27
C SER A 325 34.28 3.53 0.67
N HIS A 326 33.26 3.75 1.45
CA HIS A 326 31.91 3.66 0.98
C HIS A 326 31.25 5.01 1.18
N VAL A 327 30.61 5.47 0.13
CA VAL A 327 29.99 6.77 0.15
C VAL A 327 28.46 6.62 -0.03
N VAL A 328 27.75 7.35 0.83
CA VAL A 328 26.32 7.38 0.83
C VAL A 328 25.87 8.79 0.47
N LEU A 329 24.94 8.90 -0.46
CA LEU A 329 24.37 10.18 -0.78
C LEU A 329 23.07 10.35 -0.02
N GLN A 330 22.72 11.61 0.19
CA GLN A 330 21.59 12.02 1.07
C GLN A 330 20.31 11.24 0.82
N ASP A 331 19.92 11.09 -0.46
CA ASP A 331 18.71 10.39 -0.87
C ASP A 331 18.64 9.01 -0.33
N LYS A 332 19.77 8.30 -0.22
CA LYS A 332 19.67 6.93 0.32
C LYS A 332 19.21 6.91 1.77
N GLU A 333 19.77 7.82 2.56
CA GLU A 333 19.42 7.85 3.98
C GLU A 333 17.90 8.08 4.15
N LEU A 334 17.34 8.86 3.24
CA LEU A 334 15.90 9.13 3.28
C LEU A 334 15.04 7.96 2.85
N THR A 335 15.66 6.89 2.36
CA THR A 335 14.92 5.68 2.00
C THR A 335 15.18 4.52 2.91
N THR A 336 16.25 4.60 3.70
CA THR A 336 16.59 3.48 4.59
C THR A 336 15.99 3.71 5.99
N GLU A 337 15.22 2.72 6.45
CA GLU A 337 14.54 2.75 7.74
C GLU A 337 15.49 2.81 8.88
N ARG A 338 16.65 2.15 8.71
CA ARG A 338 17.69 2.17 9.70
C ARG A 338 18.75 3.24 9.33
N PRO A 339 19.28 3.97 10.30
CA PRO A 339 20.21 5.10 9.90
C PRO A 339 21.63 4.64 9.57
N HIS A 340 22.20 5.21 8.52
CA HIS A 340 23.53 4.82 8.12
C HIS A 340 24.44 5.24 9.23
N GLY A 341 25.36 4.36 9.57
CA GLY A 341 26.29 4.54 10.66
C GLY A 341 27.51 3.66 10.62
N HIS A 342 28.37 3.87 11.62
CA HIS A 342 29.70 3.44 11.59
C HIS A 342 30.31 3.44 12.97
N ILE A 343 31.23 2.50 13.19
CA ILE A 343 31.99 2.37 14.42
C ILE A 343 33.47 2.40 14.08
N LEU A 344 34.15 3.34 14.73
CA LEU A 344 35.59 3.51 14.74
C LEU A 344 36.18 2.77 15.91
N THR A 346 40.33 1.66 17.49
CA THR A 346 41.76 1.83 17.37
C THR A 346 42.40 0.43 17.20
N ASN A 347 43.52 0.43 16.53
CA ASN A 347 44.27 -0.79 16.28
C ASN A 347 44.86 -1.35 17.55
N PHE A 348 45.17 -2.64 17.52
CA PHE A 348 45.76 -3.29 18.69
C PHE A 348 46.71 -4.42 18.21
N ASP A 349 47.47 -4.95 19.16
CA ASP A 349 48.41 -6.03 18.93
C ASP A 349 47.59 -7.28 18.67
N VAL A 350 47.68 -7.76 17.45
CA VAL A 350 46.85 -8.87 16.95
C VAL A 350 47.37 -10.24 17.34
N THR A 351 48.31 -10.30 18.30
CA THR A 351 48.76 -11.57 18.91
C THR A 351 48.18 -11.77 20.30
N LYS A 352 47.40 -10.80 20.80
CA LYS A 352 46.85 -10.85 22.21
C LYS A 352 45.44 -10.26 22.33
N VAL A 353 44.66 -10.78 23.24
CA VAL A 353 43.34 -10.26 23.57
C VAL A 353 43.60 -8.85 24.08
N PRO A 354 43.13 -7.84 23.35
CA PRO A 354 43.42 -6.47 23.70
C PRO A 354 42.57 -5.98 24.85
N GLN A 355 43.07 -4.94 25.48
CA GLN A 355 42.39 -4.24 26.54
C GLN A 355 42.51 -2.78 26.18
N GLY A 356 41.56 -2.00 26.65
CA GLY A 356 41.61 -0.57 26.53
C GLY A 356 41.49 -0.09 25.13
N VAL A 357 40.81 -0.86 24.27
CA VAL A 357 40.62 -0.42 22.88
C VAL A 357 39.66 0.79 22.88
N VAL A 358 39.99 1.80 22.09
CA VAL A 358 39.19 2.98 21.95
C VAL A 358 38.19 2.81 20.84
N SER A 359 36.96 3.21 21.10
CA SER A 359 35.90 3.07 20.12
C SER A 359 34.96 4.31 20.12
N SER A 360 34.40 4.60 18.97
CA SER A 360 33.43 5.70 18.81
C SER A 360 32.45 5.26 17.78
N THR A 361 31.22 5.74 17.88
CA THR A 361 30.17 5.47 16.93
C THR A 361 29.71 6.77 16.30
N ASN A 362 29.29 6.70 15.05
CA ASN A 362 28.78 7.88 14.37
C ASN A 362 27.72 7.51 13.42
N TYR A 363 26.92 8.49 13.03
CA TYR A 363 25.87 8.33 12.06
C TYR A 363 25.80 9.47 11.07
N TYR A 365 23.34 11.30 9.94
CA TYR A 365 22.53 12.54 10.25
C TYR A 365 23.11 13.43 11.38
N GLY A 366 24.43 13.63 11.32
CA GLY A 366 25.19 14.52 12.22
C GLY A 366 25.34 14.12 13.66
N ALA A 367 25.44 12.80 13.91
CA ALA A 367 25.90 12.31 15.17
C ALA A 367 27.33 11.98 14.90
N PHE A 368 28.19 12.95 15.19
CA PHE A 368 29.64 12.82 14.95
C PHE A 368 30.41 11.89 15.82
N ASN A 369 29.94 11.67 17.03
CA ASN A 369 30.71 10.87 17.98
C ASN A 369 29.85 10.52 19.19
N CYS A 370 29.39 9.27 19.23
CA CYS A 370 28.62 8.71 20.31
C CYS A 370 29.38 7.61 20.97
N GLN A 371 29.14 7.40 22.25
CA GLN A 371 29.72 6.23 22.88
C GLN A 371 31.21 6.12 22.64
N PHE A 372 31.91 7.23 22.93
CA PHE A 372 33.36 7.21 23.04
C PHE A 372 33.76 6.45 24.29
N VAL A 373 34.54 5.41 24.07
CA VAL A 373 34.87 4.46 25.12
C VAL A 373 36.36 4.10 25.07
N VAL A 374 36.94 3.78 26.23
CA VAL A 374 38.26 3.18 26.32
C VAL A 374 38.16 1.86 27.09
N GLY A 375 38.26 0.75 26.36
CA GLY A 375 37.99 -0.59 26.93
C GLY A 375 36.46 -0.72 27.05
N ASN A 376 35.98 -1.10 28.22
CA ASN A 376 34.62 -1.49 28.42
C ASN A 376 33.64 -0.51 27.72
N THR A 377 32.85 -1.04 26.79
CA THR A 377 31.94 -0.26 25.99
C THR A 377 30.70 0.23 26.72
N THR A 378 30.45 -0.34 27.89
CA THR A 378 29.34 0.11 28.73
C THR A 378 29.77 1.13 29.75
N TYR A 379 30.82 0.81 30.51
CA TYR A 379 31.23 1.60 31.65
C TYR A 379 32.33 2.61 31.40
N ASN A 380 33.30 2.30 30.56
CA ASN A 380 34.46 3.21 30.36
C ASN A 380 34.22 4.25 29.26
N LYS A 381 33.22 5.08 29.47
CA LYS A 381 32.60 5.89 28.46
C LYS A 381 32.63 7.36 28.77
N LEU A 382 32.84 8.13 27.72
CA LEU A 382 32.88 9.58 27.82
C LEU A 382 31.61 10.26 27.30
N LEU A 383 31.17 9.79 26.17
CA LEU A 383 30.02 10.34 25.47
C LEU A 383 28.84 9.39 25.43
N SER A 384 27.65 9.93 25.53
CA SER A 384 26.45 9.10 25.61
C SER A 384 26.19 8.34 24.34
N ASN A 385 25.42 7.27 24.49
CA ASN A 385 24.98 6.44 23.38
C ASN A 385 23.98 7.10 22.42
N HIS A 386 24.10 6.73 21.15
CA HIS A 386 23.05 6.92 20.19
C HIS A 386 21.83 6.12 20.60
N ARG A 387 20.64 6.70 20.39
CA ARG A 387 19.40 6.02 20.67
C ARG A 387 18.48 6.27 19.47
N GLY A 388 17.52 5.39 19.29
CA GLY A 388 16.49 5.54 18.30
C GLY A 388 16.92 5.31 16.87
N LEU A 389 16.10 5.80 15.94
CA LEU A 389 16.39 5.59 14.53
C LEU A 389 16.29 6.84 13.64
N LEU A 390 15.54 7.84 14.09
CA LEU A 390 15.16 8.97 13.21
C LEU A 390 15.68 10.29 13.67
N ASN A 391 16.50 10.30 14.71
CA ASN A 391 17.17 11.50 15.17
C ASN A 391 16.16 12.59 15.60
N ILE A 392 15.10 12.17 16.28
CA ILE A 392 14.17 13.14 16.95
C ILE A 392 14.91 13.76 18.10
N GLN A 393 15.40 12.90 18.95
CA GLN A 393 16.31 13.30 20.02
C GLN A 393 17.69 13.29 19.39
N LYS A 394 18.24 14.47 19.19
CA LYS A 394 19.49 14.67 18.45
C LYS A 394 20.65 15.25 19.30
N ASP A 395 20.62 14.93 20.59
CA ASP A 395 21.58 15.42 21.56
C ASP A 395 22.77 14.51 21.80
N SER A 396 22.64 13.23 21.49
CA SER A 396 23.61 12.29 21.99
C SER A 396 25.05 12.53 21.48
N GLY A 397 26.00 12.16 22.33
CA GLY A 397 27.39 12.30 21.98
C GLY A 397 27.72 13.72 21.54
N GLN A 398 28.54 13.80 20.50
CA GLN A 398 29.09 15.06 20.02
C GLN A 398 28.18 15.58 18.86
N ARG A 399 27.66 16.79 19.00
CA ARG A 399 26.85 17.39 18.04
C ARG A 399 27.43 18.79 17.66
N ILE A 400 27.07 19.27 16.50
CA ILE A 400 27.62 20.56 15.99
C ILE A 400 26.52 21.47 15.55
N PHE A 401 26.53 22.67 16.09
CA PHE A 401 25.73 23.78 15.58
C PHE A 401 26.61 24.73 14.85
N ILE A 402 26.07 25.32 13.80
CA ILE A 402 26.75 26.31 13.00
C ILE A 402 25.84 27.52 12.84
N LYS A 403 26.42 28.71 12.90
CA LYS A 403 25.61 29.93 12.73
C LYS A 403 25.40 30.21 11.27
N ILE A 404 24.15 30.29 10.88
CA ILE A 404 23.74 30.63 9.53
C ILE A 404 22.79 31.78 9.72
N GLY A 405 23.17 32.96 9.21
CA GLY A 405 22.37 34.18 9.42
C GLY A 405 22.35 34.61 10.90
N ASP A 406 21.19 34.79 11.47
CA ASP A 406 21.05 35.15 12.90
C ASP A 406 21.25 34.02 13.93
N CYS A 407 21.16 32.79 13.45
CA CYS A 407 20.76 31.63 14.28
C CYS A 407 21.79 30.53 14.22
N TYR A 408 22.08 29.97 15.37
CA TYR A 408 22.82 28.69 15.41
C TYR A 408 21.84 27.62 14.98
N ARG A 409 22.31 26.72 14.13
CA ARG A 409 21.47 25.66 13.59
C ARG A 409 22.24 24.37 13.66
N GLN A 410 21.60 23.32 14.16
CA GLN A 410 22.31 22.04 14.36
C GLN A 410 22.47 21.32 13.06
N LEU A 411 23.69 20.91 12.75
CA LEU A 411 23.93 20.09 11.56
C LEU A 411 23.24 18.70 11.68
N THR A 412 22.47 18.35 10.65
CA THR A 412 21.86 17.04 10.60
C THR A 412 22.38 16.28 9.35
N LEU A 413 21.61 16.33 8.27
CA LEU A 413 21.80 15.43 7.15
C LEU A 413 22.73 16.06 6.13
N PRO A 414 23.85 15.41 5.84
CA PRO A 414 24.76 15.95 4.84
C PRO A 414 24.33 15.60 3.43
N ALA A 415 24.99 16.21 2.46
CA ALA A 415 24.83 15.83 1.07
C ALA A 415 25.40 14.40 0.86
N ALA A 416 26.52 14.14 1.53
CA ALA A 416 27.24 12.87 1.41
C ALA A 416 27.96 12.50 2.65
N TYR A 417 28.07 11.19 2.87
CA TYR A 417 28.67 10.60 4.01
C TYR A 417 29.59 9.48 3.55
N GLU A 418 30.86 9.59 3.91
CA GLU A 418 31.92 8.73 3.42
C GLU A 418 32.58 8.01 4.59
N ASN A 420 35.31 5.17 5.94
CA ASN A 420 36.47 4.33 5.78
C ASN A 420 36.66 3.55 7.09
N VAL A 421 37.40 2.46 7.09
CA VAL A 421 37.64 1.80 8.35
C VAL A 421 38.33 2.72 9.36
N ALA A 422 38.98 3.78 8.90
CA ALA A 422 39.67 4.71 9.79
C ALA A 422 38.83 5.94 10.21
N GLY A 423 37.76 6.21 9.53
CA GLY A 423 37.00 7.42 9.80
C GLY A 423 35.78 7.63 8.98
N SER A 424 35.06 8.65 9.41
CA SER A 424 33.88 9.08 8.72
C SER A 424 34.04 10.55 8.32
N THR A 425 33.55 10.88 7.14
CA THR A 425 33.53 12.24 6.66
C THR A 425 32.14 12.61 6.19
N TRP A 426 31.72 13.81 6.59
CA TRP A 426 30.45 14.35 6.26
C TRP A 426 30.72 15.56 5.41
N TYR A 427 29.98 15.66 4.32
CA TYR A 427 29.99 16.83 3.47
C TYR A 427 28.68 17.57 3.51
N TYR A 428 28.69 18.78 4.03
CA TYR A 428 27.49 19.64 4.00
C TYR A 428 27.65 20.75 3.00
N GLN A 429 26.68 20.84 2.10
CA GLN A 429 26.61 21.90 1.17
C GLN A 429 25.98 23.10 1.85
N LEU A 430 26.71 24.19 1.84
CA LEU A 430 26.24 25.45 2.34
C LEU A 430 26.09 26.38 1.15
N ASP A 431 25.58 27.57 1.42
CA ASP A 431 25.46 28.57 0.37
C ASP A 431 26.88 28.97 -0.08
N GLU A 432 27.26 28.53 -1.28
CA GLU A 432 28.56 28.85 -1.90
C GLU A 432 29.80 28.36 -1.11
N ASP A 433 29.64 27.26 -0.41
CA ASP A 433 30.72 26.66 0.37
C ASP A 433 30.35 25.21 0.65
N VAL A 434 31.35 24.42 0.93
CA VAL A 434 31.20 23.05 1.44
C VAL A 434 31.94 22.91 2.81
N LEU A 435 31.22 22.42 3.81
CA LEU A 435 31.82 22.16 5.09
C LEU A 435 32.04 20.66 5.21
N ILE A 436 33.28 20.29 5.49
CA ILE A 436 33.75 18.93 5.63
C ILE A 436 34.02 18.69 7.07
N ILE A 437 33.33 17.69 7.61
CA ILE A 437 33.54 17.26 8.96
C ILE A 437 34.07 15.87 8.93
N THR A 438 35.06 15.60 9.76
CA THR A 438 35.72 14.34 9.74
C THR A 438 35.89 13.87 11.20
N SER A 439 35.48 12.64 11.46
CA SER A 439 35.74 12.04 12.74
C SER A 439 36.50 10.75 12.46
N PHE A 440 37.67 10.62 13.10
CA PHE A 440 38.66 9.60 12.73
C PHE A 440 39.52 9.09 13.85
N ALA A 441 39.98 7.86 13.68
CA ALA A 441 40.78 7.15 14.66
C ALA A 441 42.23 7.34 14.37
N TYR A 443 46.02 6.05 14.45
CA TYR A 443 46.79 4.79 14.50
C TYR A 443 47.79 4.77 15.67
N ASN A 444 47.82 3.68 16.40
CA ASN A 444 48.72 3.48 17.53
C ASN A 444 48.52 4.36 18.77
N ARG A 445 47.40 5.04 18.87
CA ARG A 445 47.16 5.99 19.93
C ARG A 445 45.69 5.90 20.31
N PRO A 446 45.37 6.01 21.61
CA PRO A 446 43.96 5.93 22.04
C PRO A 446 43.17 7.21 21.82
N GLU A 447 42.92 7.52 20.55
CA GLU A 447 42.37 8.78 20.20
C GLU A 447 41.40 8.75 19.03
N ILE A 448 40.37 9.60 19.14
CA ILE A 448 39.48 9.93 18.08
C ILE A 448 39.60 11.43 17.92
N VAL A 449 39.49 11.88 16.68
CA VAL A 449 39.74 13.26 16.31
C VAL A 449 38.62 13.76 15.49
N LEU A 450 38.06 14.89 15.89
CA LEU A 450 37.11 15.59 15.05
C LEU A 450 37.84 16.72 14.35
N LYS A 451 37.64 16.83 13.03
CA LYS A 451 38.11 17.98 12.28
C LYS A 451 37.00 18.60 11.47
N VAL A 452 36.95 19.93 11.50
CA VAL A 452 35.97 20.70 10.81
C VAL A 452 36.72 21.63 9.84
N GLN A 453 36.30 21.64 8.58
CA GLN A 453 36.96 22.45 7.54
C GLN A 453 35.99 23.00 6.54
N SER A 454 36.01 24.35 6.40
CA SER A 454 35.34 25.05 5.35
C SER A 454 36.24 24.95 4.13
N LEU A 455 35.72 24.35 3.08
CA LEU A 455 36.48 24.19 1.81
C LEU A 455 36.93 25.49 1.19
N GLY A 456 36.05 26.48 1.21
CA GLY A 456 36.37 27.83 0.72
C GLY A 456 37.05 28.73 1.73
N HIS A 457 37.55 28.18 2.82
CA HIS A 457 38.21 28.96 3.89
C HIS A 457 37.37 30.11 4.37
N LYS A 458 36.07 29.89 4.43
CA LYS A 458 35.13 30.85 4.97
C LYS A 458 35.00 30.64 6.47
N LYS A 459 34.79 31.75 7.18
CA LYS A 459 34.75 31.75 8.65
C LYS A 459 33.34 31.56 9.10
N TYR A 460 33.16 30.70 10.11
CA TYR A 460 31.86 30.53 10.74
C TYR A 460 31.99 30.51 12.24
N ASP A 461 30.85 30.70 12.87
CA ASP A 461 30.64 30.43 14.28
C ASP A 461 30.04 29.05 14.51
N PHE A 462 30.49 28.38 15.56
CA PHE A 462 30.05 27.04 15.92
C PHE A 462 29.86 26.89 17.42
N ILE A 463 28.90 26.01 17.79
CA ILE A 463 28.86 25.40 19.12
C ILE A 463 28.94 23.87 19.01
N VAL A 464 29.92 23.28 19.62
CA VAL A 464 30.02 21.81 19.65
C VAL A 464 29.59 21.35 21.02
N THR A 465 28.48 20.62 21.10
CA THR A 465 27.99 20.10 22.33
C THR A 465 28.41 18.67 22.51
N HIS A 466 28.55 18.28 23.76
CA HIS A 466 28.98 16.92 24.19
C HIS A 466 28.16 16.45 25.37
N GLN A 467 27.30 15.48 25.13
CA GLN A 467 26.55 14.88 26.20
C GLN A 467 27.50 13.91 26.88
N LEU A 468 28.02 14.33 28.04
CA LEU A 468 28.97 13.60 28.79
C LEU A 468 28.33 12.54 29.66
N THR A 469 29.03 11.42 29.81
CA THR A 469 28.65 10.40 30.78
C THR A 469 29.68 10.25 31.89
N VAL A 470 30.87 9.86 31.46
CA VAL A 470 32.03 9.59 32.30
C VAL A 470 31.59 8.56 33.29
N GLY A 471 31.31 7.40 32.74
CA GLY A 471 30.43 6.43 33.36
C GLY A 471 29.46 5.86 32.33
N PRO A 472 28.62 4.91 32.76
CA PRO A 472 27.77 4.15 31.86
C PRO A 472 26.62 4.92 31.17
N ASN A 473 26.08 5.92 31.84
CA ASN A 473 24.87 6.64 31.39
C ASN A 473 24.90 8.12 31.77
N GLU A 474 24.17 8.87 30.97
CA GLU A 474 24.05 10.30 31.15
C GLU A 474 23.10 10.54 32.32
N TYR A 475 23.26 11.66 33.00
CA TYR A 475 22.32 12.06 34.08
C TYR A 475 22.32 11.17 35.37
N GLU A 476 23.36 10.37 35.57
CA GLU A 476 23.45 9.49 36.73
C GLU A 476 24.37 10.03 37.82
N ASN A 477 25.45 10.64 37.38
CA ASN A 477 26.51 10.94 38.29
C ASN A 477 27.27 12.15 37.86
N GLU A 478 27.80 12.78 38.89
CA GLU A 478 28.64 13.94 38.75
C GLU A 478 29.96 13.58 38.08
N ILE A 479 30.61 14.58 37.49
CA ILE A 479 31.82 14.37 36.70
C ILE A 479 32.91 15.33 37.14
N LYS A 480 34.15 14.84 37.20
CA LYS A 480 35.32 15.67 37.46
C LYS A 480 35.85 16.24 36.15
N LEU A 481 35.88 17.56 36.08
CA LEU A 481 36.36 18.31 34.95
C LEU A 481 37.43 19.28 35.39
N THR A 482 38.61 19.15 34.80
CA THR A 482 39.71 20.07 35.08
C THR A 482 40.17 20.54 33.75
N ARG A 483 40.71 21.74 33.74
CA ARG A 483 41.26 22.37 32.56
C ARG A 483 42.69 22.91 32.85
N GLU A 484 43.56 22.77 31.85
CA GLU A 484 44.90 23.40 31.78
C GLU A 484 45.11 23.94 30.34
N GLY A 485 44.93 25.23 30.15
CA GLY A 485 45.03 25.85 28.84
C GLY A 485 43.94 25.33 27.88
N ASN A 486 44.37 24.66 26.81
CA ASN A 486 43.45 24.08 25.83
C ASN A 486 43.25 22.53 26.02
N ILE A 487 43.58 22.00 27.19
CA ILE A 487 43.40 20.58 27.52
C ILE A 487 42.40 20.38 28.66
N LEU A 488 41.33 19.63 28.40
CA LEU A 488 40.41 19.26 29.48
C LEU A 488 40.75 17.88 29.90
N GLN A 489 40.59 17.58 31.18
CA GLN A 489 40.69 16.21 31.69
C GLN A 489 39.42 15.91 32.45
N LEU A 490 38.86 14.74 32.13
CA LEU A 490 37.57 14.31 32.71
C LEU A 490 37.69 12.97 33.36
N SER A 491 37.14 12.87 34.56
CA SER A 491 37.15 11.59 35.25
C SER A 491 35.96 11.37 36.14
N PRO A 492 35.66 10.08 36.40
CA PRO A 492 34.50 9.76 37.16
C PRO A 492 34.67 10.07 38.63
N THR A 493 33.57 10.48 39.28
CA THR A 493 33.50 10.72 40.73
C THR A 493 33.29 9.36 41.42
N ASP A 494 33.56 9.34 42.73
CA ASP A 494 33.63 8.10 43.54
C ASP A 494 32.49 7.14 43.35
N PRO A 495 31.22 7.64 43.36
CA PRO A 495 30.07 6.72 43.27
C PRO A 495 29.99 5.87 41.97
N VAL A 496 30.65 6.33 40.93
CA VAL A 496 30.55 5.71 39.62
C VAL A 496 31.32 4.37 39.62
N VAL A 497 30.67 3.33 39.18
CA VAL A 497 31.17 1.95 39.21
C VAL A 497 32.54 1.85 38.55
N THR A 498 32.70 2.60 37.46
CA THR A 498 33.94 2.79 36.76
C THR A 498 35.12 3.09 37.68
N ASN A 499 34.85 4.03 38.59
CA ASN A 499 35.84 4.41 39.58
C ASN A 499 36.36 3.23 40.39
N HIS A 500 35.50 2.29 40.72
CA HIS A 500 35.98 1.20 41.53
C HIS A 500 36.99 0.26 40.85
N PHE A 501 36.70 -0.17 39.63
CA PHE A 501 37.51 -1.15 38.88
C PHE A 501 38.54 -0.55 37.89
N TYR A 502 38.30 0.68 37.47
CA TYR A 502 39.29 1.41 36.70
C TYR A 502 39.54 2.76 37.41
N PRO A 503 40.19 2.72 38.60
CA PRO A 503 40.42 3.94 39.40
C PRO A 503 41.20 5.05 38.73
N GLU A 504 42.05 4.70 37.77
CA GLU A 504 42.88 5.65 37.04
C GLU A 504 42.27 6.07 35.71
N LEU A 505 41.07 5.60 35.41
CA LEU A 505 40.48 5.97 34.13
C LEU A 505 40.32 7.50 34.04
N SER A 506 40.73 8.06 32.93
CA SER A 506 40.39 9.44 32.62
C SER A 506 40.26 9.63 31.12
N PHE A 507 39.55 10.70 30.74
CA PHE A 507 39.56 11.16 29.36
C PHE A 507 40.17 12.51 29.27
N ARG A 508 40.73 12.85 28.12
CA ARG A 508 41.14 14.21 27.85
C ARG A 508 40.64 14.68 26.52
N ARG A 510 41.54 17.87 23.82
CA ARG A 510 42.18 19.13 23.39
C ARG A 510 41.21 19.91 22.55
N ILE A 511 40.97 21.14 22.99
CA ILE A 511 39.99 22.03 22.40
C ILE A 511 40.68 23.20 21.68
N PRO A 512 39.94 23.95 20.86
CA PRO A 512 40.64 25.04 20.13
C PRO A 512 41.05 26.18 21.06
N GLU A 513 42.16 26.85 20.72
CA GLU A 513 42.81 27.82 21.59
C GLU A 513 41.90 28.97 22.05
N ASP A 514 41.15 29.53 21.11
CA ASP A 514 40.14 30.57 21.41
C ASP A 514 38.79 29.89 21.25
N CYS A 515 38.29 29.41 22.38
CA CYS A 515 36.92 28.92 22.46
C CYS A 515 36.48 29.27 23.85
N THR A 516 35.17 29.32 24.08
CA THR A 516 34.63 29.46 25.40
C THR A 516 33.90 28.14 25.72
N LEU A 517 33.96 27.79 26.99
CA LEU A 517 33.45 26.54 27.51
C LEU A 517 32.24 26.81 28.39
N SER A 518 31.14 26.09 28.20
CA SER A 518 29.99 26.23 29.09
C SER A 518 29.23 24.93 29.13
N ASP A 519 28.06 24.98 29.71
CA ASP A 519 27.11 23.88 29.68
C ASP A 519 26.00 24.30 28.72
N ASP A 520 24.76 23.84 28.89
CA ASP A 520 23.65 24.30 28.01
C ASP A 520 23.19 25.77 28.25
N SER A 521 23.76 26.42 29.26
CA SER A 521 23.36 27.81 29.59
C SER A 521 23.40 28.76 28.42
N ILE A 522 24.38 28.57 27.56
CA ILE A 522 24.56 29.52 26.46
C ILE A 522 23.46 29.45 25.41
N PHE A 523 22.72 28.36 25.39
CA PHE A 523 21.53 28.22 24.53
C PHE A 523 20.29 29.03 24.92
N PHE A 524 20.23 29.49 26.18
CA PHE A 524 19.02 30.08 26.73
C PHE A 524 19.13 31.58 26.96
N HIS A 525 17.99 32.26 26.80
CA HIS A 525 17.89 33.77 26.79
C HIS A 525 18.46 34.33 28.06
N ASN A 526 18.12 33.67 29.18
CA ASN A 526 18.56 34.08 30.51
C ASN A 526 19.76 33.37 31.09
N ASN A 527 20.51 32.64 30.27
CA ASN A 527 21.70 31.94 30.71
C ASN A 527 21.53 30.90 31.84
N THR A 528 20.37 30.28 31.91
CA THR A 528 20.09 29.30 32.94
C THR A 528 20.70 27.99 32.56
N THR A 529 21.59 27.49 33.38
CA THR A 529 22.06 26.09 33.25
C THR A 529 20.90 25.15 33.57
N ILE A 530 20.63 24.18 32.73
CA ILE A 530 19.66 23.14 33.10
C ILE A 530 20.38 21.80 33.18
N ASN A 531 20.99 21.42 32.06
CA ASN A 531 21.86 20.27 31.95
C ASN A 531 23.31 20.66 32.10
N PRO A 532 23.85 20.50 33.32
CA PRO A 532 25.22 20.96 33.56
C PRO A 532 26.28 20.03 32.96
N SER A 533 25.89 18.86 32.46
CA SER A 533 26.85 17.92 31.87
C SER A 533 26.80 17.92 30.34
N LEU A 534 26.13 18.91 29.76
CA LEU A 534 26.26 19.15 28.36
C LEU A 534 27.42 20.08 28.16
N LEU A 535 28.55 19.54 27.76
CA LEU A 535 29.76 20.32 27.61
C LEU A 535 29.76 20.97 26.25
N SER A 536 29.65 22.30 26.27
CA SER A 536 29.51 23.12 25.04
C SER A 536 30.72 23.96 24.76
N ILE A 537 31.19 23.89 23.54
CA ILE A 537 32.38 24.59 23.09
C ILE A 537 31.98 25.56 21.96
N GLU A 538 31.95 26.85 22.30
CA GLU A 538 31.64 27.87 21.30
C GLU A 538 32.92 28.37 20.67
N ILE A 539 32.97 28.30 19.34
CA ILE A 539 34.18 28.60 18.57
C ILE A 539 33.77 29.66 17.52
N LEU A 540 34.42 30.84 17.58
CA LEU A 540 33.92 32.00 16.87
C LEU A 540 34.77 32.30 15.68
N GLN A 541 34.12 32.60 14.56
CA GLN A 541 34.76 33.13 13.33
C GLN A 541 35.98 32.33 12.92
N LYS A 542 35.81 31.01 12.78
CA LYS A 542 36.90 30.10 12.35
C LYS A 542 36.49 29.38 11.08
N SER A 543 37.48 29.11 10.24
CA SER A 543 37.28 28.40 8.99
C SER A 543 37.73 26.95 9.14
N SER A 544 38.33 26.64 10.29
CA SER A 544 38.61 25.29 10.68
C SER A 544 38.96 25.15 12.18
N PHE A 545 38.77 23.93 12.68
CA PHE A 545 39.17 23.61 14.03
C PHE A 545 39.20 22.15 14.20
N ASP A 546 39.70 21.74 15.35
CA ASP A 546 39.63 20.34 15.74
C ASP A 546 39.44 20.16 17.22
N ILE A 547 38.96 18.98 17.54
CA ILE A 547 38.85 18.52 18.90
C ILE A 547 39.36 17.10 18.94
N VAL A 548 40.31 16.88 19.84
CA VAL A 548 40.96 15.62 19.95
C VAL A 548 40.63 14.99 21.27
N GLN A 550 40.96 11.79 23.91
CA GLN A 550 41.82 10.72 24.33
C GLN A 550 41.15 9.97 25.42
N GLY A 551 41.46 8.69 25.50
CA GLY A 551 40.98 7.85 26.58
C GLY A 551 42.08 7.04 27.20
N PHE A 552 42.06 6.95 28.52
CA PHE A 552 43.07 6.21 29.27
C PHE A 552 42.38 5.42 30.32
N ASP A 553 42.16 4.15 30.06
CA ASP A 553 41.54 3.27 31.06
C ASP A 553 42.42 3.04 32.31
N THR A 554 43.74 3.04 32.11
CA THR A 554 44.67 2.76 33.19
C THR A 554 45.55 3.97 33.49
N GLY A 555 45.16 5.15 33.03
CA GLY A 555 45.86 6.36 33.33
C GLY A 555 47.21 6.56 32.69
N ASN A 556 47.54 5.83 31.62
CA ASN A 556 48.84 6.06 30.89
C ASN A 556 48.80 7.27 29.93
N VAL A 557 48.68 8.45 30.52
CA VAL A 557 48.36 9.69 29.78
C VAL A 557 49.53 10.00 28.88
N ILE A 558 49.24 10.39 27.65
CA ILE A 558 50.29 10.76 26.67
C ILE A 558 50.01 12.17 26.16
N PRO A 559 51.07 12.95 25.86
CA PRO A 559 50.82 14.28 25.30
C PRO A 559 50.16 14.19 23.94
N PHE A 560 49.45 15.25 23.58
CA PHE A 560 48.84 15.43 22.25
C PHE A 560 49.95 15.65 21.25
N LEU A 561 49.74 15.18 20.04
CA LEU A 561 50.59 15.53 18.89
C LEU A 561 50.29 16.95 18.49
N ASP A 562 51.25 17.52 17.76
CA ASP A 562 51.14 18.88 17.23
C ASP A 562 50.20 18.91 16.05
N GLN A 563 50.26 17.88 15.21
CA GLN A 563 49.37 17.78 14.05
C GLN A 563 48.63 16.44 14.07
N TYR A 564 47.39 16.51 13.64
CA TYR A 564 46.53 15.33 13.58
C TYR A 564 46.02 15.16 12.16
N ASP A 565 46.61 14.20 11.45
CA ASP A 565 46.49 14.07 10.01
C ASP A 565 45.67 12.81 9.67
N TYR A 566 44.52 12.98 9.01
CA TYR A 566 43.64 11.82 8.67
C TYR A 566 44.31 10.87 7.70
N LYS A 567 44.91 11.44 6.66
CA LYS A 567 45.54 10.68 5.57
C LYS A 567 46.52 9.68 6.14
N GLU A 568 47.45 10.09 6.99
CA GLU A 568 48.36 9.09 7.63
C GLU A 568 47.66 7.94 8.35
N GLN A 569 46.61 8.25 9.08
CA GLN A 569 45.86 7.17 9.75
C GLN A 569 45.20 6.22 8.75
N LEU A 570 44.56 6.81 7.74
CA LEU A 570 43.97 6.05 6.64
C LEU A 570 44.95 5.06 6.04
N GLU A 571 46.15 5.52 5.70
CA GLU A 571 47.23 4.64 5.14
C GLU A 571 47.59 3.50 6.13
N ALA A 572 47.77 3.83 7.40
CA ALA A 572 48.16 2.83 8.38
C ALA A 572 47.05 1.78 8.63
N TYR A 573 45.84 2.25 8.87
CA TYR A 573 44.64 1.36 8.94
C TYR A 573 44.44 0.52 7.65
N ARG A 574 44.73 1.08 6.49
CA ARG A 574 44.62 0.28 5.25
C ARG A 574 45.53 -0.97 5.33
N ILE A 575 46.80 -0.76 5.65
CA ILE A 575 47.78 -1.87 5.81
C ILE A 575 47.37 -2.86 6.92
N TYR A 576 46.88 -2.31 8.03
CA TYR A 576 46.48 -3.11 9.19
C TYR A 576 45.37 -4.11 8.81
N TYR A 577 44.36 -3.60 8.13
CA TYR A 577 43.23 -4.42 7.67
C TYR A 577 43.68 -5.38 6.54
N ASP A 578 44.49 -4.90 5.60
CA ASP A 578 45.10 -5.81 4.56
C ASP A 578 45.73 -7.01 5.22
N GLN A 579 46.59 -6.74 6.22
CA GLN A 579 47.26 -7.82 6.95
C GLN A 579 46.31 -8.73 7.72
N LEU A 580 45.32 -8.13 8.35
CA LEU A 580 44.32 -8.91 9.04
C LEU A 580 43.62 -9.97 8.16
N VAL A 581 43.37 -9.60 6.91
CA VAL A 581 42.75 -10.52 5.92
C VAL A 581 43.79 -11.16 4.97
N CYS A 582 45.06 -11.16 5.34
CA CYS A 582 46.08 -11.87 4.57
C CYS A 582 46.20 -11.37 3.14
N ASN A 583 45.96 -10.07 2.95
CA ASN A 583 46.16 -9.40 1.70
C ASN A 583 45.24 -9.94 0.63
N PHE A 584 44.11 -10.48 1.08
CA PHE A 584 43.02 -10.99 0.24
C PHE A 584 42.78 -10.10 -0.94
N LYS A 585 42.91 -10.65 -2.13
CA LYS A 585 42.50 -9.89 -3.32
C LYS A 585 42.23 -10.81 -4.48
N LEU A 586 41.06 -10.62 -5.08
CA LEU A 586 40.65 -11.40 -6.24
C LEU A 586 40.93 -10.55 -7.46
N SER A 587 41.53 -11.15 -8.49
CA SER A 587 41.80 -10.45 -9.74
C SER A 587 41.57 -11.34 -10.91
N ALA A 588 41.47 -10.74 -12.08
CA ALA A 588 41.45 -11.54 -13.34
C ALA A 588 41.94 -10.68 -14.44
N PRO A 589 42.46 -11.29 -15.53
CA PRO A 589 42.88 -10.45 -16.65
C PRO A 589 41.72 -9.74 -17.36
N ASP A 590 40.63 -10.44 -17.57
CA ASP A 590 39.42 -9.85 -18.23
C ASP A 590 38.64 -9.15 -17.13
N LYS A 591 37.38 -8.84 -17.36
CA LYS A 591 36.57 -8.23 -16.30
C LYS A 591 36.34 -9.23 -15.15
N ILE A 592 36.81 -8.87 -13.98
CA ILE A 592 36.48 -9.61 -12.75
C ILE A 592 34.94 -9.91 -12.65
N PRO A 593 34.53 -11.12 -12.23
CA PRO A 593 33.10 -11.34 -12.03
C PRO A 593 32.54 -10.40 -10.93
N LEU A 594 31.28 -10.00 -11.04
CA LEU A 594 30.68 -9.11 -10.04
C LEU A 594 30.78 -9.66 -8.59
N SER A 595 30.54 -10.95 -8.44
CA SER A 595 30.68 -11.62 -7.14
C SER A 595 32.08 -11.38 -6.53
N ALA A 596 33.13 -11.55 -7.33
CA ALA A 596 34.49 -11.28 -6.87
C ALA A 596 34.71 -9.80 -6.59
N GLU A 597 34.19 -8.91 -7.42
CA GLU A 597 34.26 -7.48 -7.18
C GLU A 597 33.60 -7.08 -5.85
N LYS A 598 32.47 -7.68 -5.57
CA LYS A 598 31.78 -7.49 -4.26
C LYS A 598 32.56 -8.03 -3.06
N LEU A 599 33.22 -9.20 -3.24
CA LEU A 599 33.99 -9.73 -2.18
C LEU A 599 35.19 -8.84 -1.86
N ASN A 600 35.87 -8.33 -2.89
CA ASN A 600 37.00 -7.40 -2.68
C ASN A 600 36.57 -6.14 -1.96
N ALA A 601 35.40 -5.61 -2.34
CA ALA A 601 34.83 -4.45 -1.69
C ALA A 601 34.44 -4.65 -0.27
N ILE A 602 33.93 -5.84 0.06
CA ILE A 602 33.27 -6.03 1.30
C ILE A 602 34.16 -6.60 2.40
N ILE A 603 35.21 -7.30 2.01
CA ILE A 603 35.84 -8.21 2.94
C ILE A 603 36.50 -7.48 4.11
N HIS A 604 37.09 -6.31 3.84
CA HIS A 604 37.70 -5.51 4.95
C HIS A 604 36.61 -4.80 5.83
N TRP A 605 35.45 -4.52 5.25
CA TRP A 605 34.26 -4.07 6.04
C TRP A 605 33.76 -5.12 7.01
N TYR A 606 33.63 -6.35 6.52
CA TYR A 606 33.28 -7.49 7.35
C TYR A 606 34.38 -7.83 8.36
N ALA A 607 35.62 -7.63 7.96
CA ALA A 607 36.74 -7.80 8.88
C ALA A 607 36.64 -6.81 10.01
N HIS A 608 36.48 -5.53 9.68
CA HIS A 608 36.20 -4.47 10.65
C HIS A 608 35.00 -4.82 11.58
N ASP A 609 33.87 -5.18 10.98
CA ASP A 609 32.71 -5.58 11.79
C ASP A 609 33.05 -6.68 12.77
N ALA A 610 33.67 -7.74 12.28
CA ALA A 610 34.07 -8.89 13.10
C ALA A 610 35.06 -8.53 14.21
N LEU A 611 35.95 -7.61 13.87
CA LEU A 611 37.00 -7.16 14.82
C LEU A 611 36.39 -6.35 15.93
N ILE A 612 35.39 -5.53 15.60
CA ILE A 612 34.63 -4.82 16.66
C ILE A 612 33.88 -5.80 17.53
N HIS A 613 33.18 -6.71 16.89
CA HIS A 613 32.44 -7.78 17.66
C HIS A 613 33.31 -8.48 18.74
N PHE A 614 34.56 -8.69 18.36
CA PHE A 614 35.55 -9.27 19.21
C PHE A 614 36.16 -8.30 20.18
N ALA A 615 36.72 -7.19 19.70
CA ALA A 615 37.59 -6.37 20.61
C ALA A 615 36.89 -5.25 21.36
N SER A 616 35.83 -4.70 20.75
CA SER A 616 35.05 -3.62 21.36
C SER A 616 33.53 -3.91 21.23
N PRO A 617 33.04 -4.91 21.94
CA PRO A 617 31.80 -5.56 21.50
C PRO A 617 30.58 -4.65 21.68
N HIS A 618 30.09 -4.16 20.58
CA HIS A 618 28.87 -3.40 20.50
C HIS A 618 28.50 -3.21 19.06
N GLY A 619 27.24 -2.90 18.84
CA GLY A 619 26.71 -2.69 17.52
C GLY A 619 26.08 -1.34 17.39
N LEU A 620 25.29 -1.21 16.36
CA LEU A 620 24.68 0.07 16.07
C LEU A 620 23.40 0.11 16.89
N GLU A 621 22.44 -0.73 16.53
CA GLU A 621 21.20 -0.90 17.34
C GLU A 621 21.60 -1.51 18.71
N GLN A 622 22.47 -2.53 18.67
CA GLN A 622 22.81 -3.30 19.87
C GLN A 622 23.97 -2.60 20.55
N SER A 623 23.70 -1.42 21.07
CA SER A 623 24.77 -0.53 21.60
C SER A 623 25.31 -1.04 22.93
N GLY A 624 24.48 -1.75 23.66
CA GLY A 624 24.79 -2.34 24.97
C GLY A 624 25.40 -3.71 24.75
N GLY A 625 26.70 -3.84 24.95
CA GLY A 625 27.40 -5.17 24.80
C GLY A 625 28.50 -5.33 25.83
N ALA A 626 29.70 -4.93 25.44
CA ALA A 626 30.86 -4.88 26.35
C ALA A 626 31.43 -6.27 26.64
N ALA A 627 30.55 -7.21 26.99
CA ALA A 627 30.90 -8.57 27.27
C ALA A 627 31.23 -9.35 26.05
N TRP A 628 31.91 -10.47 26.22
CA TRP A 628 31.89 -11.51 25.21
C TRP A 628 30.70 -12.42 25.50
N GLY A 629 29.95 -12.75 24.46
CA GLY A 629 29.01 -13.82 24.50
C GLY A 629 29.83 -15.07 24.40
N THR A 630 29.52 -16.08 25.22
CA THR A 630 30.33 -17.31 25.21
C THR A 630 30.32 -18.02 23.84
N ARG A 631 29.13 -18.33 23.33
CA ARG A 631 29.02 -18.93 22.00
C ARG A 631 29.48 -17.97 20.87
N ASP A 632 29.27 -16.69 21.11
CA ASP A 632 29.60 -15.60 20.19
C ASP A 632 31.10 -15.55 19.91
N VAL A 633 31.91 -15.48 20.98
CA VAL A 633 33.35 -15.35 20.82
C VAL A 633 33.92 -16.64 20.18
N CYS A 634 33.28 -17.78 20.45
CA CYS A 634 33.70 -19.06 19.87
C CYS A 634 33.43 -19.19 18.39
N GLN A 635 32.59 -18.30 17.84
CA GLN A 635 32.20 -18.34 16.45
C GLN A 635 32.82 -17.22 15.60
N GLY A 636 32.23 -16.03 15.60
CA GLY A 636 32.75 -14.99 14.72
C GLY A 636 34.26 -14.75 14.87
N PRO A 637 34.72 -14.42 16.09
CA PRO A 637 36.12 -14.13 16.26
C PRO A 637 37.08 -15.33 16.02
N ILE A 638 36.84 -16.44 16.69
CA ILE A 638 37.75 -17.55 16.55
C ILE A 638 37.77 -18.03 15.08
N GLU A 639 36.60 -18.09 14.42
CA GLU A 639 36.57 -18.57 13.07
C GLU A 639 37.26 -17.59 12.10
N PHE A 640 37.12 -16.29 12.33
CA PHE A 640 37.87 -15.32 11.57
C PHE A 640 39.37 -15.50 11.76
N PHE A 641 39.77 -15.62 13.01
CA PHE A 641 41.17 -15.64 13.31
C PHE A 641 41.80 -16.96 12.87
N LEU A 642 41.10 -18.08 12.98
CA LEU A 642 41.64 -19.34 12.48
C LEU A 642 41.81 -19.32 10.98
N THR A 643 40.90 -18.65 10.32
CA THR A 643 40.87 -18.57 8.89
C THR A 643 42.07 -17.78 8.34
N THR A 644 42.44 -16.75 9.05
CA THR A 644 43.56 -15.86 8.66
C THR A 644 44.87 -16.13 9.34
N GLY A 645 44.95 -17.16 10.16
CA GLY A 645 46.24 -17.56 10.74
C GLY A 645 46.67 -16.80 11.97
N HIS A 646 45.72 -16.12 12.63
CA HIS A 646 46.02 -15.43 13.89
C HIS A 646 45.93 -16.35 15.08
N PHE A 647 46.79 -17.34 15.06
CA PHE A 647 46.75 -18.48 16.02
C PHE A 647 47.13 -18.12 17.45
N ASP A 648 48.14 -17.26 17.62
CA ASP A 648 48.51 -16.76 18.92
C ASP A 648 47.30 -16.07 19.56
N LEU A 649 46.67 -15.16 18.81
CA LEU A 649 45.46 -14.52 19.34
C LEU A 649 44.41 -15.53 19.81
N VAL A 650 44.10 -16.50 18.98
CA VAL A 650 43.11 -17.55 19.37
C VAL A 650 43.51 -18.27 20.65
N ARG A 651 44.80 -18.56 20.76
CA ARG A 651 45.30 -19.32 21.96
C ARG A 651 44.94 -18.54 23.23
N HIS A 652 45.24 -17.25 23.18
CA HIS A 652 44.94 -16.32 24.27
C HIS A 652 43.46 -16.18 24.54
N ILE A 653 42.66 -16.09 23.47
CA ILE A 653 41.21 -16.05 23.59
C ILE A 653 40.75 -17.29 24.30
N LEU A 654 41.19 -18.45 23.86
CA LEU A 654 40.81 -19.74 24.56
C LEU A 654 41.21 -19.79 26.04
N ILE A 655 42.39 -19.31 26.40
CA ILE A 655 42.79 -19.32 27.83
C ILE A 655 41.88 -18.37 28.63
N THR A 656 41.64 -17.18 28.06
CA THR A 656 40.74 -16.23 28.69
C THR A 656 39.34 -16.85 28.86
N LEU A 657 38.85 -17.45 27.81
CA LEU A 657 37.56 -18.12 27.87
C LEU A 657 37.47 -19.23 28.91
N TYR A 658 38.48 -20.07 28.91
CA TYR A 658 38.47 -21.20 29.87
C TYR A 658 38.51 -20.72 31.38
N SER A 659 39.17 -19.58 31.61
CA SER A 659 39.19 -18.94 32.95
C SER A 659 37.82 -18.49 33.44
N HIS A 660 36.85 -18.43 32.52
CA HIS A 660 35.50 -17.92 32.79
C HIS A 660 34.48 -19.04 32.92
N GLN A 661 34.97 -20.26 32.84
CA GLN A 661 34.16 -21.39 33.17
C GLN A 661 33.79 -21.25 34.66
N ILE A 662 32.57 -21.62 34.99
CA ILE A 662 32.09 -21.39 36.32
C ILE A 662 32.30 -22.59 37.22
N GLU A 663 32.82 -22.31 38.41
CA GLU A 663 33.01 -23.34 39.43
C GLU A 663 31.67 -23.96 39.86
N GLY A 664 31.71 -25.26 40.15
CA GLY A 664 30.57 -26.00 40.69
C GLY A 664 29.68 -26.59 39.62
N GLY A 665 29.02 -25.72 38.87
CA GLY A 665 28.22 -26.13 37.71
C GLY A 665 29.11 -26.59 36.54
N PHE A 666 30.28 -25.99 36.41
CA PHE A 666 31.30 -26.32 35.40
C PHE A 666 30.87 -26.15 33.93
N GLU A 667 29.83 -25.36 33.74
CA GLU A 667 29.46 -24.88 32.43
C GLU A 667 30.02 -23.46 32.31
N TRP A 668 29.68 -22.78 31.21
CA TRP A 668 30.05 -21.38 30.96
C TRP A 668 28.88 -20.48 31.20
N PRO A 669 29.12 -19.21 31.54
CA PRO A 669 28.02 -18.28 31.60
C PRO A 669 27.60 -18.03 30.19
N GLN A 670 26.40 -17.49 30.04
CA GLN A 670 25.89 -17.03 28.75
C GLN A 670 26.84 -15.99 28.19
N TRP A 671 27.41 -15.17 29.06
CA TRP A 671 28.28 -14.09 28.60
C TRP A 671 29.01 -13.61 29.78
N PHE A 672 30.15 -12.95 29.54
CA PHE A 672 31.03 -12.47 30.59
C PHE A 672 31.86 -11.28 30.11
N PHE A 674 35.40 -9.48 29.83
CA PHE A 674 36.73 -10.09 29.69
C PHE A 674 37.78 -9.08 30.15
N ASP A 675 37.32 -8.11 30.94
CA ASP A 675 38.20 -7.10 31.51
C ASP A 675 38.08 -7.21 33.04
N HIS A 676 38.47 -6.18 33.76
CA HIS A 676 38.37 -6.17 35.25
C HIS A 676 36.96 -6.02 35.85
N TYR A 677 35.93 -5.84 35.02
CA TYR A 677 34.55 -5.85 35.58
C TYR A 677 34.16 -7.31 35.82
N PRO A 678 33.90 -7.70 37.10
CA PRO A 678 33.47 -9.05 37.42
C PRO A 678 31.98 -9.13 37.25
N ILE A 679 31.59 -9.36 36.01
CA ILE A 679 30.18 -9.43 35.64
C ILE A 679 29.93 -10.48 34.57
N HIS A 680 29.00 -11.36 34.83
CA HIS A 680 28.61 -12.36 33.89
C HIS A 680 27.19 -12.80 34.13
N GLN A 681 26.69 -13.55 33.17
CA GLN A 681 25.37 -14.15 33.29
C GLN A 681 25.58 -15.66 33.43
N GLU A 682 25.57 -16.13 34.66
CA GLU A 682 25.85 -17.56 34.97
C GLU A 682 24.81 -18.54 34.39
N ASP A 683 23.59 -18.08 34.18
CA ASP A 683 22.54 -18.89 33.53
C ASP A 683 22.76 -18.90 32.02
N CYS A 684 22.72 -20.09 31.47
CA CYS A 684 23.03 -20.28 30.12
C CYS A 684 22.05 -21.15 29.37
N HIS A 685 22.14 -21.01 28.03
CA HIS A 685 21.49 -21.91 27.14
C HIS A 685 22.24 -23.22 27.19
N GLY A 686 21.50 -24.25 26.85
CA GLY A 686 21.98 -25.64 26.80
C GLY A 686 23.05 -25.92 25.80
N ASP A 687 23.16 -25.07 24.76
CA ASP A 687 24.20 -25.27 23.73
C ASP A 687 25.57 -24.66 24.08
N VAL A 688 25.61 -23.81 25.10
CA VAL A 688 26.77 -22.93 25.29
C VAL A 688 28.02 -23.73 25.67
N VAL A 689 27.84 -24.77 26.49
CA VAL A 689 28.96 -25.65 26.96
C VAL A 689 29.78 -26.29 25.80
N PHE A 690 29.12 -26.62 24.70
CA PHE A 690 29.79 -27.18 23.50
C PHE A 690 30.77 -26.22 22.74
N TRP A 691 30.46 -24.90 22.71
CA TRP A 691 31.23 -23.97 21.92
C TRP A 691 32.74 -23.87 22.32
N PRO A 692 33.04 -23.70 23.60
CA PRO A 692 34.42 -23.67 23.99
C PRO A 692 35.16 -24.97 23.74
N LEU A 693 34.43 -26.08 23.88
CA LEU A 693 34.92 -27.40 23.54
C LEU A 693 35.24 -27.54 22.05
N LYS A 694 34.28 -27.16 21.22
CA LYS A 694 34.49 -27.11 19.77
C LYS A 694 35.67 -26.21 19.38
N ALA A 695 35.61 -24.97 19.85
CA ALA A 695 36.65 -23.99 19.44
C ALA A 695 38.10 -24.44 19.83
N ILE A 696 38.29 -25.02 21.00
CA ILE A 696 39.62 -25.49 21.42
C ILE A 696 40.12 -26.67 20.54
N SER A 697 39.15 -27.51 20.14
CA SER A 697 39.43 -28.61 19.26
C SER A 697 39.81 -28.08 17.89
N ASP A 698 39.13 -27.03 17.44
CA ASP A 698 39.45 -26.46 16.12
C ASP A 698 40.84 -25.84 16.18
N TYR A 699 41.12 -25.14 17.26
CA TYR A 699 42.45 -24.50 17.44
C TYR A 699 43.59 -25.59 17.43
N ILE A 700 43.38 -26.67 18.20
CA ILE A 700 44.36 -27.76 18.28
C ILE A 700 44.57 -28.36 16.89
N GLN A 701 43.49 -28.71 16.20
CA GLN A 701 43.56 -29.25 14.83
C GLN A 701 44.29 -28.33 13.87
N ALA A 702 44.05 -27.02 14.01
CA ALA A 702 44.67 -26.06 13.08
C ALA A 702 46.18 -25.82 13.34
N THR A 703 46.61 -25.96 14.58
CA THR A 703 47.98 -25.54 14.97
C THR A 703 48.87 -26.70 15.46
N GLY A 704 48.25 -27.81 15.86
CA GLY A 704 48.90 -28.86 16.57
C GLY A 704 49.31 -28.47 17.97
N ASP A 705 48.92 -27.29 18.44
CA ASP A 705 49.31 -26.82 19.78
C ASP A 705 48.55 -27.48 20.97
N THR A 706 48.87 -28.72 21.26
CA THR A 706 48.30 -29.47 22.37
C THR A 706 48.72 -28.98 23.78
N SER A 707 49.82 -28.22 23.82
CA SER A 707 50.26 -27.48 25.02
C SER A 707 49.16 -26.67 25.76
N ILE A 708 48.28 -26.05 24.97
CA ILE A 708 47.14 -25.27 25.53
C ILE A 708 46.33 -26.10 26.54
N LEU A 709 46.30 -27.41 26.36
CA LEU A 709 45.62 -28.34 27.33
C LEU A 709 46.23 -28.43 28.76
N ASN A 710 47.54 -28.22 28.86
CA ASN A 710 48.24 -28.23 30.13
C ASN A 710 48.28 -26.89 30.87
N GLU A 711 47.86 -25.82 30.21
CA GLU A 711 47.81 -24.52 30.87
C GLU A 711 46.95 -24.58 32.09
N LEU A 712 47.44 -23.94 33.15
CA LEU A 712 46.75 -23.83 34.44
C LEU A 712 45.89 -22.59 34.36
N VAL A 713 44.59 -22.79 34.54
CA VAL A 713 43.62 -21.74 34.34
C VAL A 713 42.60 -21.86 35.43
N ASP A 714 42.18 -20.69 35.90
CA ASP A 714 41.28 -20.55 37.05
C ASP A 714 39.83 -20.75 36.59
N TYR A 715 38.91 -20.72 37.56
CA TYR A 715 37.47 -20.65 37.33
C TYR A 715 36.88 -19.35 37.90
N ARG A 716 35.61 -19.12 37.62
CA ARG A 716 34.84 -18.00 38.19
C ARG A 716 33.66 -18.50 39.03
N THR A 717 33.40 -17.80 40.13
CA THR A 717 32.26 -18.11 41.02
C THR A 717 30.98 -17.62 40.38
N ALA A 718 29.89 -18.30 40.65
CA ALA A 718 28.66 -18.11 39.91
C ALA A 718 28.02 -16.74 40.21
N LYS A 719 27.92 -16.39 41.48
CA LYS A 719 27.18 -15.19 41.90
C LYS A 719 27.99 -13.90 41.79
N ASP A 720 29.28 -14.01 42.12
CA ASP A 720 30.23 -12.88 42.17
C ASP A 720 31.07 -12.67 40.92
N ALA A 721 31.16 -13.69 40.07
CA ALA A 721 32.02 -13.63 38.90
C ALA A 721 33.48 -13.31 39.26
N LEU A 722 33.92 -13.80 40.41
CA LEU A 722 35.32 -13.59 40.84
C LEU A 722 36.16 -14.83 40.65
N PRO A 723 37.48 -14.65 40.34
CA PRO A 723 38.40 -15.76 40.31
C PRO A 723 38.40 -16.56 41.60
N THR A 724 38.35 -17.85 41.42
CA THR A 724 38.22 -18.80 42.47
C THR A 724 39.62 -19.09 43.12
N ASN A 725 40.67 -18.68 42.41
CA ASN A 725 42.06 -19.02 42.73
C ASN A 725 42.29 -20.51 43.07
N GLN A 726 41.65 -21.38 42.32
CA GLN A 726 41.89 -22.83 42.41
C GLN A 726 41.99 -23.34 40.97
N PRO A 727 43.09 -22.99 40.30
CA PRO A 727 43.25 -23.36 38.91
C PRO A 727 43.48 -24.86 38.68
N GLU A 728 43.09 -25.29 37.50
CA GLU A 728 43.38 -26.62 36.99
C GLU A 728 43.78 -26.53 35.53
N THR A 729 44.28 -27.64 35.01
CA THR A 729 44.64 -27.68 33.59
C THR A 729 43.39 -27.51 32.74
N ILE A 730 43.53 -26.88 31.59
CA ILE A 730 42.42 -26.79 30.63
C ILE A 730 41.87 -28.18 30.29
N LEU A 731 42.76 -29.17 30.27
CA LEU A 731 42.30 -30.56 30.09
C LEU A 731 41.25 -30.99 31.13
N ILE A 732 41.52 -30.66 32.38
CA ILE A 732 40.58 -30.98 33.48
C ILE A 732 39.30 -30.08 33.38
N HIS A 733 39.46 -28.81 33.01
CA HIS A 733 38.30 -27.97 32.67
C HIS A 733 37.35 -28.73 31.69
N ILE A 734 37.98 -29.29 30.65
CA ILE A 734 37.29 -29.96 29.59
C ILE A 734 36.59 -31.12 30.18
N LYS A 735 37.31 -31.96 30.90
CA LYS A 735 36.67 -33.13 31.56
C LYS A 735 35.43 -32.78 32.37
N ARG A 736 35.58 -31.75 33.20
CA ARG A 736 34.42 -31.28 33.99
C ARG A 736 33.26 -30.80 33.12
N ALA A 737 33.55 -30.10 32.04
CA ALA A 737 32.47 -29.68 31.12
C ALA A 737 31.72 -30.88 30.48
N VAL A 738 32.50 -31.85 30.06
CA VAL A 738 31.95 -33.09 29.49
C VAL A 738 31.14 -33.91 30.52
N THR A 739 31.57 -33.95 31.77
CA THR A 739 30.71 -34.54 32.81
C THR A 739 29.29 -33.89 32.78
N THR A 740 29.22 -32.55 32.65
CA THR A 740 27.89 -31.87 32.64
C THR A 740 27.03 -32.38 31.48
N ILE A 741 27.71 -32.70 30.38
CA ILE A 741 27.02 -33.14 29.20
C ILE A 741 26.46 -34.51 29.42
N LYS A 742 27.25 -35.39 30.06
CA LYS A 742 26.74 -36.73 30.44
C LYS A 742 25.47 -36.62 31.25
N ASN A 743 25.45 -35.68 32.17
CA ASN A 743 24.27 -35.46 33.05
C ASN A 743 23.06 -34.93 32.30
N ARG A 744 23.21 -34.51 31.04
CA ARG A 744 22.05 -34.02 30.24
C ARG A 744 21.21 -35.13 29.55
N TYR A 745 21.75 -36.35 29.51
CA TYR A 745 21.09 -37.47 28.85
C TYR A 745 19.72 -37.69 29.45
N LEU A 746 18.71 -37.81 28.59
CA LEU A 746 17.38 -38.25 29.04
C LEU A 746 17.51 -39.75 29.38
N SER A 747 16.93 -40.14 30.50
CA SER A 747 17.21 -41.47 31.09
C SER A 747 16.87 -42.56 30.09
N GLY A 748 17.76 -43.55 30.01
CA GLY A 748 17.61 -44.64 29.04
C GLY A 748 18.12 -44.35 27.64
N THR A 749 18.73 -43.16 27.45
CA THR A 749 19.21 -42.68 26.13
C THR A 749 20.53 -41.88 26.24
N ALA A 750 21.07 -41.51 25.09
CA ALA A 750 22.09 -40.43 24.97
C ALA A 750 21.55 -39.15 24.27
N LEU A 751 20.26 -38.91 24.43
CA LEU A 751 19.62 -37.69 23.93
C LEU A 751 19.90 -36.55 24.87
N ILE A 752 20.44 -35.48 24.35
CA ILE A 752 20.82 -34.37 25.17
C ILE A 752 19.62 -33.47 25.46
N SER A 753 19.33 -33.25 26.75
CA SER A 753 18.20 -32.40 27.12
C SER A 753 18.42 -30.95 26.60
N TYR A 754 17.32 -30.32 26.24
CA TYR A 754 17.34 -28.95 25.72
C TYR A 754 17.96 -28.01 26.74
N ALA A 755 17.67 -28.25 28.01
CA ALA A 755 18.01 -27.35 29.13
C ALA A 755 17.62 -25.87 28.80
N GLY A 756 18.53 -24.91 28.98
CA GLY A 756 18.18 -23.49 28.82
C GLY A 756 17.86 -23.07 27.42
N GLY A 757 18.13 -23.97 26.45
CA GLY A 757 17.79 -23.75 25.04
C GLY A 757 18.95 -24.06 24.10
N ASP A 758 18.80 -23.75 22.82
CA ASP A 758 19.88 -23.95 21.87
C ASP A 758 20.29 -22.57 21.30
N TRP A 759 20.89 -22.59 20.13
CA TRP A 759 21.44 -21.42 19.42
C TRP A 759 20.44 -20.27 19.31
N ASP A 760 19.18 -20.61 19.03
CA ASP A 760 18.16 -19.59 18.79
C ASP A 760 17.70 -19.12 20.17
N ASP A 761 18.18 -17.94 20.53
CA ASP A 761 17.85 -17.29 21.80
C ASP A 761 16.36 -16.96 22.01
N THR A 762 15.57 -17.00 20.93
CA THR A 762 14.10 -16.78 21.01
C THR A 762 13.29 -18.08 21.31
N LEU A 763 13.96 -19.24 21.24
CA LEU A 763 13.30 -20.52 21.50
C LEU A 763 13.60 -21.07 22.92
N GLN A 764 13.78 -20.19 23.89
CA GLN A 764 13.90 -20.67 25.31
C GLN A 764 12.63 -21.44 25.70
N PRO A 765 12.81 -22.54 26.45
CA PRO A 765 11.64 -23.35 26.82
C PRO A 765 10.72 -22.53 27.74
N ALA A 766 9.40 -22.60 27.55
CA ALA A 766 8.44 -21.79 28.34
C ALA A 766 8.16 -22.34 29.78
N ASN A 767 8.57 -23.57 30.04
CA ASN A 767 8.41 -24.19 31.37
C ASN A 767 9.47 -25.23 31.60
N SER A 768 9.57 -25.69 32.83
CA SER A 768 10.61 -26.64 33.25
C SER A 768 10.43 -28.05 32.70
N GLU A 769 9.20 -28.44 32.33
CA GLU A 769 8.97 -29.77 31.69
C GLU A 769 9.63 -29.84 30.30
N LEU A 770 9.51 -28.72 29.59
CA LEU A 770 10.16 -28.49 28.29
C LEU A 770 11.67 -28.47 28.37
N LYS A 771 12.17 -27.83 29.40
CA LYS A 771 13.60 -27.79 29.72
C LYS A 771 14.20 -29.19 29.95
N GLU A 772 13.46 -30.05 30.64
CA GLU A 772 13.93 -31.44 30.94
C GLU A 772 13.63 -32.45 29.82
N ASN A 773 12.49 -32.31 29.16
CA ASN A 773 12.07 -33.37 28.25
C ASN A 773 12.09 -33.04 26.77
N LEU A 774 12.44 -31.80 26.41
CA LEU A 774 12.71 -31.47 25.01
C LEU A 774 14.13 -31.88 24.63
N VAL A 775 14.28 -32.31 23.39
CA VAL A 775 15.59 -32.50 22.76
C VAL A 775 15.64 -31.69 21.47
N SER A 776 16.61 -30.79 21.39
CA SER A 776 16.91 -30.13 20.14
C SER A 776 17.82 -31.03 19.28
N ALA A 777 17.33 -31.40 18.12
CA ALA A 777 18.11 -32.17 17.14
C ALA A 777 19.39 -31.44 16.72
N TRP A 778 19.34 -30.11 16.64
CA TRP A 778 20.55 -29.35 16.39
C TRP A 778 21.59 -29.50 17.49
N THR A 779 21.14 -29.32 18.71
CA THR A 779 22.00 -29.52 19.86
C THR A 779 22.61 -30.96 19.86
N GLN A 780 21.79 -31.94 19.56
CA GLN A 780 22.23 -33.30 19.50
C GLN A 780 23.39 -33.41 18.50
N ALA A 781 23.18 -32.84 17.32
CA ALA A 781 24.18 -32.86 16.24
C ALA A 781 25.48 -32.16 16.60
N LEU A 782 25.33 -30.98 17.17
CA LEU A 782 26.48 -30.16 17.57
C LEU A 782 27.28 -30.93 18.64
N ALA A 783 26.58 -31.61 19.53
CA ALA A 783 27.21 -32.38 20.60
C ALA A 783 28.04 -33.53 20.03
N GLU A 784 27.47 -34.22 19.04
CA GLU A 784 28.22 -35.24 18.31
C GLU A 784 29.46 -34.65 17.66
N GLN A 785 29.25 -33.57 16.93
CA GLN A 785 30.34 -32.91 16.22
C GLN A 785 31.46 -32.55 17.17
N THR A 786 31.06 -31.96 18.28
CA THR A 786 32.00 -31.39 19.21
C THR A 786 32.80 -32.52 19.91
N LEU A 787 32.11 -33.54 20.40
CA LEU A 787 32.77 -34.68 21.04
C LEU A 787 33.75 -35.41 20.09
N GLU A 788 33.37 -35.62 18.83
CA GLU A 788 34.35 -36.15 17.79
C GLU A 788 35.58 -35.24 17.57
N LEU A 789 35.35 -33.94 17.41
CA LEU A 789 36.48 -33.02 17.30
C LEU A 789 37.39 -33.13 18.56
N LEU A 790 36.74 -33.22 19.73
CA LEU A 790 37.45 -33.19 20.98
C LEU A 790 38.28 -34.51 21.03
N CYS A 791 37.63 -35.60 20.65
CA CYS A 791 38.25 -36.92 20.57
C CYS A 791 39.57 -36.81 19.83
N SER A 792 39.53 -36.26 18.63
CA SER A 792 40.76 -36.10 17.82
C SER A 792 41.80 -35.17 18.40
N ALA A 793 41.35 -34.03 18.91
CA ALA A 793 42.31 -33.07 19.50
C ALA A 793 43.04 -33.66 20.74
N ILE A 794 42.40 -34.57 21.44
CA ILE A 794 42.86 -35.09 22.72
C ILE A 794 43.54 -36.47 22.62
N LYS A 795 43.36 -37.13 21.48
CA LYS A 795 43.90 -38.48 21.19
C LYS A 795 45.37 -38.71 21.52
N GLY A 796 46.23 -37.75 21.19
CA GLY A 796 47.66 -37.87 21.53
C GLY A 796 48.09 -37.61 22.99
N ILE A 797 47.17 -37.18 23.85
CA ILE A 797 47.49 -36.61 25.17
C ILE A 797 46.94 -37.44 26.32
N ASP A 798 45.70 -37.90 26.17
CA ASP A 798 44.99 -38.66 27.18
C ASP A 798 44.12 -39.69 26.44
N HIS A 799 44.76 -40.82 26.13
CA HIS A 799 44.18 -41.93 25.37
C HIS A 799 42.84 -42.35 25.95
N ASP A 800 42.77 -42.53 27.27
CA ASP A 800 41.56 -42.99 27.93
C ASP A 800 40.35 -42.03 27.77
N PHE A 801 40.59 -40.73 28.00
CA PHE A 801 39.52 -39.71 27.85
C PHE A 801 39.09 -39.62 26.36
N SER A 802 40.06 -39.63 25.48
CA SER A 802 39.81 -39.66 24.03
C SER A 802 38.90 -40.80 23.62
N LYS A 803 39.18 -41.98 24.18
CA LYS A 803 38.34 -43.20 24.04
C LYS A 803 36.94 -43.04 24.59
N GLU A 804 36.83 -42.45 25.77
CA GLU A 804 35.51 -42.15 26.37
C GLU A 804 34.73 -41.15 25.47
N LEU A 805 35.41 -40.14 24.95
CA LEU A 805 34.79 -39.12 24.08
C LEU A 805 34.25 -39.79 22.81
N SER A 806 35.01 -40.75 22.31
CA SER A 806 34.55 -41.55 21.13
C SER A 806 33.25 -42.31 21.38
N HIS A 807 33.20 -42.95 22.52
CA HIS A 807 32.03 -43.70 22.94
C HIS A 807 30.80 -42.81 23.11
N ALA A 809 30.31 -39.84 21.87
CA ALA A 809 29.94 -39.37 20.50
C ALA A 809 29.13 -40.40 19.70
N ASN A 810 29.52 -41.67 19.85
CA ASN A 810 28.80 -42.78 19.19
C ASN A 810 27.43 -42.95 19.78
N ASP A 811 27.33 -42.89 21.11
CA ASP A 811 26.04 -42.96 21.80
C ASP A 811 25.09 -41.83 21.43
N ILE A 812 25.61 -40.62 21.33
CA ILE A 812 24.85 -39.42 20.94
C ILE A 812 24.38 -39.56 19.52
N ARG A 813 25.32 -39.98 18.68
CA ARG A 813 25.06 -40.29 17.25
C ARG A 813 23.97 -41.34 17.10
N THR A 814 24.05 -42.36 17.92
CA THR A 814 23.05 -43.44 17.88
C THR A 814 21.70 -42.92 18.30
N SER A 815 21.68 -42.16 19.39
CA SER A 815 20.43 -41.59 19.83
C SER A 815 19.84 -40.65 18.79
N PHE A 816 20.69 -39.87 18.12
CA PHE A 816 20.22 -38.98 17.04
C PHE A 816 19.43 -39.74 15.93
N TYR A 817 20.07 -40.79 15.42
CA TYR A 817 19.49 -41.69 14.36
C TYR A 817 18.31 -42.53 14.84
N GLN A 818 18.35 -42.96 16.08
CA GLN A 818 17.28 -43.79 16.67
C GLN A 818 15.98 -43.02 16.91
N TYR A 819 16.13 -41.79 17.40
CA TYR A 819 14.96 -40.98 17.91
C TYR A 819 14.51 -39.77 17.14
N LEU A 820 15.44 -39.09 16.48
CA LEU A 820 15.17 -37.73 15.94
C LEU A 820 14.94 -37.70 14.43
N ILE A 821 14.92 -38.86 13.80
CA ILE A 821 14.65 -38.96 12.38
C ILE A 821 13.41 -39.81 12.14
N LYS A 822 12.43 -39.26 11.44
CA LYS A 822 11.30 -40.06 11.00
C LYS A 822 10.93 -39.71 9.59
N ASP A 823 10.67 -40.78 8.82
CA ASP A 823 10.34 -40.70 7.38
C ASP A 823 11.35 -39.90 6.59
N GLY A 824 12.61 -40.05 6.97
CA GLY A 824 13.72 -39.34 6.32
C GLY A 824 13.92 -37.85 6.71
N VAL A 825 12.99 -37.31 7.48
CA VAL A 825 13.03 -35.97 8.00
C VAL A 825 13.52 -35.94 9.44
N ILE A 826 14.62 -35.19 9.68
CA ILE A 826 15.10 -34.88 11.02
C ILE A 826 14.11 -33.91 11.67
N ALA A 827 13.60 -34.30 12.85
CA ALA A 827 12.65 -33.44 13.58
C ALA A 827 13.45 -32.27 14.14
N GLY A 828 12.82 -31.11 14.24
CA GLY A 828 13.45 -30.01 14.99
C GLY A 828 13.65 -30.39 16.46
N PHE A 829 12.63 -31.00 17.04
CA PHE A 829 12.61 -31.33 18.43
C PHE A 829 11.91 -32.67 18.69
N LEU A 830 12.37 -33.34 19.75
CA LEU A 830 11.63 -34.43 20.36
C LEU A 830 11.19 -34.04 21.76
N TYR A 831 9.94 -34.30 22.10
CA TYR A 831 9.46 -34.15 23.46
C TYR A 831 9.30 -35.56 24.00
N ARG A 832 10.10 -35.91 24.99
CA ARG A 832 10.13 -37.27 25.58
C ARG A 832 9.96 -37.29 27.11
N GLU A 833 8.78 -37.68 27.58
CA GLU A 833 8.56 -38.00 29.02
C GLU A 833 9.14 -39.36 29.36
N SER A 834 8.98 -40.30 28.44
CA SER A 834 9.47 -41.67 28.60
C SER A 834 9.51 -42.34 27.23
N GLU A 835 9.95 -43.59 27.17
CA GLU A 835 9.90 -44.35 25.92
C GLU A 835 8.44 -44.46 25.40
N GLU A 836 7.49 -44.48 26.32
CA GLU A 836 6.07 -44.66 25.98
C GLU A 836 5.36 -43.37 25.56
N HIS A 837 5.87 -42.25 26.00
CA HIS A 837 5.29 -40.96 25.66
C HIS A 837 6.39 -40.11 24.97
N LYS A 839 6.91 -37.42 21.35
CA LYS A 839 6.33 -36.73 20.22
C LYS A 839 7.28 -35.72 19.60
N TYR A 840 7.07 -35.52 18.32
CA TYR A 840 7.86 -34.58 17.54
C TYR A 840 7.27 -33.20 17.52
N LEU A 842 8.17 -29.56 15.12
CA LEU A 842 8.87 -29.06 13.92
C LEU A 842 9.28 -30.28 13.09
N HIS A 843 8.27 -31.07 12.79
CA HIS A 843 8.39 -32.26 12.00
C HIS A 843 6.98 -32.44 11.36
N PRO A 844 6.88 -33.03 10.17
CA PRO A 844 5.55 -33.18 9.49
C PRO A 844 4.46 -33.95 10.30
N ASP A 845 4.92 -34.94 11.11
CA ASP A 845 4.10 -35.69 12.08
C ASP A 845 3.35 -34.80 13.05
N ASP A 846 3.86 -33.60 13.37
CA ASP A 846 3.16 -32.67 14.29
C ASP A 846 2.04 -31.96 13.54
N THR A 847 1.02 -32.75 13.17
CA THR A 847 -0.08 -32.31 12.29
C THR A 847 -0.92 -31.21 12.88
N GLU A 848 -1.05 -31.16 14.21
CA GLU A 848 -1.78 -30.07 14.87
C GLU A 848 -1.10 -28.70 14.62
N SER A 849 0.23 -28.72 14.59
CA SER A 849 1.08 -27.53 14.42
C SER A 849 1.02 -26.99 13.01
N SER A 850 1.20 -25.68 12.89
CA SER A 850 1.48 -25.04 11.61
C SER A 850 2.98 -25.14 11.22
N ILE A 851 3.84 -25.59 12.13
CA ILE A 851 5.29 -25.70 11.85
C ILE A 851 5.77 -27.11 11.70
N HIS A 852 6.32 -27.41 10.51
CA HIS A 852 6.74 -28.78 10.16
C HIS A 852 8.18 -29.03 9.84
N TYR A 853 8.95 -27.97 9.64
CA TYR A 853 10.40 -28.14 9.32
C TYR A 853 11.29 -27.14 10.01
N ARG A 854 12.44 -27.58 10.50
CA ARG A 854 13.48 -26.69 11.06
C ARG A 854 14.75 -26.74 10.25
N LEU A 855 15.34 -25.57 9.98
CA LEU A 855 16.61 -25.54 9.26
C LEU A 855 17.80 -26.11 9.98
N LEU A 856 17.94 -25.73 11.24
CA LEU A 856 19.20 -25.87 11.94
C LEU A 856 19.78 -27.30 11.95
N PRO A 857 18.97 -28.30 12.40
CA PRO A 857 19.44 -29.69 12.40
C PRO A 857 19.87 -30.14 10.99
N LEU A 858 19.21 -29.62 9.98
CA LEU A 858 19.53 -30.03 8.62
C LEU A 858 20.92 -29.59 8.16
N THR A 859 21.26 -28.33 8.41
CA THR A 859 22.63 -27.84 8.12
C THR A 859 23.72 -28.44 9.04
N ARG A 860 23.45 -28.46 10.34
CA ARG A 860 24.48 -28.85 11.27
C ARG A 860 24.85 -30.29 10.96
N SER A 861 23.86 -31.14 10.70
CA SER A 861 24.16 -32.57 10.51
C SER A 861 25.02 -32.79 9.27
N ILE A 862 24.92 -31.91 8.28
CA ILE A 862 25.79 -31.91 7.10
C ILE A 862 27.20 -31.38 7.46
N ILE A 863 27.22 -30.24 8.14
CA ILE A 863 28.49 -29.61 8.51
C ILE A 863 29.33 -30.63 9.29
N ALA A 864 28.72 -31.35 10.21
CA ALA A 864 29.41 -32.27 11.08
C ALA A 864 29.79 -33.61 10.40
N GLN A 865 29.33 -33.79 9.17
CA GLN A 865 29.45 -35.05 8.46
C GLN A 865 28.76 -36.18 9.26
N LEU A 866 27.66 -35.80 9.93
CA LEU A 866 26.89 -36.72 10.78
C LEU A 866 25.82 -37.39 9.96
N ALA A 867 25.22 -36.60 9.09
CA ALA A 867 24.18 -37.09 8.16
C ALA A 867 24.85 -37.89 7.05
N ASP A 868 24.39 -39.14 6.89
CA ASP A 868 24.89 -39.98 5.81
C ASP A 868 24.48 -39.30 4.47
N PHE A 869 25.19 -39.66 3.41
CA PHE A 869 25.01 -39.02 2.09
C PHE A 869 23.53 -38.91 1.69
N LYS A 870 22.76 -39.98 1.91
CA LYS A 870 21.33 -40.01 1.48
C LYS A 870 20.51 -39.07 2.36
N LEU A 871 20.76 -39.11 3.67
CA LEU A 871 20.03 -38.19 4.56
C LEU A 871 20.32 -36.68 4.20
N ALA A 872 21.61 -36.40 4.02
CA ALA A 872 22.08 -35.08 3.69
C ALA A 872 21.38 -34.61 2.44
N THR A 873 21.28 -35.50 1.45
CA THR A 873 20.66 -35.16 0.19
C THR A 873 19.20 -34.74 0.41
N ARG A 874 18.53 -35.51 1.25
CA ARG A 874 17.19 -35.26 1.68
C ARG A 874 17.04 -33.87 2.36
N ASN A 875 17.94 -33.60 3.31
CA ASN A 875 18.04 -32.31 4.01
C ASN A 875 18.00 -31.15 3.05
N LEU A 876 18.73 -31.27 1.98
CA LEU A 876 18.75 -30.24 0.93
C LEU A 876 17.46 -30.09 0.19
N GLU A 877 16.84 -31.20 -0.15
CA GLU A 877 15.52 -31.15 -0.79
C GLU A 877 14.52 -30.52 0.13
N ILE A 878 14.57 -30.82 1.44
CA ILE A 878 13.66 -30.19 2.41
C ILE A 878 13.87 -28.66 2.40
N ILE A 879 15.14 -28.24 2.50
CA ILE A 879 15.47 -26.83 2.47
C ILE A 879 14.90 -26.18 1.24
N ASP A 880 15.18 -26.77 0.09
CA ASP A 880 14.70 -26.24 -1.19
C ASP A 880 13.18 -26.07 -1.26
N GLU A 881 12.47 -27.07 -0.81
CA GLU A 881 11.04 -27.07 -1.00
C GLU A 881 10.31 -26.19 0.03
N HIS A 882 10.81 -26.17 1.25
CA HIS A 882 10.10 -25.59 2.39
C HIS A 882 10.77 -24.42 3.10
N LEU A 883 12.07 -24.25 2.91
CA LEU A 883 12.84 -23.19 3.63
C LEU A 883 13.44 -22.11 2.74
N ALA A 884 13.84 -22.46 1.52
CA ALA A 884 14.52 -21.55 0.65
C ALA A 884 13.62 -20.39 0.17
N CYS A 885 14.11 -19.16 0.29
CA CYS A 885 13.45 -17.94 -0.21
C CYS A 885 14.46 -17.08 -1.02
N PRO A 886 13.99 -16.08 -1.78
CA PRO A 886 14.89 -15.21 -2.54
C PRO A 886 15.83 -14.38 -1.70
N ASP A 887 15.46 -14.11 -0.43
CA ASP A 887 16.36 -13.43 0.50
C ASP A 887 17.23 -14.36 1.38
N GLY A 888 17.16 -15.66 1.13
CA GLY A 888 17.96 -16.68 1.81
C GLY A 888 17.12 -17.78 2.36
N VAL A 889 17.75 -18.72 3.06
CA VAL A 889 17.00 -19.84 3.67
C VAL A 889 16.45 -19.45 5.02
N ARG A 890 15.21 -19.89 5.28
CA ARG A 890 14.53 -19.61 6.54
C ARG A 890 14.64 -20.70 7.63
N LEU A 891 14.48 -20.25 8.86
CA LEU A 891 14.82 -21.07 10.06
C LEU A 891 13.79 -22.17 10.27
N ASP A 893 9.58 -23.42 8.52
CA ASP A 893 8.67 -23.24 7.36
C ASP A 893 7.41 -22.47 7.64
N HIS A 894 7.32 -21.96 8.85
CA HIS A 894 6.15 -21.18 9.29
C HIS A 894 6.58 -20.47 10.55
N PRO A 895 6.05 -19.27 10.82
CA PRO A 895 6.39 -18.58 12.06
C PRO A 895 5.98 -19.31 13.30
N ALA A 896 6.64 -18.95 14.39
CA ALA A 896 6.22 -19.39 15.69
C ALA A 896 4.84 -18.87 16.04
N SER A 897 4.23 -19.43 17.09
CA SER A 897 2.87 -19.02 17.50
C SER A 897 2.89 -17.61 17.97
N TYR A 898 1.83 -16.90 17.69
CA TYR A 898 1.56 -15.66 18.34
C TYR A 898 0.07 -15.56 18.59
N SER A 899 -0.30 -15.37 19.87
CA SER A 899 -1.70 -15.27 20.28
C SER A 899 -1.91 -14.19 21.32
N GLY A 900 -1.43 -12.97 21.02
CA GLY A 900 -1.55 -11.81 21.90
C GLY A 900 -0.37 -11.64 22.86
N GLY A 901 0.63 -12.47 22.73
CA GLY A 901 1.87 -12.26 23.45
C GLY A 901 2.23 -13.26 24.53
N ILE A 902 1.33 -14.18 24.83
CA ILE A 902 1.58 -15.19 25.89
C ILE A 902 2.30 -16.40 25.29
N SER A 903 3.33 -16.87 26.00
CA SER A 903 4.11 -18.05 25.57
C SER A 903 3.49 -19.38 26.04
N LYS A 904 3.48 -20.35 25.16
CA LYS A 904 3.03 -21.71 25.45
C LYS A 904 4.18 -22.68 25.38
N ILE A 905 4.97 -22.62 24.32
CA ILE A 905 6.15 -23.51 24.19
C ILE A 905 7.49 -22.77 24.18
N PHE A 906 7.60 -21.76 23.33
CA PHE A 906 8.82 -20.93 23.25
C PHE A 906 8.59 -19.55 23.81
N LEU A 907 9.62 -18.99 24.45
CA LEU A 907 9.49 -17.70 25.12
C LEU A 907 9.44 -16.51 24.15
N ARG A 908 10.59 -15.95 23.77
CA ARG A 908 10.56 -14.67 23.03
C ARG A 908 10.01 -14.86 21.62
N ALA A 909 10.19 -16.03 21.02
CA ALA A 909 9.58 -16.33 19.69
C ALA A 909 8.06 -16.15 19.63
N GLU A 910 7.40 -16.36 20.74
CA GLU A 910 5.94 -16.20 20.81
C GLU A 910 5.50 -14.88 21.42
N GLN A 911 6.46 -14.14 21.93
CA GLN A 911 6.18 -12.88 22.57
C GLN A 911 6.44 -11.67 21.72
N ALA A 912 7.31 -11.82 20.71
CA ALA A 912 7.72 -10.73 19.84
C ALA A 912 6.58 -10.24 18.97
N ALA A 913 6.21 -9.00 19.17
CA ALA A 913 5.12 -8.39 18.39
C ALA A 913 5.64 -8.00 17.03
N ASN A 914 6.95 -7.76 16.97
CA ASN A 914 7.58 -7.28 15.80
C ASN A 914 8.09 -8.43 14.93
N VAL A 915 7.86 -8.35 13.63
CA VAL A 915 8.49 -9.28 12.70
C VAL A 915 9.91 -8.78 12.37
N GLY A 916 10.87 -9.34 13.10
CA GLY A 916 12.26 -8.93 13.00
C GLY A 916 13.16 -9.93 13.70
N ARG A 917 14.46 -9.65 13.63
CA ARG A 917 15.44 -10.46 14.36
C ARG A 917 15.20 -11.97 14.04
N GLU A 918 15.32 -12.88 15.00
CA GLU A 918 15.13 -14.31 14.70
C GLU A 918 13.70 -14.66 14.20
N ILE A 919 12.73 -13.84 14.66
CA ILE A 919 11.32 -14.00 14.38
C ILE A 919 11.04 -13.81 12.86
N SER A 920 11.86 -13.03 12.22
CA SER A 920 11.88 -12.93 10.76
C SER A 920 12.09 -14.22 10.04
N LEU A 921 12.71 -15.16 10.73
CA LEU A 921 13.00 -16.50 10.21
C LEU A 921 14.14 -16.53 9.17
N GLN A 922 14.74 -15.37 8.86
CA GLN A 922 15.93 -15.35 8.09
C GLN A 922 16.93 -14.57 8.88
N TYR A 923 17.58 -15.30 9.75
CA TYR A 923 18.66 -14.74 10.53
C TYR A 923 19.92 -15.19 9.80
N VAL A 924 20.67 -14.20 9.38
CA VAL A 924 21.68 -14.36 8.43
C VAL A 924 22.74 -15.31 8.87
N HIS A 925 23.10 -15.29 10.12
CA HIS A 925 24.06 -16.24 10.63
C HIS A 925 23.71 -17.68 10.27
N ALA A 926 22.45 -18.05 10.43
CA ALA A 926 22.04 -19.43 10.11
C ALA A 926 22.09 -19.71 8.59
N HIS A 927 21.81 -18.68 7.78
CA HIS A 927 22.01 -18.78 6.34
C HIS A 927 23.48 -19.06 5.96
N ILE A 928 24.40 -18.43 6.72
CA ILE A 928 25.81 -18.59 6.52
C ILE A 928 26.19 -20.05 6.89
N ARG A 929 25.62 -20.60 7.93
CA ARG A 929 25.81 -22.05 8.17
C ARG A 929 25.27 -22.95 7.05
N TYR A 930 24.21 -22.50 6.37
CA TYR A 930 23.69 -23.21 5.27
C TYR A 930 24.74 -23.24 4.17
N ILE A 931 25.40 -22.09 3.97
CA ILE A 931 26.55 -22.00 3.06
C ILE A 931 27.66 -22.97 3.43
N GLU A 932 28.05 -23.02 4.68
CA GLU A 932 29.04 -23.97 5.14
C GLU A 932 28.65 -25.44 4.80
N ALA A 933 27.37 -25.76 5.00
CA ALA A 933 26.89 -27.11 4.68
C ALA A 933 26.94 -27.36 3.14
N LEU A 934 26.53 -26.39 2.34
CA LEU A 934 26.69 -26.50 0.91
C LEU A 934 28.16 -26.71 0.44
N ALA A 935 29.08 -26.03 1.11
CA ALA A 935 30.47 -26.15 0.79
C ALA A 935 30.93 -27.54 1.17
N THR A 936 30.62 -27.96 2.37
CA THR A 936 30.83 -29.37 2.76
C THR A 936 30.40 -30.39 1.67
N GLY A 938 30.03 -29.70 -1.57
CA GLY A 938 30.64 -29.31 -2.84
C GLY A 938 29.65 -28.65 -3.76
N LEU A 939 28.59 -28.08 -3.23
CA LEU A 939 27.56 -27.56 -4.12
C LEU A 939 27.81 -26.09 -4.43
N SER A 940 28.62 -25.89 -5.44
CA SER A 940 29.27 -24.58 -5.62
C SER A 940 28.30 -23.55 -6.13
N LYS A 941 27.33 -23.95 -6.94
CA LYS A 941 26.43 -23.00 -7.57
C LYS A 941 25.41 -22.48 -6.50
N LYS A 942 24.85 -23.38 -5.77
CA LYS A 942 24.03 -23.00 -4.61
C LYS A 942 24.81 -22.18 -3.54
N ALA A 943 26.02 -22.61 -3.24
CA ALA A 943 26.86 -21.94 -2.22
C ALA A 943 27.19 -20.49 -2.57
N TRP A 944 27.64 -20.27 -3.81
CA TRP A 944 27.99 -18.91 -4.31
C TRP A 944 26.72 -18.06 -4.46
N ASP A 945 25.60 -18.68 -4.91
CA ASP A 945 24.34 -17.94 -5.00
C ASP A 945 23.87 -17.52 -3.57
N ALA A 946 23.92 -18.46 -2.67
CA ALA A 946 23.65 -18.19 -1.26
C ALA A 946 24.55 -17.07 -0.66
N LEU A 947 25.81 -17.09 -1.04
CA LEU A 947 26.74 -16.06 -0.56
C LEU A 947 26.29 -14.67 -1.02
N ARG A 949 23.20 -13.72 -1.90
CA ARG A 949 21.85 -13.39 -1.40
C ARG A 949 21.85 -12.57 -0.14
N ILE A 950 22.94 -12.65 0.62
CA ILE A 950 23.09 -11.93 1.87
C ILE A 950 24.26 -10.96 1.82
N ASN A 951 24.74 -10.72 0.66
CA ASN A 951 25.76 -9.72 0.44
C ASN A 951 25.11 -8.33 0.15
N PRO A 952 25.44 -7.33 0.97
CA PRO A 952 24.76 -6.03 0.95
C PRO A 952 25.09 -5.19 -0.24
N ILE A 953 26.19 -5.53 -0.90
CA ILE A 953 26.61 -4.73 -2.07
C ILE A 953 25.69 -5.09 -3.25
N LEU A 954 25.00 -4.06 -3.73
CA LEU A 954 24.02 -4.18 -4.82
C LEU A 954 22.96 -5.28 -4.60
N LEU A 955 22.44 -5.30 -3.39
CA LEU A 955 21.60 -6.41 -2.93
C LEU A 955 20.30 -6.40 -3.68
N THR A 956 19.82 -5.18 -3.96
CA THR A 956 18.54 -5.03 -4.56
C THR A 956 18.54 -5.54 -5.98
N ASP A 957 19.69 -5.50 -6.64
CA ASP A 957 19.80 -6.04 -8.00
C ASP A 957 19.84 -7.54 -7.98
N TYR A 958 20.37 -8.11 -6.92
CA TYR A 958 20.46 -9.55 -6.78
C TYR A 958 19.13 -10.13 -6.31
N VAL A 959 18.54 -9.54 -5.26
CA VAL A 959 17.32 -10.05 -4.64
C VAL A 959 16.26 -8.94 -4.87
N PRO A 960 15.40 -9.07 -5.89
CA PRO A 960 14.52 -7.99 -6.33
C PRO A 960 13.51 -7.51 -5.30
N ASN A 961 13.10 -8.38 -4.37
CA ASN A 961 12.18 -7.95 -3.31
C ASN A 961 12.91 -7.42 -2.09
N ALA A 962 14.24 -7.33 -2.15
CA ALA A 962 14.96 -6.79 -1.02
C ALA A 962 14.95 -5.25 -1.09
N LEU A 963 14.66 -4.62 0.06
CA LEU A 963 14.76 -3.19 0.18
C LEU A 963 16.21 -2.83 0.47
N THR A 964 16.66 -1.71 -0.08
CA THR A 964 18.07 -1.32 0.07
C THR A 964 18.37 -0.98 1.52
N ARG A 965 19.63 -1.10 1.84
CA ARG A 965 20.14 -0.92 3.19
C ARG A 965 21.60 -0.56 3.08
N GLN A 966 22.19 -0.08 4.16
CA GLN A 966 23.61 0.28 4.18
C GLN A 966 24.44 -0.83 3.55
N SER A 967 25.29 -0.48 2.61
CA SER A 967 25.97 -1.49 1.80
C SER A 967 27.34 -1.97 2.28
N ASN A 968 27.86 -1.34 3.32
CA ASN A 968 29.24 -1.62 3.85
C ASN A 968 29.23 -2.10 5.26
N VAL A 969 28.13 -2.72 5.64
CA VAL A 969 27.99 -3.25 6.98
C VAL A 969 27.14 -4.50 6.91
N TYR A 970 27.41 -5.43 7.81
CA TYR A 970 26.62 -6.64 7.95
C TYR A 970 25.22 -6.39 8.52
N PHE A 971 24.20 -6.95 7.87
CA PHE A 971 22.84 -6.99 8.35
C PHE A 971 22.46 -8.42 8.83
N SER A 972 21.92 -8.46 10.06
CA SER A 972 21.73 -9.64 10.85
C SER A 972 20.48 -10.43 10.50
N SER A 973 19.56 -9.83 9.78
CA SER A 973 18.31 -10.50 9.49
C SER A 973 17.68 -9.89 8.31
N SER A 974 16.82 -10.69 7.69
CA SER A 974 15.98 -10.22 6.62
C SER A 974 14.53 -10.50 6.86
N GLU A 975 13.71 -9.48 6.95
CA GLU A 975 12.31 -9.64 7.40
C GLU A 975 11.31 -9.12 6.40
N GLY A 976 10.26 -9.91 6.16
CA GLY A 976 9.12 -9.45 5.40
C GLY A 976 8.53 -8.16 6.01
N CYS A 977 8.12 -7.23 5.16
CA CYS A 977 7.42 -5.98 5.56
C CYS A 977 5.98 -6.25 6.01
N PHE A 978 5.83 -7.03 7.09
CA PHE A 978 4.56 -7.33 7.71
C PHE A 978 4.43 -6.45 8.96
N ASP A 979 3.24 -5.84 9.13
CA ASP A 979 2.96 -4.92 10.23
C ASP A 979 2.72 -5.62 11.56
N ASP A 980 2.33 -6.88 11.51
CA ASP A 980 2.07 -7.65 12.73
C ASP A 980 2.27 -9.14 12.53
N ARG A 981 2.35 -9.87 13.64
CA ARG A 981 2.52 -11.33 13.62
C ARG A 981 1.39 -12.10 12.90
N TYR A 982 0.19 -11.52 12.89
CA TYR A 982 -0.99 -12.23 12.37
C TYR A 982 -0.98 -12.20 10.88
N GLU A 983 -0.67 -11.03 10.31
CA GLU A 983 -0.50 -10.92 8.86
C GLU A 983 0.68 -11.80 8.40
N TYR A 984 1.73 -11.80 9.21
CA TYR A 984 2.97 -12.59 8.92
C TYR A 984 2.62 -14.08 8.71
N ALA A 985 1.96 -14.64 9.71
CA ALA A 985 1.43 -16.04 9.69
C ALA A 985 0.52 -16.33 8.46
N LYS A 986 -0.42 -15.44 8.24
CA LYS A 986 -1.39 -15.56 7.16
C LYS A 986 -0.79 -15.50 5.77
N ASN A 987 0.18 -14.61 5.58
CA ASN A 987 0.74 -14.45 4.23
C ASN A 987 2.22 -14.80 4.13
N PHE A 988 2.61 -15.74 4.97
CA PHE A 988 4.01 -16.17 5.09
C PHE A 988 4.55 -16.60 3.75
N ASP A 989 3.73 -17.27 2.97
CA ASP A 989 4.14 -17.80 1.67
C ASP A 989 4.64 -16.73 0.67
N LYS A 990 4.18 -15.49 0.84
CA LYS A 990 4.77 -14.38 0.10
C LYS A 990 6.33 -14.29 0.13
N LEU A 991 6.91 -14.74 1.26
CA LEU A 991 8.32 -14.74 1.47
C LEU A 991 8.99 -15.75 0.53
N ARG A 992 8.36 -16.90 0.32
CA ARG A 992 8.91 -17.94 -0.57
C ARG A 992 8.93 -17.46 -2.01
N THR A 993 7.92 -16.72 -2.40
CA THR A 993 7.74 -16.37 -3.82
C THR A 993 8.27 -14.98 -4.12
N GLY A 994 8.70 -14.23 -3.11
CA GLY A 994 9.20 -12.83 -3.35
C GLY A 994 8.09 -11.80 -3.62
N ASP A 995 6.88 -12.10 -3.18
CA ASP A 995 5.71 -11.26 -3.38
C ASP A 995 5.42 -10.35 -2.19
N ILE A 996 6.32 -10.35 -1.22
CA ILE A 996 6.41 -9.26 -0.26
C ILE A 996 7.85 -8.68 -0.22
N ASN A 997 7.98 -7.37 -0.01
CA ASN A 997 9.30 -6.76 0.26
C ASN A 997 9.92 -7.23 1.57
N VAL A 998 11.24 -7.34 1.59
CA VAL A 998 12.00 -7.66 2.81
C VAL A 998 13.07 -6.61 3.12
N LYS A 999 13.35 -6.43 4.40
CA LYS A 999 14.17 -5.32 4.85
C LYS A 999 15.11 -5.85 5.88
N GLY A 1000 16.17 -5.11 6.07
CA GLY A 1000 17.29 -5.53 6.81
C GLY A 1000 17.11 -5.26 8.28
N GLY A 1001 17.72 -6.14 9.04
CA GLY A 1001 17.74 -6.12 10.51
C GLY A 1001 18.93 -5.38 11.11
N TRP A 1002 19.20 -5.70 12.34
CA TRP A 1002 20.19 -5.01 13.12
C TRP A 1002 21.55 -5.20 12.49
N ARG A 1003 22.36 -4.14 12.54
CA ARG A 1003 23.66 -4.07 11.85
C ARG A 1003 24.86 -4.35 12.71
N LEU A 1004 25.85 -4.96 12.06
CA LEU A 1004 27.27 -4.94 12.53
C LEU A 1004 27.57 -6.01 13.51
N TYR A 1005 26.94 -5.93 14.67
CA TYR A 1005 27.25 -6.78 15.78
C TYR A 1005 26.61 -8.14 15.56
N SER A 1006 27.48 -9.11 15.32
CA SER A 1006 27.06 -10.47 15.01
C SER A 1006 28.34 -11.30 14.77
N SER A 1007 28.19 -12.62 14.89
CA SER A 1007 29.24 -13.54 14.51
C SER A 1007 29.25 -13.69 12.98
N GLY A 1008 28.18 -13.23 12.33
CA GLY A 1008 28.04 -13.36 10.92
C GLY A 1008 29.22 -12.89 10.10
N PRO A 1009 29.74 -11.65 10.36
CA PRO A 1009 30.84 -11.14 9.56
C PRO A 1009 32.06 -12.07 9.58
N GLY A 1010 32.49 -12.47 10.76
CA GLY A 1010 33.55 -13.46 10.88
C GLY A 1010 33.34 -14.81 10.23
N ILE A 1011 32.15 -15.39 10.42
CA ILE A 1011 31.88 -16.69 9.84
C ILE A 1011 31.62 -16.62 8.31
N TYR A 1012 31.13 -15.47 7.84
CA TYR A 1012 31.10 -15.18 6.38
C TYR A 1012 32.47 -15.17 5.73
N ILE A 1013 33.42 -14.53 6.42
CA ILE A 1013 34.79 -14.45 6.01
C ILE A 1013 35.35 -15.84 5.92
N ARG A 1014 35.09 -16.65 6.91
CA ARG A 1014 35.55 -18.03 6.92
C ARG A 1014 34.89 -18.84 5.79
N ARG A 1015 33.60 -18.65 5.57
CA ARG A 1015 32.99 -19.24 4.38
C ARG A 1015 33.69 -18.89 3.06
N ILE A 1016 33.91 -17.58 2.81
CA ILE A 1016 34.55 -17.11 1.58
C ILE A 1016 35.92 -17.78 1.36
N ILE A 1017 36.76 -17.67 2.35
CA ILE A 1017 38.16 -18.00 2.22
C ILE A 1017 38.40 -19.50 2.45
N ALA A 1018 37.92 -20.02 3.56
CA ALA A 1018 38.15 -21.43 3.96
C ALA A 1018 37.34 -22.45 3.18
N ASP A 1019 36.07 -22.13 2.96
CA ASP A 1019 35.14 -23.16 2.43
C ASP A 1019 34.89 -23.13 0.93
N LEU A 1020 34.92 -21.92 0.35
CA LEU A 1020 34.58 -21.71 -1.01
C LEU A 1020 35.84 -21.49 -1.90
N LEU A 1021 36.64 -20.47 -1.59
CA LEU A 1021 37.94 -20.33 -2.20
C LEU A 1021 38.86 -21.51 -1.75
N GLY A 1022 38.61 -22.03 -0.57
CA GLY A 1022 39.11 -23.37 -0.15
C GLY A 1022 40.50 -23.41 0.38
N ILE A 1023 40.95 -22.29 0.96
CA ILE A 1023 42.26 -22.19 1.57
C ILE A 1023 42.16 -22.27 3.08
N ARG A 1024 42.62 -23.40 3.63
CA ARG A 1024 42.62 -23.64 5.06
C ARG A 1024 43.96 -24.08 5.65
N PHE A 1025 44.20 -23.73 6.90
CA PHE A 1025 45.44 -24.01 7.57
C PHE A 1025 45.27 -25.12 8.60
N GLY A 1026 46.28 -25.99 8.64
CA GLY A 1026 46.33 -27.18 9.50
C GLY A 1026 47.71 -27.27 10.18
N HIS A 1027 47.92 -28.33 10.97
CA HIS A 1027 49.21 -28.49 11.66
C HIS A 1027 50.31 -28.75 10.63
N ASN A 1028 51.12 -27.72 10.35
CA ASN A 1028 52.20 -27.76 9.36
C ASN A 1028 51.76 -28.25 7.97
N VAL A 1029 50.51 -27.96 7.67
CA VAL A 1029 49.92 -28.29 6.38
C VAL A 1029 49.03 -27.16 5.94
N ILE A 1030 48.77 -27.16 4.65
CA ILE A 1030 47.80 -26.27 4.03
C ILE A 1030 46.83 -27.20 3.34
N HIS A 1031 45.54 -26.91 3.51
CA HIS A 1031 44.46 -27.62 2.82
C HIS A 1031 43.96 -26.72 1.70
N ILE A 1032 43.89 -27.30 0.51
CA ILE A 1032 43.31 -26.68 -0.62
C ILE A 1032 42.10 -27.53 -1.03
N ASP A 1033 40.90 -26.97 -0.83
CA ASP A 1033 39.64 -27.68 -1.07
C ASP A 1033 38.54 -26.74 -1.60
N PRO A 1034 38.73 -26.16 -2.81
CA PRO A 1034 37.85 -25.13 -3.27
C PRO A 1034 36.56 -25.71 -3.68
N VAL A 1035 35.50 -24.92 -3.52
CA VAL A 1035 34.13 -25.22 -3.97
C VAL A 1035 33.75 -23.93 -4.71
N VAL A 1036 34.07 -23.93 -6.00
CA VAL A 1036 33.94 -22.76 -6.83
C VAL A 1036 33.14 -23.07 -8.10
N THR A 1037 32.58 -22.03 -8.71
CA THR A 1037 31.79 -22.16 -9.94
C THR A 1037 32.70 -21.90 -11.13
N LYS A 1038 32.21 -22.22 -12.31
CA LYS A 1038 32.94 -21.96 -13.57
C LYS A 1038 33.29 -20.48 -13.71
N GLU A 1039 32.47 -19.62 -13.14
CA GLU A 1039 32.71 -18.18 -13.13
C GLU A 1039 34.07 -17.77 -12.51
N LEU A 1040 34.56 -18.53 -11.52
CA LEU A 1040 35.90 -18.31 -10.95
C LEU A 1040 37.09 -18.93 -11.74
N ASP A 1041 36.78 -19.58 -12.86
CA ASP A 1041 37.80 -20.05 -13.75
C ASP A 1041 38.59 -18.86 -14.29
N GLY A 1042 39.90 -18.90 -14.08
CA GLY A 1042 40.77 -17.83 -14.54
C GLY A 1042 40.96 -16.68 -13.58
N VAL A 1043 40.29 -16.77 -12.42
CA VAL A 1043 40.34 -15.73 -11.41
C VAL A 1043 41.41 -16.15 -10.46
N THR A 1044 42.15 -15.17 -9.93
CA THR A 1044 43.25 -15.43 -8.96
C THR A 1044 42.98 -14.79 -7.64
N LEU A 1045 43.27 -15.55 -6.59
CA LEU A 1045 43.31 -15.05 -5.23
C LEU A 1045 44.73 -14.78 -4.77
N GLN A 1046 44.98 -13.54 -4.42
CA GLN A 1046 46.13 -13.18 -3.57
C GLN A 1046 45.81 -13.46 -2.11
N PHE A 1047 46.66 -14.23 -1.47
CA PHE A 1047 46.53 -14.56 -0.06
C PHE A 1047 47.88 -14.88 0.54
N THR A 1048 48.12 -14.37 1.75
CA THR A 1048 49.34 -14.60 2.47
C THR A 1048 49.11 -15.81 3.29
N CYS A 1049 49.98 -16.81 3.10
CA CYS A 1049 49.95 -18.10 3.76
C CYS A 1049 51.27 -18.40 4.49
N PHE A 1050 51.19 -18.72 5.79
CA PHE A 1050 52.37 -18.94 6.60
C PHE A 1050 53.38 -17.78 6.50
N GLY A 1051 52.88 -16.56 6.39
CA GLY A 1051 53.73 -15.39 6.22
C GLY A 1051 54.21 -15.10 4.81
N LYS A 1052 53.87 -15.95 3.84
CA LYS A 1052 54.27 -15.75 2.41
C LYS A 1052 53.11 -15.46 1.47
N THR A 1053 53.17 -14.33 0.78
CA THR A 1053 52.13 -13.94 -0.15
C THR A 1053 52.18 -14.83 -1.38
N VAL A 1054 51.05 -15.43 -1.76
CA VAL A 1054 50.99 -16.30 -2.95
C VAL A 1054 49.78 -15.97 -3.73
N PHE A 1055 49.75 -16.49 -4.93
CA PHE A 1055 48.67 -16.20 -5.86
C PHE A 1055 48.05 -17.52 -6.36
N PHE A 1056 46.82 -17.74 -5.94
CA PHE A 1056 46.08 -18.97 -6.28
C PHE A 1056 45.24 -18.69 -7.51
N THR A 1057 45.57 -19.31 -8.65
CA THR A 1057 44.77 -19.12 -9.86
C THR A 1057 43.86 -20.37 -10.05
N TYR A 1058 42.56 -20.14 -10.17
CA TYR A 1058 41.54 -21.22 -10.23
C TYR A 1058 41.31 -21.61 -11.69
N HIS A 1059 41.29 -22.91 -11.91
CA HIS A 1059 40.90 -23.52 -13.18
C HIS A 1059 39.89 -24.61 -12.90
N VAL A 1060 38.72 -24.44 -13.49
CA VAL A 1060 37.57 -25.24 -13.19
C VAL A 1060 37.33 -26.09 -14.41
N ASP A 1061 37.66 -27.37 -14.28
CA ASP A 1061 37.72 -28.28 -15.42
C ASP A 1061 36.99 -29.57 -15.05
N ASP A 1062 35.71 -29.66 -15.47
CA ASP A 1062 34.86 -30.78 -15.08
C ASP A 1062 35.19 -32.10 -15.83
N THR A 1063 36.14 -32.01 -16.79
CA THR A 1063 36.60 -33.15 -17.62
C THR A 1063 37.89 -33.81 -17.10
N ASP A 1065 40.36 -36.16 -14.80
CA ASP A 1065 40.19 -37.54 -14.29
C ASP A 1065 40.34 -37.62 -12.76
N LYS A 1066 40.95 -36.58 -12.16
CA LYS A 1066 40.99 -36.45 -10.69
C LYS A 1066 40.26 -35.16 -10.22
N HIS A 1067 39.96 -35.11 -8.92
CA HIS A 1067 39.19 -33.99 -8.40
C HIS A 1067 39.99 -32.70 -8.38
N ILE A 1068 41.23 -32.78 -7.95
CA ILE A 1068 42.07 -31.62 -7.76
C ILE A 1068 43.52 -31.85 -8.13
N CYS A 1069 44.14 -30.80 -8.64
CA CYS A 1069 45.57 -30.83 -8.93
C CYS A 1069 46.13 -29.42 -8.73
N VAL A 1070 47.17 -29.32 -7.91
CA VAL A 1070 47.83 -28.03 -7.67
C VAL A 1070 49.24 -27.96 -8.27
N LYS A 1071 49.54 -26.89 -9.00
CA LYS A 1071 50.85 -26.71 -9.66
C LYS A 1071 51.51 -25.40 -9.37
N SER A 1072 52.83 -25.45 -9.29
CA SER A 1072 53.64 -24.23 -9.30
C SER A 1072 54.79 -24.43 -10.26
N ASN A 1073 54.97 -23.47 -11.16
CA ASN A 1073 55.94 -23.58 -12.24
C ASN A 1073 55.79 -24.93 -13.00
N ASN A 1074 54.52 -25.30 -13.24
CA ASN A 1074 54.14 -26.58 -13.86
C ASN A 1074 54.49 -27.87 -13.07
N ASN A 1075 55.05 -27.74 -11.88
CA ASN A 1075 55.33 -28.92 -11.03
C ASN A 1075 54.13 -29.21 -10.20
N ILE A 1076 53.70 -30.44 -10.22
CA ILE A 1076 52.56 -30.90 -9.43
C ILE A 1076 52.93 -31.07 -7.97
N LEU A 1077 52.18 -30.41 -7.09
CA LEU A 1077 52.48 -30.50 -5.66
C LEU A 1077 51.97 -31.81 -5.05
N PRO A 1078 52.84 -32.51 -4.31
CA PRO A 1078 52.40 -33.73 -3.66
C PRO A 1078 51.55 -33.45 -2.42
N GLY A 1079 50.66 -34.37 -2.12
CA GLY A 1079 49.96 -34.36 -0.86
C GLY A 1079 49.00 -35.51 -0.71
N ASP A 1080 48.20 -35.47 0.36
CA ASP A 1080 47.17 -36.46 0.63
C ASP A 1080 45.80 -35.87 0.40
N ASN A 1081 44.86 -36.72 0.04
CA ASN A 1081 43.47 -36.32 -0.14
C ASN A 1081 42.73 -36.20 1.18
N LEU A 1082 41.90 -35.16 1.29
CA LEU A 1082 41.08 -34.94 2.47
C LEU A 1082 39.92 -35.92 2.54
N ASN A 1083 39.45 -36.16 3.77
CA ASN A 1083 38.28 -36.98 4.03
C ASN A 1083 37.00 -36.18 3.88
N ASN A 1084 36.05 -36.73 3.12
CA ASN A 1084 34.74 -36.09 2.96
C ASN A 1084 33.77 -37.15 2.46
N ILE A 1085 32.72 -37.42 3.24
CA ILE A 1085 31.75 -38.46 2.89
C ILE A 1085 30.78 -38.07 1.77
N TYR A 1086 30.76 -36.80 1.38
CA TYR A 1086 29.81 -36.36 0.38
C TYR A 1086 30.35 -36.17 -1.01
N ARG A 1087 31.65 -36.20 -1.19
CA ARG A 1087 32.29 -35.80 -2.43
C ARG A 1087 33.76 -36.08 -2.31
N ASP A 1088 34.47 -35.96 -3.42
CA ASP A 1088 35.90 -36.00 -3.41
C ASP A 1088 36.39 -34.80 -2.64
N GLY A 1089 37.33 -35.05 -1.74
CA GLY A 1089 37.93 -34.01 -0.93
C GLY A 1089 39.03 -33.30 -1.69
N GLY A 1090 39.49 -32.20 -1.12
CA GLY A 1090 40.60 -31.41 -1.72
C GLY A 1090 41.92 -32.06 -1.37
N ILE A 1091 42.94 -31.26 -1.15
CA ILE A 1091 44.26 -31.78 -0.91
C ILE A 1091 44.95 -31.11 0.28
N GLN A 1092 45.67 -31.94 1.03
CA GLN A 1092 46.54 -31.54 2.12
C GLN A 1092 47.97 -31.59 1.58
N ILE A 1093 48.63 -30.46 1.63
CA ILE A 1093 50.02 -30.28 1.22
C ILE A 1093 50.84 -29.84 2.40
N ALA A 1094 52.02 -30.39 2.53
CA ALA A 1094 52.93 -30.03 3.60
C ALA A 1094 53.44 -28.58 3.46
N LYS A 1095 53.54 -27.94 4.62
CA LYS A 1095 53.98 -26.55 4.73
C LYS A 1095 55.34 -26.32 4.10
N ASP A 1096 56.29 -27.20 4.43
CA ASP A 1096 57.66 -27.14 3.87
C ASP A 1096 57.64 -27.22 2.33
N VAL A 1097 56.91 -28.20 1.83
CA VAL A 1097 56.72 -28.41 0.40
C VAL A 1097 56.06 -27.18 -0.25
N PHE A 1098 54.95 -26.75 0.35
CA PHE A 1098 54.22 -25.60 -0.18
C PHE A 1098 55.13 -24.37 -0.19
N LEU A 1099 55.79 -24.10 0.93
CA LEU A 1099 56.69 -22.92 0.99
C LEU A 1099 57.90 -22.99 0.03
N SER A 1100 58.46 -24.17 -0.09
CA SER A 1100 59.59 -24.43 -1.00
C SER A 1100 59.21 -24.08 -2.46
N ALA A 1101 58.07 -24.60 -2.89
CA ALA A 1101 57.50 -24.23 -4.16
C ALA A 1101 57.23 -22.70 -4.31
N ALA A 1102 56.71 -22.07 -3.26
CA ALA A 1102 56.34 -20.65 -3.36
C ALA A 1102 57.53 -19.74 -3.48
N SER A 1104 60.32 -20.37 -5.18
CA SER A 1104 60.72 -20.33 -6.62
C SER A 1104 59.62 -19.77 -7.51
N ASP A 1105 58.36 -20.07 -7.20
CA ASP A 1105 57.19 -19.57 -7.99
C ASP A 1105 55.93 -19.47 -7.16
N ASN A 1106 55.55 -18.23 -6.85
CA ASN A 1106 54.46 -18.00 -5.93
C ASN A 1106 53.09 -17.93 -6.63
N ASN A 1107 53.01 -18.28 -7.92
CA ASN A 1107 51.72 -18.38 -8.58
C ASN A 1107 51.33 -19.85 -8.60
N PHE A 1108 50.42 -20.25 -7.71
CA PHE A 1108 49.92 -21.64 -7.63
C PHE A 1108 48.67 -21.80 -8.49
N HIS A 1109 48.65 -22.81 -9.33
CA HIS A 1109 47.53 -23.03 -10.20
C HIS A 1109 46.76 -24.21 -9.62
N ILE A 1110 45.48 -23.95 -9.32
CA ILE A 1110 44.55 -24.95 -8.78
C ILE A 1110 43.54 -25.37 -9.87
N TYR A 1111 43.63 -26.66 -10.22
CA TYR A 1111 42.81 -27.32 -11.19
C TYR A 1111 41.80 -28.15 -10.39
N VAL A 1112 40.51 -27.85 -10.50
CA VAL A 1112 39.51 -28.51 -9.69
C VAL A 1112 38.34 -28.85 -10.58
N LYS A 1113 37.67 -29.95 -10.28
CA LYS A 1113 36.42 -30.26 -10.96
C LYS A 1113 35.16 -30.24 -10.07
N ASN A 1114 34.45 -29.11 -10.09
CA ASN A 1114 33.15 -29.02 -9.40
C ASN A 1114 32.05 -29.67 -10.23
N GLY B 2 -36.41 36.63 -26.83
CA GLY B 2 -35.07 36.79 -26.23
C GLY B 2 -34.16 35.66 -26.72
N ILE B 3 -32.96 36.01 -27.16
CA ILE B 3 -32.01 35.04 -27.67
C ILE B 3 -30.80 35.05 -26.77
N LEU B 4 -30.51 33.91 -26.18
CA LEU B 4 -29.32 33.76 -25.32
C LEU B 4 -28.20 33.33 -26.22
N LYS B 5 -27.14 34.13 -26.22
CA LYS B 5 -26.00 33.87 -27.03
C LYS B 5 -25.23 32.69 -26.45
N THR B 6 -24.33 32.15 -27.24
CA THR B 6 -23.45 31.06 -26.86
C THR B 6 -22.05 31.54 -26.37
N LEU B 7 -21.47 30.80 -25.43
CA LEU B 7 -20.15 31.13 -24.87
C LEU B 7 -19.15 30.84 -25.90
N SER B 8 -18.25 31.78 -26.13
CA SER B 8 -17.08 31.58 -26.99
C SER B 8 -15.85 31.95 -26.18
N ALA B 9 -14.82 31.11 -26.23
CA ALA B 9 -13.61 31.40 -25.50
C ALA B 9 -12.92 32.64 -26.15
N PRO B 10 -12.84 33.78 -25.44
CA PRO B 10 -12.33 35.02 -26.04
C PRO B 10 -10.83 35.07 -26.26
N ILE B 11 -10.09 34.16 -25.65
CA ILE B 11 -8.65 34.15 -25.79
C ILE B 11 -8.35 32.99 -26.70
N ILE B 12 -7.81 33.32 -27.87
CA ILE B 12 -7.61 32.35 -28.92
C ILE B 12 -6.15 32.35 -29.37
N LEU B 13 -5.45 31.29 -29.02
CA LEU B 13 -4.08 31.13 -29.41
C LEU B 13 -4.02 30.21 -30.61
N GLU B 14 -3.23 30.60 -31.60
CA GLU B 14 -3.08 29.82 -32.82
C GLU B 14 -1.64 29.73 -33.24
N ASN B 15 -1.30 28.55 -33.71
CA ASN B 15 -0.04 28.36 -34.34
C ASN B 15 -0.09 27.10 -35.15
N SER B 16 0.00 27.27 -36.47
CA SER B 16 0.20 26.17 -37.37
C SER B 16 -1.06 25.30 -37.28
N ASN B 17 -0.95 24.07 -36.82
CA ASN B 17 -2.12 23.20 -36.73
C ASN B 17 -2.74 23.13 -35.31
N SER B 18 -2.45 24.12 -34.47
CA SER B 18 -2.85 24.09 -33.09
C SER B 18 -3.72 25.30 -32.85
N THR B 19 -4.88 25.07 -32.23
CA THR B 19 -5.73 26.17 -31.73
C THR B 19 -6.02 25.84 -30.27
N PHE B 20 -5.46 26.67 -29.38
CA PHE B 20 -5.70 26.57 -27.92
C PHE B 20 -6.46 27.78 -27.47
N THR B 21 -7.63 27.56 -26.95
CA THR B 21 -8.48 28.62 -26.50
C THR B 21 -8.62 28.61 -24.96
N PHE B 22 -8.87 29.78 -24.40
CA PHE B 22 -8.92 29.97 -22.99
C PHE B 22 -10.07 30.89 -22.67
N LEU B 23 -10.61 30.73 -21.46
CA LEU B 23 -11.55 31.69 -20.88
C LEU B 23 -10.78 32.93 -20.35
N PRO B 24 -11.49 34.06 -20.12
CA PRO B 24 -10.78 35.36 -19.86
C PRO B 24 -9.75 35.35 -18.72
N GLY B 25 -9.98 34.52 -17.69
CA GLY B 25 -9.01 34.34 -16.58
C GLY B 25 -7.90 33.41 -16.94
N GLY B 26 -7.87 32.97 -18.16
CA GLY B 26 -6.76 32.14 -18.58
C GLY B 26 -6.96 30.67 -18.27
N ASP B 27 -8.20 30.29 -18.04
CA ASP B 27 -8.58 28.86 -17.82
C ASP B 27 -8.69 28.07 -19.12
N ASN B 28 -8.11 26.89 -19.18
CA ASN B 28 -8.16 26.11 -20.39
C ASN B 28 -9.61 26.01 -20.82
N PHE B 29 -9.87 26.23 -22.10
CA PHE B 29 -11.22 25.90 -22.64
C PHE B 29 -11.13 24.66 -23.55
N GLU B 30 -10.53 24.82 -24.75
CA GLU B 30 -10.32 23.73 -25.68
C GLU B 30 -8.96 23.81 -26.26
N TRP B 31 -8.18 22.76 -26.06
CA TRP B 31 -6.84 22.70 -26.59
C TRP B 31 -6.81 21.71 -27.75
N ILE B 32 -6.86 22.24 -28.97
CA ILE B 32 -6.95 21.41 -30.16
C ILE B 32 -5.66 21.47 -30.95
N HIS B 33 -5.11 20.30 -31.20
CA HIS B 33 -3.99 20.12 -32.13
C HIS B 33 -4.50 19.19 -33.22
N GLU B 34 -4.67 19.76 -34.41
CA GLU B 34 -5.24 19.11 -35.58
C GLU B 34 -6.64 18.69 -35.22
N SER B 35 -6.94 17.41 -35.14
CA SER B 35 -8.33 17.06 -34.79
C SER B 35 -8.44 16.50 -33.34
N ILE B 36 -7.38 16.69 -32.55
CA ILE B 36 -7.25 16.04 -31.26
C ILE B 36 -7.37 17.05 -30.13
N ILE B 38 -6.75 17.83 -26.47
CA ILE B 38 -5.69 17.48 -25.54
C ILE B 38 -6.18 17.46 -24.05
N ASN B 39 -6.96 18.47 -23.67
CA ASN B 39 -7.47 18.54 -22.30
C ASN B 39 -8.71 17.63 -22.25
N ALA B 40 -9.15 17.29 -21.07
CA ALA B 40 -10.33 16.38 -20.82
C ALA B 40 -11.59 17.15 -20.52
N PHE B 41 -11.43 18.24 -19.76
CA PHE B 41 -12.56 19.08 -19.40
C PHE B 41 -12.38 20.50 -19.89
N GLN B 42 -13.46 21.07 -20.34
CA GLN B 42 -13.51 22.49 -20.70
C GLN B 42 -13.66 23.25 -19.39
N GLY B 43 -12.93 24.34 -19.26
CA GLY B 43 -13.08 25.26 -18.17
C GLY B 43 -14.49 25.87 -18.21
N ASN B 44 -14.92 26.39 -17.08
CA ASN B 44 -16.17 27.19 -17.05
C ASN B 44 -15.92 28.49 -16.33
N THR B 45 -16.83 29.45 -16.45
CA THR B 45 -16.50 30.84 -16.09
C THR B 45 -16.49 31.09 -14.58
N LEU B 46 -17.07 30.16 -13.82
CA LEU B 46 -17.16 30.30 -12.36
C LEU B 46 -16.09 29.49 -11.63
N ASP B 47 -15.88 28.24 -12.03
CA ASP B 47 -14.86 27.38 -11.44
C ASP B 47 -13.48 27.56 -12.07
N GLY B 48 -13.44 27.94 -13.35
CA GLY B 48 -12.19 27.84 -14.08
C GLY B 48 -12.03 26.47 -14.64
N SER B 49 -10.79 26.03 -14.80
CA SER B 49 -10.48 24.71 -15.36
C SER B 49 -9.78 23.78 -14.36
N THR B 50 -9.56 22.54 -14.75
CA THR B 50 -9.04 21.49 -13.89
C THR B 50 -7.52 21.50 -13.76
N ASN B 51 -6.89 22.02 -14.79
CA ASN B 51 -5.43 22.10 -14.84
C ASN B 51 -4.93 23.29 -14.03
N ASN B 52 -3.68 23.23 -13.59
CA ASN B 52 -3.08 24.38 -12.93
C ASN B 52 -1.59 24.19 -12.77
N LEU B 53 -0.95 25.20 -12.21
CA LEU B 53 0.44 25.14 -11.76
C LEU B 53 0.44 25.69 -10.37
N TYR B 54 0.92 24.91 -9.41
CA TYR B 54 0.84 25.32 -7.99
C TYR B 54 2.24 25.59 -7.46
N LEU B 55 2.39 26.74 -6.82
CA LEU B 55 3.61 27.09 -6.16
C LEU B 55 3.40 26.71 -4.70
N ARG B 56 4.28 25.88 -4.17
CA ARG B 56 4.21 25.56 -2.72
C ARG B 56 5.36 26.15 -1.96
N ILE B 57 5.08 26.58 -0.72
CA ILE B 57 6.06 27.17 0.18
C ILE B 57 6.04 26.43 1.49
N TYR B 58 7.20 25.88 1.85
CA TYR B 58 7.40 25.13 3.09
C TYR B 58 8.03 25.98 4.17
N LYS B 59 7.43 25.93 5.35
CA LYS B 59 7.94 26.61 6.53
C LYS B 59 8.00 25.63 7.69
N ASP B 60 8.53 26.08 8.81
CA ASP B 60 8.67 25.27 9.99
C ASP B 60 7.34 24.80 10.53
N ASN B 61 6.29 25.62 10.39
CA ASN B 61 4.98 25.27 10.88
C ASN B 61 3.89 25.25 9.85
N SER B 62 4.22 25.19 8.59
CA SER B 62 3.15 25.23 7.60
C SER B 62 3.60 24.79 6.23
N LEU B 63 2.63 24.36 5.43
CA LEU B 63 2.79 24.24 3.96
C LEU B 63 1.73 25.13 3.28
N ALA B 64 2.13 25.96 2.33
CA ALA B 64 1.18 26.80 1.57
C ALA B 64 1.25 26.37 0.15
N PHE B 65 0.16 26.57 -0.57
CA PHE B 65 0.07 26.16 -1.95
C PHE B 65 -0.82 27.17 -2.67
N TYR B 66 -0.35 27.61 -3.85
CA TYR B 66 -1.00 28.76 -4.59
C TYR B 66 -1.10 28.44 -6.06
N PRO B 67 -2.31 28.44 -6.61
CA PRO B 67 -2.41 28.26 -8.02
C PRO B 67 -1.87 29.53 -8.76
N LEU B 68 -1.12 29.29 -9.83
CA LEU B 68 -0.40 30.38 -10.57
C LEU B 68 -1.13 30.81 -11.83
N ILE B 69 -2.03 29.97 -12.32
CA ILE B 69 -2.80 30.27 -13.54
C ILE B 69 -4.32 30.14 -13.39
N GLY B 70 -5.05 30.70 -14.34
CA GLY B 70 -6.51 30.59 -14.35
C GLY B 70 -7.20 31.54 -13.40
N ASN B 72 -8.70 31.32 -10.59
CA ASN B 72 -8.36 31.18 -9.18
C ASN B 72 -6.97 31.72 -8.72
N SER B 73 -6.05 32.03 -9.63
CA SER B 73 -4.77 32.57 -9.26
C SER B 73 -4.76 34.06 -8.90
N LYS B 74 -5.75 34.82 -9.32
CA LYS B 74 -5.57 36.33 -9.29
C LYS B 74 -4.40 36.87 -10.18
N SER B 75 -3.99 36.13 -11.20
CA SER B 75 -2.91 36.56 -12.09
C SER B 75 -3.46 37.68 -12.97
N THR B 76 -2.63 38.68 -13.28
CA THR B 76 -2.94 39.55 -14.41
C THR B 76 -2.52 38.75 -15.63
N ILE B 77 -3.05 39.15 -16.79
CA ILE B 77 -2.84 38.41 -18.03
C ILE B 77 -2.51 39.34 -19.23
N LYS B 78 -1.50 38.93 -20.00
CA LYS B 78 -1.21 39.48 -21.31
C LYS B 78 -1.30 38.40 -22.36
N SER B 79 -1.83 38.74 -23.55
CA SER B 79 -1.90 37.80 -24.68
C SER B 79 -1.34 38.35 -26.00
N GLY B 80 -0.75 37.46 -26.77
CA GLY B 80 -0.41 37.71 -28.14
C GLY B 80 -1.16 36.66 -28.93
N THR B 81 -0.71 36.39 -30.15
CA THR B 81 -1.38 35.42 -31.02
C THR B 81 -1.05 33.97 -30.64
N SER B 82 0.10 33.74 -30.00
CA SER B 82 0.45 32.37 -29.57
C SER B 82 1.07 32.31 -28.17
N THR B 83 0.76 33.29 -27.35
CA THR B 83 1.48 33.46 -26.13
C THR B 83 0.55 34.01 -25.09
N LEU B 84 0.71 33.52 -23.87
CA LEU B 84 -0.10 33.99 -22.78
C LEU B 84 0.83 34.21 -21.60
N ILE B 85 0.71 35.34 -20.93
CA ILE B 85 1.66 35.65 -19.87
C ILE B 85 0.87 35.95 -18.62
N PHE B 86 1.07 35.14 -17.59
CA PHE B 86 0.40 35.37 -16.28
C PHE B 86 1.38 35.99 -15.28
N GLU B 87 0.93 36.98 -14.54
CA GLU B 87 1.81 37.61 -13.58
C GLU B 87 1.13 37.86 -12.26
N GLY B 88 1.93 37.71 -11.22
CA GLY B 88 1.44 38.04 -9.92
C GLY B 88 2.45 37.81 -8.84
N THR B 89 1.94 37.84 -7.63
CA THR B 89 2.76 37.65 -6.42
C THR B 89 2.12 36.58 -5.52
N ALA B 90 2.91 35.64 -5.02
CA ALA B 90 2.41 34.70 -3.97
C ALA B 90 3.26 34.91 -2.74
N GLU B 91 2.67 35.40 -1.64
CA GLU B 91 3.41 35.83 -0.44
C GLU B 91 4.42 36.91 -0.86
N ASP B 92 5.70 36.69 -0.66
CA ASP B 92 6.72 37.60 -1.20
C ASP B 92 7.48 37.07 -2.42
N ILE B 93 6.88 36.12 -3.15
CA ILE B 93 7.49 35.63 -4.39
C ILE B 93 6.76 36.24 -5.56
N SER B 94 7.51 36.88 -6.46
CA SER B 94 6.96 37.37 -7.70
C SER B 94 7.06 36.27 -8.70
N TYR B 95 6.02 36.11 -9.52
CA TYR B 95 6.11 35.10 -10.56
C TYR B 95 5.63 35.57 -11.89
N THR B 96 6.14 34.89 -12.89
CA THR B 96 5.64 35.08 -14.21
C THR B 96 5.51 33.73 -14.82
N VAL B 97 4.33 33.43 -15.38
CA VAL B 97 4.14 32.21 -16.09
C VAL B 97 3.83 32.55 -17.54
N THR B 98 4.67 32.03 -18.41
CA THR B 98 4.52 32.28 -19.84
C THR B 98 4.09 31.01 -20.54
N PHE B 99 2.91 31.07 -21.11
CA PHE B 99 2.44 30.01 -21.95
C PHE B 99 2.78 30.28 -23.43
N ARG B 100 3.50 29.36 -24.05
CA ARG B 100 3.85 29.43 -25.49
C ARG B 100 3.26 28.26 -26.22
N LEU B 101 2.46 28.59 -27.22
CA LEU B 101 2.02 27.62 -28.17
C LEU B 101 2.92 27.74 -29.42
N THR B 102 3.72 26.71 -29.65
CA THR B 102 4.62 26.66 -30.81
C THR B 102 3.99 26.06 -32.06
N PRO B 103 4.71 26.14 -33.22
CA PRO B 103 4.30 25.50 -34.48
C PRO B 103 4.46 24.01 -34.53
N TYR B 104 5.11 23.39 -33.54
CA TYR B 104 5.44 21.95 -33.59
C TYR B 104 4.49 21.02 -32.85
N GLY B 105 3.26 21.46 -32.59
CA GLY B 105 2.36 20.69 -31.69
C GLY B 105 3.01 20.49 -30.30
N ILE B 106 3.73 21.53 -29.87
CA ILE B 106 4.44 21.54 -28.63
C ILE B 106 4.07 22.82 -27.97
N TRP B 107 3.87 22.75 -26.65
CA TRP B 107 3.59 23.92 -25.80
C TRP B 107 4.48 23.94 -24.56
N PHE B 108 4.64 25.13 -24.03
CA PHE B 108 5.42 25.32 -22.80
C PHE B 108 4.68 26.15 -21.81
N TRP B 109 4.91 25.82 -20.53
CA TRP B 109 4.68 26.73 -19.44
C TRP B 109 6.06 27.08 -18.92
N ASP B 110 6.51 28.31 -19.21
CA ASP B 110 7.76 28.80 -18.67
C ASP B 110 7.45 29.54 -17.39
N ILE B 111 8.07 29.07 -16.32
CA ILE B 111 7.90 29.64 -14.99
C ILE B 111 9.16 30.47 -14.70
N SER B 112 8.92 31.67 -14.22
CA SER B 112 9.94 32.49 -13.61
C SER B 112 9.52 32.99 -12.25
N LEU B 113 10.35 32.72 -11.28
CA LEU B 113 10.13 33.05 -9.86
C LEU B 113 11.23 33.95 -9.32
N SER B 114 10.85 35.02 -8.66
CA SER B 114 11.77 35.98 -8.07
C SER B 114 11.41 36.26 -6.64
N GLY B 115 12.39 36.21 -5.75
CA GLY B 115 12.17 36.61 -4.37
C GLY B 115 13.07 35.82 -3.44
N ASN B 116 12.73 35.84 -2.16
CA ASN B 116 13.46 35.10 -1.13
C ASN B 116 12.57 34.04 -0.51
N CYS B 117 13.06 32.81 -0.51
CA CYS B 117 12.28 31.70 -0.02
C CYS B 117 13.22 30.63 0.39
N ASN B 118 13.11 30.15 1.62
CA ASN B 118 13.91 28.98 2.05
C ASN B 118 13.61 27.65 1.30
N LYS B 119 12.32 27.36 1.08
CA LYS B 119 11.93 26.08 0.49
C LYS B 119 10.57 26.17 -0.24
N ALA B 120 10.62 25.87 -1.53
CA ALA B 120 9.48 25.92 -2.42
C ALA B 120 9.54 24.80 -3.40
N ASP B 121 8.38 24.45 -3.98
CA ASP B 121 8.36 23.59 -5.15
C ASP B 121 7.24 23.99 -6.05
N ILE B 122 7.22 23.38 -7.20
CA ILE B 122 6.11 23.56 -8.09
C ILE B 122 5.45 22.21 -8.41
N ILE B 123 4.14 22.27 -8.54
CA ILE B 123 3.37 21.15 -9.03
C ILE B 123 2.69 21.51 -10.32
N TYR B 124 3.01 20.71 -11.31
CA TYR B 124 2.33 20.78 -12.61
C TYR B 124 1.12 19.82 -12.60
N SER B 125 -0.04 20.32 -13.08
CA SER B 125 -1.30 19.60 -13.04
C SER B 125 -2.08 19.76 -14.31
N GLN B 126 -2.32 18.64 -15.00
CA GLN B 126 -3.02 18.74 -16.31
C GLN B 126 -3.95 17.56 -16.54
N ASP B 127 -5.24 17.84 -16.69
CA ASP B 127 -6.21 16.83 -17.12
C ASP B 127 -5.97 16.59 -18.65
N ILE B 128 -5.96 15.33 -19.07
CA ILE B 128 -5.72 15.02 -20.49
C ILE B 128 -6.79 14.12 -21.12
N GLY B 129 -7.36 14.56 -22.24
CA GLY B 129 -8.35 13.78 -23.03
C GLY B 129 -7.67 12.86 -24.05
N VAL B 130 -7.06 13.50 -25.05
CA VAL B 130 -6.28 12.81 -26.11
C VAL B 130 -7.21 11.94 -26.95
N GLY B 131 -8.23 12.58 -27.46
CA GLY B 131 -9.19 11.95 -28.37
C GLY B 131 -9.77 13.07 -29.21
N THR B 132 -10.65 12.71 -30.15
CA THR B 132 -11.37 13.73 -30.85
C THR B 132 -12.26 14.48 -29.88
N LYS B 133 -12.66 15.67 -30.27
CA LYS B 133 -13.58 16.51 -29.52
C LYS B 133 -14.85 15.74 -29.15
N GLY B 134 -15.45 15.05 -30.12
CA GLY B 134 -16.67 14.25 -29.89
C GLY B 134 -16.41 13.09 -28.91
N SER B 135 -15.24 12.47 -29.01
CA SER B 135 -14.86 11.40 -28.06
C SER B 135 -14.80 11.91 -26.61
N VAL B 136 -14.09 13.01 -26.43
CA VAL B 136 -13.94 13.63 -25.10
C VAL B 136 -15.31 13.99 -24.53
N ASN B 137 -16.08 14.82 -25.22
CA ASN B 137 -17.42 15.23 -24.80
C ASN B 137 -18.39 14.07 -24.53
N SER B 138 -18.26 13.01 -25.30
CA SER B 138 -19.16 11.85 -25.20
C SER B 138 -19.04 11.19 -23.84
N ASN B 139 -17.82 10.91 -23.44
CA ASN B 139 -17.56 10.23 -22.19
C ASN B 139 -16.08 10.25 -21.84
N GLU B 140 -15.74 11.17 -20.95
CA GLU B 140 -14.32 11.41 -20.59
C GLU B 140 -13.70 10.18 -19.93
N LEU B 141 -14.52 9.51 -19.12
CA LEU B 141 -14.13 8.32 -18.32
C LEU B 141 -13.72 7.15 -19.23
N TYR B 142 -14.56 6.90 -20.21
CA TYR B 142 -14.37 5.87 -21.23
C TYR B 142 -13.08 6.09 -21.97
N LEU B 143 -12.88 7.33 -22.40
CA LEU B 143 -11.71 7.68 -23.18
C LEU B 143 -10.44 7.45 -22.42
N ALA B 144 -10.44 7.93 -21.19
CA ALA B 144 -9.30 7.74 -20.29
C ALA B 144 -8.91 6.27 -20.03
N GLN B 145 -9.90 5.37 -20.05
CA GLN B 145 -9.67 3.95 -19.85
C GLN B 145 -8.77 3.36 -20.92
N TYR B 146 -8.70 4.03 -22.08
CA TYR B 146 -7.89 3.56 -23.19
C TYR B 146 -6.58 4.36 -23.42
N LEU B 147 -6.28 5.28 -22.51
CA LEU B 147 -5.11 6.12 -22.58
C LEU B 147 -4.07 5.54 -21.72
N GLY B 148 -3.13 4.81 -22.33
CA GLY B 148 -2.08 4.09 -21.60
C GLY B 148 -0.82 4.94 -21.41
N HIS B 149 -0.44 5.10 -20.15
CA HIS B 149 0.69 5.92 -19.74
C HIS B 149 1.93 5.04 -19.55
N SER B 150 3.07 5.57 -20.02
CA SER B 150 4.37 4.98 -19.85
C SER B 150 5.28 6.03 -19.22
N ILE B 151 6.05 5.57 -18.24
CA ILE B 151 6.77 6.47 -17.37
C ILE B 151 8.27 6.31 -17.58
N PHE B 152 8.95 7.44 -17.79
CA PHE B 152 10.39 7.42 -17.97
C PHE B 152 11.05 8.49 -17.15
N GLN B 153 12.35 8.27 -16.94
CA GLN B 153 13.32 9.27 -16.52
C GLN B 153 14.02 9.91 -17.73
N GLY B 154 13.89 11.20 -17.88
CA GLY B 154 14.65 11.91 -18.92
C GLY B 154 15.83 12.64 -18.32
N ASP B 155 16.25 13.74 -18.93
CA ASP B 155 17.29 14.58 -18.32
C ASP B 155 16.80 15.35 -17.09
N TYR B 156 15.49 15.53 -16.96
CA TYR B 156 14.94 16.31 -15.84
C TYR B 156 13.85 15.53 -15.04
N GLY B 157 14.20 14.29 -14.72
CA GLY B 157 13.37 13.42 -13.98
C GLY B 157 12.24 12.87 -14.80
N TYR B 158 11.06 12.75 -14.19
CA TYR B 158 9.95 12.01 -14.80
C TYR B 158 9.39 12.67 -16.04
N VAL B 159 9.08 11.81 -17.00
CA VAL B 159 8.46 12.18 -18.27
C VAL B 159 7.29 11.21 -18.45
N ILE B 160 6.15 11.78 -18.76
CA ILE B 160 4.93 11.01 -18.90
C ILE B 160 4.55 10.99 -20.38
N CYS B 161 4.52 9.79 -20.93
CA CYS B 161 4.16 9.58 -22.30
C CYS B 161 2.88 8.77 -22.36
N SER B 162 1.95 9.25 -23.14
CA SER B 162 0.66 8.56 -23.21
C SER B 162 0.26 8.29 -24.66
N ARG B 163 -0.27 7.08 -24.86
CA ARG B 163 -0.87 6.69 -26.13
C ARG B 163 -2.33 6.33 -26.00
N GLN B 164 -3.15 6.98 -26.82
CA GLN B 164 -4.56 6.66 -26.90
C GLN B 164 -4.71 5.41 -27.74
N ASN B 165 -5.14 4.34 -27.10
CA ASN B 165 -5.24 3.01 -27.76
C ASN B 165 -6.56 2.76 -28.50
N ALA B 167 -9.02 3.89 -31.23
CA ALA B 167 -8.83 4.62 -32.47
C ALA B 167 -9.67 5.89 -32.50
N GLN B 168 -9.06 7.00 -32.91
CA GLN B 168 -9.68 8.31 -32.98
C GLN B 168 -9.62 8.77 -34.45
N GLY B 169 -10.75 8.63 -35.13
CA GLY B 169 -10.74 8.40 -36.58
C GLY B 169 -10.05 7.04 -36.78
N ASP B 170 -8.93 7.08 -37.50
CA ASP B 170 -8.05 5.89 -37.63
C ASP B 170 -6.70 6.09 -36.91
N LEU B 171 -6.64 7.16 -36.12
CA LEU B 171 -5.41 7.64 -35.50
C LEU B 171 -5.35 7.19 -34.07
N PHE B 172 -4.12 7.02 -33.58
CA PHE B 172 -3.82 6.67 -32.17
C PHE B 172 -2.96 7.79 -31.54
N PRO B 173 -3.61 8.83 -30.98
CA PRO B 173 -2.88 10.02 -30.64
C PRO B 173 -2.05 9.81 -29.39
N TYR B 174 -1.18 10.79 -29.13
CA TYR B 174 -0.10 10.65 -28.16
C TYR B 174 0.19 11.95 -27.47
N LEU B 175 0.66 11.84 -26.23
CA LEU B 175 1.10 13.00 -25.47
C LEU B 175 2.38 12.71 -24.77
N GLN B 176 3.16 13.77 -24.56
CA GLN B 176 4.35 13.69 -23.75
C GLN B 176 4.36 14.91 -22.89
N GLN B 177 4.71 14.72 -21.62
CA GLN B 177 4.76 15.84 -20.69
C GLN B 177 5.93 15.67 -19.82
N GLY B 178 6.64 16.77 -19.63
CA GLY B 178 7.75 16.73 -18.67
C GLY B 178 8.22 18.11 -18.34
N SER B 179 9.42 18.15 -17.77
CA SER B 179 10.00 19.40 -17.30
C SER B 179 11.35 19.62 -17.90
N LEU B 180 11.70 20.91 -17.97
CA LEU B 180 13.01 21.40 -18.46
C LEU B 180 13.60 22.41 -17.52
N GLY B 181 14.88 22.20 -17.17
CA GLY B 181 15.63 23.10 -16.30
C GLY B 181 15.35 22.89 -14.81
N ILE B 182 14.54 21.87 -14.51
CA ILE B 182 14.28 21.44 -13.16
C ILE B 182 13.83 19.96 -13.15
N ARG B 183 14.26 19.22 -12.15
CA ARG B 183 13.93 17.80 -12.01
C ARG B 183 12.48 17.63 -11.54
N SER B 184 11.72 16.86 -12.29
CA SER B 184 10.46 16.31 -11.81
C SER B 184 10.71 15.07 -11.00
N ILE B 185 10.55 15.17 -9.70
CA ILE B 185 10.99 14.09 -8.77
C ILE B 185 9.88 13.13 -8.40
N ALA B 186 8.66 13.48 -8.79
CA ALA B 186 7.51 12.63 -8.54
C ALA B 186 6.43 12.95 -9.52
N TYR B 187 5.51 12.02 -9.67
CA TYR B 187 4.49 12.09 -10.67
C TYR B 187 3.20 11.34 -10.25
N SER B 188 2.10 11.65 -10.93
CA SER B 188 0.89 10.86 -10.82
C SER B 188 0.16 10.99 -12.13
N THR B 189 -0.72 10.04 -12.39
CA THR B 189 -1.44 9.96 -13.68
C THR B 189 -2.94 9.94 -13.68
N ASP B 190 -3.56 9.84 -12.50
CA ASP B 190 -5.02 9.86 -12.36
C ASP B 190 -5.51 10.94 -11.42
N GLY B 191 -6.68 11.50 -11.76
CA GLY B 191 -7.35 12.56 -10.98
C GLY B 191 -7.62 12.17 -9.51
N THR B 192 -7.86 10.86 -9.29
CA THR B 192 -8.08 10.34 -7.98
C THR B 192 -6.83 10.40 -7.15
N GLN B 193 -5.68 10.29 -7.78
CA GLN B 193 -4.40 10.49 -7.07
C GLN B 193 -4.06 11.92 -6.74
N PHE B 194 -4.45 12.85 -7.59
CA PHE B 194 -4.14 14.22 -7.39
C PHE B 194 -5.13 14.94 -6.50
N PHE B 195 -6.40 14.88 -6.86
CA PHE B 195 -7.45 15.55 -6.09
C PHE B 195 -7.87 14.80 -4.87
N GLY B 196 -7.90 13.48 -5.01
CA GLY B 196 -8.33 12.55 -3.93
C GLY B 196 -9.81 12.63 -3.72
N LEU B 197 -10.33 11.65 -2.97
CA LEU B 197 -11.76 11.61 -2.65
C LEU B 197 -12.15 12.74 -1.70
N SER B 198 -11.19 13.17 -0.91
CA SER B 198 -11.44 14.19 0.09
C SER B 198 -11.84 15.55 -0.55
N TYR B 199 -11.48 15.76 -1.79
CA TYR B 199 -11.82 16.96 -2.58
C TYR B 199 -13.32 17.18 -2.64
N LYS B 200 -14.05 16.07 -2.72
CA LYS B 200 -15.48 16.18 -2.80
C LYS B 200 -16.05 16.86 -1.54
N LYS B 201 -15.32 16.87 -0.41
CA LYS B 201 -15.69 17.77 0.70
C LYS B 201 -14.87 19.08 0.76
N THR B 202 -13.56 18.96 0.66
CA THR B 202 -12.65 20.06 1.03
C THR B 202 -12.51 21.12 -0.07
N ASN B 203 -12.81 20.72 -1.33
CA ASN B 203 -12.50 21.49 -2.51
C ASN B 203 -10.98 21.84 -2.66
N ILE B 204 -10.11 21.09 -1.99
CA ILE B 204 -8.66 21.27 -2.10
C ILE B 204 -8.07 19.94 -2.60
N PRO B 205 -7.25 19.99 -3.64
CA PRO B 205 -6.57 18.81 -4.10
C PRO B 205 -5.66 18.22 -3.03
N GLU B 206 -5.97 16.97 -2.70
CA GLU B 206 -5.26 16.25 -1.66
C GLU B 206 -3.76 16.21 -1.78
N ALA B 207 -3.27 15.99 -2.98
CA ALA B 207 -1.83 15.88 -3.23
C ALA B 207 -1.10 17.17 -2.90
N LEU B 208 -1.79 18.31 -2.82
CA LEU B 208 -1.13 19.53 -2.48
C LEU B 208 -0.49 19.55 -1.08
N TYR B 209 -0.90 18.64 -0.20
CA TYR B 209 -0.37 18.54 1.19
C TYR B 209 0.83 17.65 1.30
N GLY B 210 1.20 16.98 0.22
CA GLY B 210 2.38 16.10 0.31
C GLY B 210 3.04 15.80 -1.02
N ASP B 211 3.66 14.63 -1.09
CA ASP B 211 4.43 14.23 -2.25
C ASP B 211 3.52 13.44 -3.18
N LEU B 212 3.65 13.63 -4.49
CA LEU B 212 2.86 12.76 -5.43
C LEU B 212 3.29 11.30 -5.24
N PRO B 213 2.44 10.33 -5.55
CA PRO B 213 2.79 8.94 -5.25
C PRO B 213 3.79 8.27 -6.15
N SER B 214 3.98 8.81 -7.36
CA SER B 214 4.88 8.20 -8.31
C SER B 214 4.45 6.77 -8.64
N LYS B 215 3.19 6.66 -8.98
CA LYS B 215 2.60 5.46 -9.50
C LYS B 215 1.65 5.85 -10.62
N ASN B 216 1.61 5.02 -11.62
CA ASN B 216 0.71 5.18 -12.71
C ASN B 216 -0.58 4.38 -12.39
N LYS B 217 -1.62 5.10 -12.03
CA LYS B 217 -2.90 4.51 -11.79
C LYS B 217 -3.74 4.67 -13.04
N GLN B 218 -4.07 3.58 -13.73
CA GLN B 218 -4.89 3.67 -14.96
C GLN B 218 -6.34 3.58 -14.61
N TYR B 219 -6.96 4.72 -14.62
CA TYR B 219 -8.35 4.79 -14.17
C TYR B 219 -9.08 5.73 -15.13
N GLU B 220 -10.03 6.52 -14.66
CA GLU B 220 -10.95 7.21 -15.53
C GLU B 220 -10.74 8.73 -15.60
N LEU B 221 -9.78 9.23 -14.84
CA LEU B 221 -9.52 10.66 -14.80
C LEU B 221 -8.08 10.90 -15.20
N ALA B 222 -7.82 10.78 -16.49
CA ALA B 222 -6.46 10.88 -17.01
C ALA B 222 -5.96 12.26 -16.60
N HIS B 223 -4.98 12.26 -15.72
CA HIS B 223 -4.62 13.50 -15.10
C HIS B 223 -3.17 13.47 -14.75
N THR B 224 -2.38 14.24 -15.46
CA THR B 224 -0.92 14.21 -15.24
C THR B 224 -0.48 15.21 -14.20
N ALA B 225 0.29 14.78 -13.26
CA ALA B 225 0.88 15.71 -12.34
C ALA B 225 2.32 15.40 -12.15
N LEU B 226 3.06 16.47 -11.96
CA LEU B 226 4.48 16.36 -11.79
C LEU B 226 4.88 17.32 -10.73
N GLN B 227 5.79 16.87 -9.88
CA GLN B 227 6.30 17.62 -8.74
C GLN B 227 7.77 17.91 -8.91
N THR B 228 8.15 19.17 -8.83
CA THR B 228 9.59 19.50 -8.93
C THR B 228 10.30 19.12 -7.68
N GLU B 229 11.61 19.00 -7.82
CA GLU B 229 12.52 19.11 -6.70
C GLU B 229 12.22 20.40 -5.94
N ALA B 230 12.41 20.34 -4.63
CA ALA B 230 12.35 21.54 -3.82
C ALA B 230 13.64 22.41 -3.97
N PHE B 231 13.47 23.71 -3.82
CA PHE B 231 14.53 24.66 -4.12
C PHE B 231 14.36 25.87 -3.27
N SER B 232 15.47 26.54 -3.03
CA SER B 232 15.42 27.80 -2.32
C SER B 232 15.47 28.93 -3.35
N LEU B 233 14.96 30.09 -2.97
CA LEU B 233 15.03 31.30 -3.85
C LEU B 233 15.73 32.44 -3.15
N SER B 234 16.71 33.03 -3.80
CA SER B 234 17.31 34.31 -3.37
C SER B 234 17.80 35.05 -4.60
N GLY B 235 16.85 35.68 -5.29
CA GLY B 235 17.02 36.07 -6.68
C GLY B 235 15.95 35.43 -7.56
N THR B 236 16.36 34.98 -8.74
CA THR B 236 15.44 34.61 -9.79
C THR B 236 15.75 33.21 -10.26
N LYS B 237 14.72 32.39 -10.39
CA LYS B 237 14.88 31.04 -10.91
C LYS B 237 13.86 30.78 -12.02
N GLN B 238 14.27 30.05 -13.05
CA GLN B 238 13.41 29.83 -14.22
C GLN B 238 13.52 28.45 -14.74
N PHE B 239 12.38 27.93 -15.18
CA PHE B 239 12.29 26.55 -15.64
C PHE B 239 10.95 26.36 -16.32
N SER B 240 10.81 25.24 -17.00
CA SER B 240 9.63 24.97 -17.79
C SER B 240 9.02 23.60 -17.55
N PHE B 241 7.70 23.53 -17.81
CA PHE B 241 7.02 22.31 -18.20
C PHE B 241 6.65 22.39 -19.67
N TYR B 242 6.59 21.21 -20.28
CA TYR B 242 6.18 21.11 -21.65
C TYR B 242 5.16 20.00 -21.91
N GLY B 243 4.42 20.16 -22.98
CA GLY B 243 3.71 19.08 -23.63
C GLY B 243 4.00 18.97 -25.14
N ILE B 244 3.93 17.75 -25.63
CA ILE B 244 4.00 17.42 -27.03
C ILE B 244 2.76 16.60 -27.40
N CYS B 245 2.13 16.96 -28.51
CA CYS B 245 0.99 16.17 -29.02
C CYS B 245 1.34 15.63 -30.40
N LYS B 246 1.26 14.31 -30.56
CA LYS B 246 1.26 13.70 -31.89
C LYS B 246 -0.09 13.08 -32.15
N THR B 247 -0.69 13.46 -33.28
CA THR B 247 -2.00 12.90 -33.63
C THR B 247 -1.98 11.44 -34.04
N ASN B 248 -0.83 10.89 -34.39
CA ASN B 248 -0.78 9.45 -34.71
C ASN B 248 0.53 8.84 -34.35
N HIS B 249 0.45 7.87 -33.45
CA HIS B 249 1.61 7.20 -32.88
C HIS B 249 1.26 5.73 -32.87
N PRO B 250 1.26 5.10 -34.06
CA PRO B 250 0.78 3.72 -34.20
C PRO B 250 1.56 2.68 -33.40
N GLU B 251 2.80 2.97 -33.08
CA GLU B 251 3.62 2.05 -32.27
C GLU B 251 3.27 2.24 -30.82
N VAL B 252 3.60 1.21 -30.06
CA VAL B 252 3.58 1.29 -28.62
C VAL B 252 4.74 2.19 -28.18
N ILE B 253 4.63 2.70 -26.96
CA ILE B 253 5.61 3.63 -26.42
C ILE B 253 6.71 2.81 -25.75
N ARG B 254 7.96 3.10 -26.11
CA ARG B 254 9.12 2.37 -25.58
C ARG B 254 10.19 3.21 -24.95
N GLU B 255 10.21 4.48 -25.31
CA GLU B 255 11.19 5.42 -24.82
C GLU B 255 10.68 6.81 -25.08
N ILE B 256 11.42 7.76 -24.51
CA ILE B 256 11.12 9.17 -24.71
C ILE B 256 11.47 9.52 -26.17
N GLU B 257 10.58 10.19 -26.85
CA GLU B 257 10.76 10.51 -28.25
C GLU B 257 10.76 12.01 -28.48
N TYR B 258 11.11 12.39 -29.69
CA TYR B 258 11.05 13.81 -30.16
C TYR B 258 11.97 14.74 -29.39
N ILE B 259 13.08 14.20 -28.91
CA ILE B 259 14.08 14.94 -28.11
C ILE B 259 14.60 16.16 -28.89
N GLN B 260 15.06 15.96 -30.13
CA GLN B 260 15.54 17.10 -30.96
C GLN B 260 14.40 18.06 -31.27
N GLU B 261 13.23 17.53 -31.55
CA GLU B 261 12.09 18.40 -31.90
C GLU B 261 11.69 19.30 -30.70
N LEU B 262 11.80 18.77 -29.50
CA LEU B 262 11.47 19.53 -28.25
C LEU B 262 12.48 20.66 -28.01
N GLU B 263 13.77 20.33 -28.10
CA GLU B 263 14.86 21.37 -28.09
C GLU B 263 14.58 22.49 -29.08
N LYS B 264 14.22 22.12 -30.28
CA LYS B 264 13.93 23.10 -31.32
C LYS B 264 12.76 24.00 -30.92
N ALA B 265 11.66 23.38 -30.56
CA ALA B 265 10.43 24.11 -30.10
C ALA B 265 10.68 24.98 -28.88
N TYR B 266 11.52 24.49 -27.99
CA TYR B 266 11.88 25.25 -26.80
C TYR B 266 12.43 26.66 -27.09
N ALA B 267 13.13 26.79 -28.22
CA ALA B 267 13.71 28.07 -28.68
C ALA B 267 12.69 29.01 -29.30
N TYR B 268 11.46 28.54 -29.52
CA TYR B 268 10.43 29.32 -30.23
C TYR B 268 9.80 30.44 -29.43
N HIS B 269 9.69 31.63 -30.04
CA HIS B 269 9.07 32.78 -29.38
C HIS B 269 8.39 33.67 -30.40
N GLU B 270 7.24 34.18 -30.02
CA GLU B 270 6.42 34.98 -30.91
C GLU B 270 7.03 36.37 -30.92
N SER B 271 7.17 36.94 -32.11
CA SER B 271 7.65 38.32 -32.27
C SER B 271 6.44 39.12 -32.69
N GLY B 272 5.98 39.96 -31.78
CA GLY B 272 4.65 40.54 -31.89
C GLY B 272 4.45 40.97 -30.46
N GLU B 273 3.71 42.05 -30.24
CA GLU B 273 3.52 42.53 -28.88
C GLU B 273 2.59 41.57 -28.15
N ILE B 274 2.76 41.61 -26.85
CA ILE B 274 1.99 40.82 -25.92
C ILE B 274 1.35 41.82 -24.93
N LEU B 275 0.05 42.01 -25.09
CA LEU B 275 -0.62 43.13 -24.47
C LEU B 275 -1.62 42.71 -23.39
N PRO B 276 -1.77 43.53 -22.32
CA PRO B 276 -2.74 43.26 -21.28
C PRO B 276 -4.15 43.00 -21.83
N VAL B 277 -4.83 42.06 -21.18
CA VAL B 277 -6.28 41.85 -21.36
C VAL B 277 -7.02 42.09 -20.06
N ASN B 278 -8.28 42.47 -20.14
CA ASN B 278 -9.09 42.59 -18.97
C ASN B 278 -9.55 41.20 -18.39
N VAL B 279 -9.28 41.00 -17.11
CA VAL B 279 -9.56 39.74 -16.42
C VAL B 279 -10.77 39.88 -15.48
N PRO B 280 -11.83 39.02 -15.68
CA PRO B 280 -12.97 39.07 -14.80
C PRO B 280 -12.58 38.61 -13.43
N THR B 281 -13.21 39.18 -12.42
CA THR B 281 -12.97 38.72 -11.09
C THR B 281 -14.31 38.53 -10.39
N LEU B 282 -14.36 37.42 -9.65
CA LEU B 282 -15.53 37.06 -8.89
C LEU B 282 -15.77 38.11 -7.79
N GLN B 283 -17.03 38.41 -7.55
CA GLN B 283 -17.45 39.39 -6.60
C GLN B 283 -18.32 38.73 -5.51
N ASN B 284 -17.86 38.78 -4.28
CA ASN B 284 -18.58 38.20 -3.13
C ASN B 284 -18.89 36.71 -3.37
N ILE B 285 -18.00 35.99 -4.03
CA ILE B 285 -18.14 34.55 -4.17
C ILE B 285 -17.07 33.89 -3.34
N GLY B 286 -17.48 33.00 -2.46
CA GLY B 286 -16.55 32.27 -1.55
C GLY B 286 -16.18 30.91 -2.09
N ALA B 287 -15.42 30.18 -1.30
CA ALA B 287 -15.18 28.79 -1.58
C ALA B 287 -16.50 28.04 -1.42
N PRO B 288 -16.55 26.80 -1.94
CA PRO B 288 -17.80 26.02 -1.80
C PRO B 288 -18.11 25.69 -0.37
N TYR B 289 -19.38 25.47 -0.08
CA TYR B 289 -19.84 25.08 1.29
C TYR B 289 -20.22 23.60 1.40
N ALA B 290 -19.45 22.83 2.14
CA ALA B 290 -19.82 21.44 2.40
C ALA B 290 -20.38 21.41 3.82
N SER B 291 -21.36 20.57 4.05
CA SER B 291 -21.95 20.42 5.37
C SER B 291 -20.95 19.86 6.31
N SER B 292 -21.14 20.14 7.59
CA SER B 292 -20.43 19.40 8.61
C SER B 292 -21.09 18.00 8.61
N ARG B 293 -20.40 17.02 9.15
CA ARG B 293 -20.97 15.67 9.32
C ARG B 293 -21.90 15.53 10.51
N TRP B 294 -22.87 14.64 10.37
CA TRP B 294 -23.80 14.41 11.42
C TRP B 294 -23.27 13.36 12.38
N ASP B 295 -23.49 13.56 13.70
CA ASP B 295 -23.18 12.53 14.70
C ASP B 295 -24.36 11.60 14.87
N ALA B 296 -24.18 10.62 15.73
CA ALA B 296 -25.20 9.56 15.94
C ALA B 296 -26.53 10.13 16.46
N LYS B 297 -26.47 11.08 17.36
CA LYS B 297 -27.70 11.71 17.86
C LYS B 297 -28.41 12.37 16.72
N GLN B 298 -27.66 13.07 15.85
CA GLN B 298 -28.32 13.83 14.74
C GLN B 298 -29.00 12.86 13.74
N VAL B 299 -28.25 11.82 13.38
CA VAL B 299 -28.74 10.78 12.47
C VAL B 299 -30.01 10.14 13.05
N GLU B 300 -29.94 9.79 14.31
CA GLU B 300 -31.09 9.17 15.04
C GLU B 300 -32.34 10.05 15.05
N HIS B 301 -32.12 11.35 15.18
CA HIS B 301 -33.21 12.34 15.20
C HIS B 301 -33.88 12.45 13.87
N TYR B 302 -33.11 12.57 12.80
CA TYR B 302 -33.71 12.75 11.44
C TYR B 302 -34.11 11.44 10.83
N PHE B 303 -33.48 10.34 11.27
CA PHE B 303 -33.81 9.01 10.67
C PHE B 303 -33.96 7.99 11.76
N PRO B 304 -35.07 8.08 12.55
CA PRO B 304 -35.25 7.18 13.70
C PRO B 304 -35.47 5.73 13.35
N LYS B 305 -35.87 5.44 12.10
CA LYS B 305 -36.18 4.11 11.64
C LYS B 305 -35.25 3.71 10.51
N ARG B 306 -34.31 2.83 10.82
CA ARG B 306 -33.23 2.50 9.95
C ARG B 306 -33.14 0.98 9.78
N LEU B 307 -32.87 0.56 8.55
CA LEU B 307 -32.80 -0.85 8.16
C LEU B 307 -31.49 -1.09 7.46
N LEU B 308 -30.96 -2.30 7.67
CA LEU B 308 -29.78 -2.72 6.88
C LEU B 308 -28.64 -1.69 7.00
N GLU B 309 -28.36 -1.28 8.23
CA GLU B 309 -27.28 -0.37 8.51
C GLU B 309 -25.92 -0.94 8.13
N GLU B 310 -25.19 -0.12 7.40
CA GLU B 310 -23.80 -0.37 7.06
C GLU B 310 -22.90 0.50 7.89
N LYS B 311 -22.08 -0.12 8.72
CA LYS B 311 -21.13 0.62 9.52
C LYS B 311 -19.72 0.19 9.20
N GLU B 312 -18.77 1.13 9.18
CA GLU B 312 -17.33 0.79 9.14
C GLU B 312 -16.66 1.58 10.26
N GLU B 313 -15.89 0.86 11.05
CA GLU B 313 -15.23 1.40 12.24
C GLU B 313 -16.24 2.12 13.13
N GLU B 314 -17.46 1.56 13.22
CA GLU B 314 -18.55 2.10 14.07
C GLU B 314 -19.15 3.41 13.57
N ALA B 315 -18.67 3.93 12.45
CA ALA B 315 -19.33 5.03 11.73
C ALA B 315 -20.45 4.47 10.84
N LEU B 316 -21.64 5.03 10.97
CA LEU B 316 -22.74 4.71 10.08
C LEU B 316 -22.51 5.30 8.66
N LEU B 317 -22.41 4.44 7.67
CA LEU B 317 -22.22 4.90 6.30
C LEU B 317 -23.47 5.02 5.47
N SER B 318 -24.33 4.04 5.60
CA SER B 318 -25.54 4.08 4.84
C SER B 318 -26.60 3.23 5.48
N PHE B 319 -27.83 3.43 5.03
CA PHE B 319 -28.94 2.60 5.50
C PHE B 319 -30.16 2.78 4.63
N PHE B 320 -31.15 1.95 4.89
CA PHE B 320 -32.42 2.06 4.21
C PHE B 320 -33.50 2.34 5.23
N THR B 321 -34.63 2.78 4.73
CA THR B 321 -35.82 3.11 5.54
C THR B 321 -37.06 2.29 5.18
N PRO B 322 -38.07 2.26 6.10
CA PRO B 322 -39.39 1.61 5.83
C PRO B 322 -40.14 2.26 4.67
N GLU B 323 -39.84 3.52 4.41
CA GLU B 323 -40.43 4.24 3.28
C GLU B 323 -39.75 3.85 1.95
N LYS B 324 -38.83 2.88 1.99
CA LYS B 324 -38.11 2.43 0.80
C LYS B 324 -37.12 3.45 0.25
N SER B 325 -36.54 4.26 1.14
CA SER B 325 -35.46 5.15 0.78
C SER B 325 -34.15 4.56 1.15
N HIS B 326 -33.10 5.05 0.49
CA HIS B 326 -31.77 4.73 0.84
C HIS B 326 -31.09 6.01 1.22
N VAL B 327 -30.44 5.98 2.37
CA VAL B 327 -29.77 7.15 2.91
C VAL B 327 -28.28 6.93 2.98
N VAL B 328 -27.57 7.94 2.51
CA VAL B 328 -26.10 7.90 2.47
C VAL B 328 -25.61 9.01 3.36
N LEU B 329 -24.68 8.69 4.23
CA LEU B 329 -24.12 9.72 5.06
C LEU B 329 -22.83 10.14 4.43
N GLN B 330 -22.46 11.37 4.76
CA GLN B 330 -21.28 12.09 4.15
C GLN B 330 -20.00 11.27 4.08
N ASP B 331 -19.64 10.58 5.18
CA ASP B 331 -18.44 9.71 5.25
C ASP B 331 -18.39 8.69 4.16
N LYS B 332 -19.52 8.16 3.75
CA LYS B 332 -19.45 7.15 2.69
C LYS B 332 -19.00 7.71 1.38
N GLU B 333 -19.55 8.88 1.02
CA GLU B 333 -19.21 9.50 -0.21
C GLU B 333 -17.68 9.75 -0.28
N LEU B 334 -17.10 10.08 0.85
CA LEU B 334 -15.65 10.30 0.92
C LEU B 334 -14.84 9.01 0.85
N THR B 335 -15.50 7.82 0.94
CA THR B 335 -14.76 6.59 0.72
C THR B 335 -15.04 5.94 -0.63
N THR B 336 -16.08 6.39 -1.35
CA THR B 336 -16.43 5.76 -2.60
C THR B 336 -15.84 6.51 -3.74
N GLU B 337 -15.08 5.77 -4.56
CA GLU B 337 -14.44 6.31 -5.71
C GLU B 337 -15.40 6.87 -6.76
N ARG B 338 -16.54 6.22 -6.86
CA ARG B 338 -17.59 6.71 -7.79
C ARG B 338 -18.58 7.56 -7.00
N PRO B 339 -19.11 8.64 -7.60
CA PRO B 339 -20.00 9.51 -6.78
C PRO B 339 -21.41 8.98 -6.63
N HIS B 340 -21.97 9.09 -5.45
CA HIS B 340 -23.33 8.58 -5.23
C HIS B 340 -24.27 9.43 -5.97
N GLY B 341 -25.24 8.79 -6.60
CA GLY B 341 -26.09 9.49 -7.56
C GLY B 341 -27.33 8.74 -7.87
N HIS B 342 -28.15 9.37 -8.67
CA HIS B 342 -29.50 8.95 -8.86
C HIS B 342 -30.08 9.52 -10.18
N ILE B 343 -31.00 8.79 -10.78
CA ILE B 343 -31.81 9.23 -11.95
C ILE B 343 -33.27 9.18 -11.61
N LEU B 344 -33.92 10.33 -11.80
CA LEU B 344 -35.37 10.46 -11.71
C LEU B 344 -35.99 10.31 -13.09
N THR B 346 -40.17 10.10 -14.94
CA THR B 346 -41.58 10.20 -14.78
C THR B 346 -42.24 8.88 -15.23
N ASN B 347 -43.37 8.60 -14.61
CA ASN B 347 -44.13 7.40 -14.86
C ASN B 347 -44.72 7.44 -16.27
N PHE B 348 -45.07 6.28 -16.77
CA PHE B 348 -45.70 6.20 -18.09
C PHE B 348 -46.70 5.02 -18.10
N ASP B 349 -47.51 4.97 -19.15
CA ASP B 349 -48.46 3.91 -19.39
C ASP B 349 -47.64 2.61 -19.67
N VAL B 350 -47.74 1.67 -18.77
CA VAL B 350 -46.94 0.43 -18.80
C VAL B 350 -47.47 -0.64 -19.74
N THR B 351 -48.42 -0.28 -20.61
CA THR B 351 -48.90 -1.15 -21.70
C THR B 351 -48.29 -0.79 -23.07
N LYS B 352 -47.49 0.29 -23.12
CA LYS B 352 -46.98 0.84 -24.39
C LYS B 352 -45.54 1.37 -24.26
N VAL B 353 -44.80 1.30 -25.34
CA VAL B 353 -43.45 1.86 -25.43
C VAL B 353 -43.64 3.36 -25.30
N PRO B 354 -43.13 3.94 -24.24
CA PRO B 354 -43.41 5.34 -23.98
C PRO B 354 -42.55 6.27 -24.81
N GLN B 355 -43.03 7.48 -24.93
CA GLN B 355 -42.30 8.56 -25.63
C GLN B 355 -42.38 9.73 -24.73
N GLY B 356 -41.40 10.60 -24.84
CA GLY B 356 -41.44 11.86 -24.12
C GLY B 356 -41.30 11.70 -22.62
N VAL B 357 -40.67 10.65 -22.16
CA VAL B 357 -40.49 10.47 -20.74
C VAL B 357 -39.53 11.57 -20.23
N VAL B 358 -39.86 12.15 -19.07
CA VAL B 358 -39.00 13.15 -18.46
C VAL B 358 -38.01 12.51 -17.51
N SER B 359 -36.76 12.94 -17.64
CA SER B 359 -35.71 12.38 -16.81
C SER B 359 -34.72 13.46 -16.31
N SER B 360 -34.16 13.22 -15.13
CA SER B 360 -33.17 14.11 -14.52
C SER B 360 -32.21 13.28 -13.78
N THR B 361 -30.99 13.73 -13.69
CA THR B 361 -29.94 13.06 -12.93
C THR B 361 -29.51 13.93 -11.80
N ASN B 362 -29.09 13.33 -10.71
CA ASN B 362 -28.54 14.11 -9.60
C ASN B 362 -27.47 13.37 -8.90
N TYR B 363 -26.62 14.10 -8.20
CA TYR B 363 -25.57 13.50 -7.39
C TYR B 363 -25.50 14.12 -5.99
N TYR B 365 -23.04 15.22 -4.15
CA TYR B 365 -22.17 16.45 -3.97
C TYR B 365 -22.75 17.73 -4.65
N GLY B 366 -24.05 17.92 -4.45
CA GLY B 366 -24.76 19.16 -4.85
C GLY B 366 -24.97 19.39 -6.32
N ALA B 367 -25.10 18.34 -7.08
CA ALA B 367 -25.55 18.42 -8.48
C ALA B 367 -26.98 18.04 -8.43
N PHE B 368 -27.83 19.06 -8.34
CA PHE B 368 -29.22 18.87 -8.07
C PHE B 368 -30.07 18.42 -9.25
N ASN B 369 -29.60 18.72 -10.45
CA ASN B 369 -30.36 18.45 -11.64
C ASN B 369 -29.52 18.58 -12.87
N CYS B 370 -29.00 17.44 -13.35
CA CYS B 370 -28.24 17.41 -14.61
C CYS B 370 -29.10 16.71 -15.68
N GLN B 371 -28.87 17.04 -16.91
CA GLN B 371 -29.44 16.25 -18.01
C GLN B 371 -30.92 16.09 -17.89
N PHE B 372 -31.58 17.23 -17.70
CA PHE B 372 -33.02 17.28 -17.71
C PHE B 372 -33.43 17.14 -19.18
N VAL B 373 -34.25 16.13 -19.42
CA VAL B 373 -34.60 15.73 -20.78
C VAL B 373 -36.09 15.38 -20.86
N VAL B 374 -36.66 15.61 -22.05
CA VAL B 374 -38.03 15.14 -22.38
C VAL B 374 -37.93 14.23 -23.61
N GLY B 375 -38.04 12.90 -23.39
CA GLY B 375 -37.79 11.92 -24.45
C GLY B 375 -36.30 11.82 -24.65
N ASN B 376 -35.85 11.98 -25.89
CA ASN B 376 -34.47 11.69 -26.25
C ASN B 376 -33.45 12.24 -25.24
N THR B 377 -32.67 11.33 -24.66
CA THR B 377 -31.79 11.71 -23.55
C THR B 377 -30.53 12.45 -24.01
N THR B 378 -30.25 12.41 -25.32
CA THR B 378 -29.15 13.11 -25.92
C THR B 378 -29.55 14.49 -26.43
N TYR B 379 -30.65 14.54 -27.19
CA TYR B 379 -31.04 15.74 -27.88
C TYR B 379 -32.06 16.59 -27.23
N ASN B 380 -33.05 16.00 -26.61
CA ASN B 380 -34.18 16.78 -26.06
C ASN B 380 -33.93 17.26 -24.60
N LYS B 381 -32.90 18.06 -24.44
CA LYS B 381 -32.22 18.35 -23.18
C LYS B 381 -32.21 19.84 -22.85
N LEU B 382 -32.44 20.13 -21.57
CA LEU B 382 -32.51 21.48 -21.07
C LEU B 382 -31.25 21.82 -20.32
N LEU B 383 -30.81 20.87 -19.53
CA LEU B 383 -29.63 21.08 -18.63
C LEU B 383 -28.47 20.17 -18.95
N SER B 384 -27.25 20.69 -18.80
CA SER B 384 -26.09 19.99 -19.26
C SER B 384 -25.85 18.73 -18.45
N ASN B 385 -25.07 17.83 -19.03
CA ASN B 385 -24.69 16.57 -18.37
C ASN B 385 -23.67 16.72 -17.22
N HIS B 386 -23.81 15.87 -16.23
CA HIS B 386 -22.78 15.57 -15.27
C HIS B 386 -21.57 14.96 -15.97
N ARG B 387 -20.39 15.34 -15.55
CA ARG B 387 -19.13 14.85 -16.09
C ARG B 387 -18.22 14.54 -14.91
N GLY B 388 -17.29 13.65 -15.16
CA GLY B 388 -16.23 13.37 -14.21
C GLY B 388 -16.71 12.56 -13.02
N LEU B 389 -15.90 12.59 -11.95
CA LEU B 389 -16.20 11.87 -10.73
C LEU B 389 -16.10 12.65 -9.43
N LEU B 390 -15.30 13.72 -9.44
CA LEU B 390 -14.87 14.35 -8.17
C LEU B 390 -15.37 15.78 -8.05
N ASN B 391 -16.20 16.22 -8.96
CA ASN B 391 -16.82 17.51 -8.85
C ASN B 391 -15.81 18.67 -8.84
N ILE B 392 -14.73 18.56 -9.64
CA ILE B 392 -13.77 19.69 -9.83
C ILE B 392 -14.48 20.78 -10.61
N GLN B 393 -14.96 20.40 -11.79
CA GLN B 393 -15.87 21.21 -12.56
C GLN B 393 -17.28 20.96 -12.02
N LYS B 394 -17.82 21.97 -11.36
CA LYS B 394 -19.06 21.81 -10.56
C LYS B 394 -20.17 22.73 -11.04
N ASP B 395 -20.16 22.97 -12.36
CA ASP B 395 -21.10 23.90 -13.00
C ASP B 395 -22.31 23.20 -13.55
N SER B 396 -22.22 21.89 -13.78
CA SER B 396 -23.20 21.25 -14.62
C SER B 396 -24.63 21.32 -14.09
N GLY B 397 -25.58 21.34 -15.00
CA GLY B 397 -26.95 21.34 -14.61
C GLY B 397 -27.32 22.46 -13.66
N GLN B 398 -28.17 22.11 -12.72
CA GLN B 398 -28.66 23.06 -11.73
C GLN B 398 -27.70 23.00 -10.49
N ARG B 399 -27.19 24.16 -10.10
CA ARG B 399 -26.32 24.30 -8.93
C ARG B 399 -26.87 25.38 -8.04
N ILE B 400 -26.53 25.31 -6.74
CA ILE B 400 -27.07 26.24 -5.73
C ILE B 400 -25.94 26.88 -4.97
N PHE B 401 -25.93 28.23 -4.98
CA PHE B 401 -25.12 29.04 -4.08
C PHE B 401 -26.03 29.64 -2.99
N ILE B 402 -25.49 29.70 -1.78
CA ILE B 402 -26.18 30.26 -0.62
C ILE B 402 -25.23 31.24 0.07
N LYS B 403 -25.78 32.36 0.50
CA LYS B 403 -24.94 33.39 1.10
C LYS B 403 -24.74 33.01 2.55
N ILE B 404 -23.49 32.88 2.94
CA ILE B 404 -23.08 32.62 4.30
C ILE B 404 -22.09 33.70 4.61
N GLY B 405 -22.45 34.54 5.58
CA GLY B 405 -21.66 35.70 5.93
C GLY B 405 -21.63 36.66 4.76
N ASP B 406 -20.44 37.06 4.32
CA ASP B 406 -20.30 38.05 3.24
C ASP B 406 -20.57 37.51 1.83
N CYS B 407 -20.47 36.20 1.69
CA CYS B 407 -20.11 35.56 0.43
C CYS B 407 -21.21 34.58 0.03
N TYR B 408 -21.53 34.56 -1.26
CA TYR B 408 -22.21 33.42 -1.85
C TYR B 408 -21.24 32.20 -1.92
N ARG B 409 -21.72 31.02 -1.55
CA ARG B 409 -20.90 29.81 -1.49
C ARG B 409 -21.67 28.67 -2.08
N GLN B 410 -21.04 27.92 -2.98
CA GLN B 410 -21.74 26.86 -3.69
C GLN B 410 -21.92 25.62 -2.85
N LEU B 411 -23.13 25.13 -2.77
CA LEU B 411 -23.39 23.91 -2.01
C LEU B 411 -22.70 22.70 -2.67
N THR B 412 -21.93 21.97 -1.89
CA THR B 412 -21.36 20.74 -2.37
C THR B 412 -21.88 19.53 -1.61
N LEU B 413 -21.14 19.09 -0.61
CA LEU B 413 -21.39 17.79 0.01
C LEU B 413 -22.30 17.95 1.23
N PRO B 414 -23.41 17.26 1.29
CA PRO B 414 -24.32 17.38 2.40
C PRO B 414 -23.97 16.40 3.50
N ALA B 415 -24.68 16.53 4.63
CA ALA B 415 -24.47 15.62 5.76
C ALA B 415 -25.05 14.28 5.35
N ALA B 416 -26.19 14.36 4.65
CA ALA B 416 -26.91 13.16 4.23
C ALA B 416 -27.62 13.37 2.94
N TYR B 417 -27.77 12.28 2.22
CA TYR B 417 -28.42 12.22 0.93
C TYR B 417 -29.34 11.03 0.97
N GLU B 418 -30.61 11.30 0.71
CA GLU B 418 -31.67 10.33 0.76
C GLU B 418 -32.37 10.18 -0.63
N ASN B 420 -35.12 8.18 -3.09
CA ASN B 420 -36.31 7.42 -3.24
C ASN B 420 -36.51 7.27 -4.75
N VAL B 421 -37.28 6.31 -5.20
CA VAL B 421 -37.55 6.24 -6.64
C VAL B 421 -38.23 7.53 -7.17
N ALA B 422 -38.87 8.32 -6.32
CA ALA B 422 -39.49 9.57 -6.74
C ALA B 422 -38.64 10.82 -6.62
N GLY B 423 -37.55 10.75 -5.89
CA GLY B 423 -36.77 11.95 -5.63
C GLY B 423 -35.56 11.75 -4.77
N SER B 424 -34.83 12.84 -4.70
CA SER B 424 -33.65 12.92 -3.91
C SER B 424 -33.79 14.06 -2.96
N THR B 425 -33.28 13.87 -1.74
CA THR B 425 -33.20 14.91 -0.70
C THR B 425 -31.80 15.03 -0.15
N TRP B 426 -31.30 16.28 -0.16
CA TRP B 426 -30.02 16.64 0.41
C TRP B 426 -30.27 17.40 1.71
N TYR B 427 -29.58 17.01 2.76
CA TYR B 427 -29.59 17.70 4.07
C TYR B 427 -28.22 18.33 4.35
N TYR B 428 -28.18 19.65 4.35
CA TYR B 428 -26.96 20.37 4.71
C TYR B 428 -27.12 20.95 6.10
N GLN B 429 -26.17 20.63 6.96
CA GLN B 429 -26.05 21.22 8.28
C GLN B 429 -25.41 22.59 8.11
N LEU B 430 -26.17 23.59 8.53
CA LEU B 430 -25.70 24.94 8.59
C LEU B 430 -25.52 25.27 10.08
N ASP B 431 -25.00 26.47 10.32
CA ASP B 431 -24.91 27.00 11.69
C ASP B 431 -26.34 27.12 12.25
N GLU B 432 -26.70 26.23 13.16
CA GLU B 432 -27.98 26.23 13.88
C GLU B 432 -29.23 26.14 12.98
N ASP B 433 -29.10 25.42 11.89
CA ASP B 433 -30.16 25.24 10.94
C ASP B 433 -29.79 24.05 10.09
N VAL B 434 -30.82 23.45 9.51
CA VAL B 434 -30.66 22.45 8.46
C VAL B 434 -31.40 22.91 7.18
N LEU B 435 -30.69 22.85 6.06
CA LEU B 435 -31.27 23.20 4.78
C LEU B 435 -31.51 21.91 4.02
N ILE B 436 -32.77 21.71 3.65
CA ILE B 436 -33.27 20.52 2.97
C ILE B 436 -33.58 20.91 1.55
N ILE B 437 -32.90 20.22 0.63
CA ILE B 437 -33.07 20.43 -0.81
C ILE B 437 -33.60 19.16 -1.37
N THR B 438 -34.65 19.27 -2.16
CA THR B 438 -35.35 18.16 -2.66
C THR B 438 -35.54 18.36 -4.17
N SER B 439 -35.10 17.39 -4.95
CA SER B 439 -35.37 17.37 -6.38
C SER B 439 -36.18 16.11 -6.64
N PHE B 440 -37.37 16.31 -7.22
CA PHE B 440 -38.36 15.23 -7.29
C PHE B 440 -39.20 15.24 -8.55
N ALA B 441 -39.68 14.04 -8.91
CA ALA B 441 -40.53 13.82 -10.13
C ALA B 441 -41.96 13.93 -9.78
N TYR B 443 -45.72 12.88 -10.36
CA TYR B 443 -46.55 11.79 -10.94
C TYR B 443 -47.57 12.27 -12.01
N ASN B 444 -47.58 11.58 -13.14
CA ASN B 444 -48.52 11.89 -14.30
C ASN B 444 -48.30 13.24 -15.02
N ARG B 445 -47.16 13.88 -14.82
CA ARG B 445 -46.91 15.20 -15.39
C ARG B 445 -45.44 15.25 -15.78
N PRO B 446 -45.11 15.90 -16.94
CA PRO B 446 -43.71 15.96 -17.35
C PRO B 446 -42.89 17.01 -16.59
N GLU B 447 -42.66 16.76 -15.31
CA GLU B 447 -42.05 17.73 -14.44
C GLU B 447 -41.07 17.16 -13.45
N ILE B 448 -40.03 17.95 -13.23
CA ILE B 448 -39.12 17.80 -12.09
C ILE B 448 -39.20 19.10 -11.31
N VAL B 449 -39.19 18.98 -10.00
CA VAL B 449 -39.38 20.08 -9.09
C VAL B 449 -38.21 20.15 -8.15
N LEU B 450 -37.65 21.35 -8.00
CA LEU B 450 -36.66 21.61 -6.94
C LEU B 450 -37.33 22.36 -5.83
N LYS B 451 -37.19 21.88 -4.60
CA LYS B 451 -37.64 22.61 -3.45
C LYS B 451 -36.50 22.80 -2.50
N VAL B 452 -36.38 24.03 -2.03
CA VAL B 452 -35.41 24.39 -1.02
C VAL B 452 -36.18 24.80 0.24
N GLN B 453 -35.76 24.30 1.39
CA GLN B 453 -36.43 24.61 2.65
C GLN B 453 -35.44 24.65 3.83
N SER B 454 -35.51 25.75 4.55
CA SER B 454 -34.81 25.92 5.80
C SER B 454 -35.71 25.28 6.83
N LEU B 455 -35.21 24.27 7.50
CA LEU B 455 -35.97 23.60 8.62
C LEU B 455 -36.44 24.55 9.71
N GLY B 456 -35.53 25.41 10.13
CA GLY B 456 -35.84 26.41 11.14
C GLY B 456 -36.50 27.67 10.57
N HIS B 457 -37.00 27.62 9.35
CA HIS B 457 -37.67 28.78 8.75
C HIS B 457 -36.80 30.05 8.81
N LYS B 458 -35.50 29.88 8.62
CA LYS B 458 -34.56 30.98 8.52
C LYS B 458 -34.44 31.41 7.08
N LYS B 459 -34.25 32.71 6.88
CA LYS B 459 -34.16 33.31 5.55
C LYS B 459 -32.71 33.40 5.09
N TYR B 460 -32.50 33.14 3.82
CA TYR B 460 -31.21 33.21 3.22
C TYR B 460 -31.32 33.85 1.88
N ASP B 461 -30.19 34.24 1.41
CA ASP B 461 -29.98 34.55 0.02
C ASP B 461 -29.38 33.43 -0.78
N PHE B 462 -29.88 33.25 -2.02
CA PHE B 462 -29.43 32.19 -2.93
C PHE B 462 -29.26 32.66 -4.38
N ILE B 463 -28.33 31.98 -5.07
CA ILE B 463 -28.24 32.02 -6.54
C ILE B 463 -28.32 30.60 -7.06
N VAL B 464 -29.33 30.33 -7.87
CA VAL B 464 -29.46 29.04 -8.51
C VAL B 464 -29.04 29.22 -9.94
N THR B 465 -27.99 28.51 -10.33
CA THR B 465 -27.48 28.57 -11.70
C THR B 465 -27.95 27.36 -12.45
N HIS B 466 -28.11 27.55 -13.75
CA HIS B 466 -28.48 26.51 -14.70
C HIS B 466 -27.61 26.58 -15.96
N GLN B 467 -26.78 25.57 -16.17
CA GLN B 467 -26.04 25.45 -17.41
C GLN B 467 -26.99 24.87 -18.45
N LEU B 468 -27.50 25.77 -19.28
CA LEU B 468 -28.52 25.43 -20.25
C LEU B 468 -27.87 24.82 -21.48
N THR B 469 -28.61 23.93 -22.11
CA THR B 469 -28.26 23.37 -23.42
C THR B 469 -29.30 23.73 -24.48
N VAL B 470 -30.49 23.22 -24.25
CA VAL B 470 -31.65 23.33 -25.12
C VAL B 470 -31.19 22.81 -26.46
N GLY B 471 -30.95 21.52 -26.48
CA GLY B 471 -30.10 20.90 -27.45
C GLY B 471 -29.14 19.91 -26.75
N PRO B 472 -28.32 19.22 -27.56
CA PRO B 472 -27.50 18.09 -27.04
C PRO B 472 -26.33 18.48 -26.10
N ASN B 473 -25.78 19.67 -26.26
CA ASN B 473 -24.56 20.07 -25.54
C ASN B 473 -24.55 21.57 -25.25
N GLU B 474 -23.79 21.91 -24.21
CA GLU B 474 -23.63 23.31 -23.79
C GLU B 474 -22.67 24.00 -24.77
N TYR B 475 -22.83 25.32 -24.93
CA TYR B 475 -21.88 26.12 -25.74
C TYR B 475 -21.90 25.86 -27.30
N GLU B 476 -22.94 25.22 -27.80
CA GLU B 476 -23.06 24.84 -29.22
C GLU B 476 -23.99 25.75 -29.99
N ASN B 477 -25.07 26.15 -29.33
CA ASN B 477 -26.11 26.83 -30.01
C ASN B 477 -26.81 27.82 -29.15
N GLU B 478 -27.28 28.85 -29.82
CA GLU B 478 -28.08 29.87 -29.21
C GLU B 478 -29.45 29.31 -28.73
N ILE B 479 -30.08 29.99 -27.77
CA ILE B 479 -31.31 29.52 -27.13
C ILE B 479 -32.36 30.60 -27.14
N LYS B 480 -33.61 30.22 -27.39
CA LYS B 480 -34.74 31.12 -27.25
C LYS B 480 -35.25 31.08 -25.83
N LEU B 481 -35.28 32.26 -25.22
CA LEU B 481 -35.77 32.44 -23.87
C LEU B 481 -36.81 33.54 -23.89
N THR B 482 -37.98 33.21 -23.41
CA THR B 482 -39.06 34.20 -23.23
C THR B 482 -39.53 34.07 -21.80
N ARG B 483 -40.04 35.17 -21.28
CA ARG B 483 -40.56 35.29 -19.95
C ARG B 483 -41.95 35.93 -19.98
N GLU B 484 -42.84 35.41 -19.13
CA GLU B 484 -44.12 36.00 -18.83
C GLU B 484 -44.35 35.85 -17.29
N GLY B 485 -44.08 36.93 -16.56
CA GLY B 485 -44.18 36.93 -15.09
C GLY B 485 -43.15 35.98 -14.45
N ASN B 486 -43.65 34.94 -13.80
CA ASN B 486 -42.79 33.97 -13.14
C ASN B 486 -42.63 32.66 -13.95
N ILE B 487 -42.93 32.69 -15.23
CA ILE B 487 -42.81 31.55 -16.16
C ILE B 487 -41.81 31.82 -17.26
N LEU B 488 -40.79 30.98 -17.37
CA LEU B 488 -39.83 31.11 -18.48
C LEU B 488 -40.14 30.03 -19.44
N GLN B 489 -39.95 30.32 -20.73
CA GLN B 489 -40.10 29.32 -21.74
C GLN B 489 -38.82 29.32 -22.55
N LEU B 490 -38.32 28.10 -22.77
CA LEU B 490 -37.06 27.93 -23.48
C LEU B 490 -37.23 27.00 -24.65
N SER B 491 -36.68 27.40 -25.76
CA SER B 491 -36.71 26.52 -26.94
C SER B 491 -35.50 26.64 -27.85
N PRO B 492 -35.19 25.56 -28.58
CA PRO B 492 -34.05 25.59 -29.45
C PRO B 492 -34.25 26.52 -30.67
N THR B 493 -33.15 27.14 -31.09
CA THR B 493 -33.07 27.93 -32.30
C THR B 493 -32.93 26.97 -33.50
N ASP B 494 -33.18 27.53 -34.70
CA ASP B 494 -33.31 26.75 -35.96
C ASP B 494 -32.18 25.77 -36.22
N PRO B 495 -30.91 26.22 -36.05
CA PRO B 495 -29.78 25.30 -36.35
C PRO B 495 -29.74 24.00 -35.56
N VAL B 496 -30.38 23.98 -34.40
CA VAL B 496 -30.26 22.86 -33.48
C VAL B 496 -31.03 21.67 -34.05
N VAL B 497 -30.37 20.53 -34.05
CA VAL B 497 -30.91 19.26 -34.60
C VAL B 497 -32.29 18.91 -34.05
N THR B 498 -32.43 19.12 -32.77
CA THR B 498 -33.68 19.00 -32.04
C THR B 498 -34.85 19.69 -32.78
N ASN B 499 -34.56 20.92 -33.20
CA ASN B 499 -35.54 21.72 -33.91
C ASN B 499 -36.06 21.01 -35.12
N HIS B 500 -35.23 20.30 -35.84
CA HIS B 500 -35.76 19.62 -37.03
C HIS B 500 -36.80 18.52 -36.76
N PHE B 501 -36.52 17.59 -35.85
CA PHE B 501 -37.39 16.40 -35.59
C PHE B 501 -38.42 16.56 -34.45
N TYR B 502 -38.13 17.46 -33.51
CA TYR B 502 -39.12 17.85 -32.48
C TYR B 502 -39.34 19.40 -32.57
N PRO B 503 -39.95 19.90 -33.67
CA PRO B 503 -40.11 21.36 -33.90
C PRO B 503 -40.88 22.12 -32.84
N GLU B 504 -41.74 21.41 -32.12
CA GLU B 504 -42.54 21.99 -31.05
C GLU B 504 -41.90 21.84 -29.66
N LEU B 505 -40.68 21.30 -29.59
CA LEU B 505 -40.10 21.02 -28.28
C LEU B 505 -39.93 22.34 -27.56
N SER B 506 -40.37 22.36 -26.30
CA SER B 506 -39.99 23.46 -25.44
C SER B 506 -39.84 23.01 -24.03
N PHE B 507 -39.13 23.83 -23.25
CA PHE B 507 -39.13 23.70 -21.78
C PHE B 507 -39.75 24.91 -21.16
N ARG B 508 -40.34 24.75 -19.99
CA ARG B 508 -40.70 25.88 -19.16
C ARG B 508 -40.16 25.73 -17.72
N ARG B 510 -41.06 27.49 -13.96
CA ARG B 510 -41.64 28.45 -13.04
C ARG B 510 -40.63 28.78 -11.95
N ILE B 511 -40.37 30.06 -11.83
CA ILE B 511 -39.37 30.62 -10.89
C ILE B 511 -40.05 31.36 -9.72
N PRO B 512 -39.33 31.65 -8.65
CA PRO B 512 -39.99 32.31 -7.52
C PRO B 512 -40.35 33.76 -7.86
N GLU B 513 -41.37 34.26 -7.20
CA GLU B 513 -42.04 35.50 -7.59
C GLU B 513 -41.13 36.71 -7.68
N ASP B 514 -40.30 36.91 -6.66
CA ASP B 514 -39.48 38.14 -6.60
C ASP B 514 -38.04 37.95 -6.94
N CYS B 515 -37.70 37.01 -7.82
CA CYS B 515 -36.29 36.69 -8.05
C CYS B 515 -35.83 37.62 -9.15
N THR B 516 -34.52 37.71 -9.34
CA THR B 516 -33.97 38.40 -10.46
C THR B 516 -33.19 37.39 -11.32
N LEU B 517 -33.23 37.62 -12.62
CA LEU B 517 -32.72 36.71 -13.61
C LEU B 517 -31.52 37.28 -14.28
N SER B 518 -30.49 36.50 -14.50
CA SER B 518 -29.36 36.98 -15.28
C SER B 518 -28.61 35.83 -15.86
N ASP B 519 -27.43 36.11 -16.39
CA ASP B 519 -26.50 35.05 -16.81
C ASP B 519 -25.40 35.01 -15.77
N ASP B 520 -24.18 34.65 -16.11
CA ASP B 520 -23.07 34.71 -15.12
C ASP B 520 -22.58 36.14 -14.75
N SER B 521 -23.13 37.17 -15.42
CA SER B 521 -22.70 38.56 -15.15
C SER B 521 -22.73 38.99 -13.67
N ILE B 522 -23.72 38.47 -12.93
CA ILE B 522 -23.88 38.85 -11.54
C ILE B 522 -22.77 38.30 -10.63
N PHE B 523 -22.05 37.28 -11.09
CA PHE B 523 -20.89 36.75 -10.37
C PHE B 523 -19.60 37.60 -10.40
N PHE B 524 -19.54 38.57 -11.31
CA PHE B 524 -18.30 39.33 -11.59
C PHE B 524 -18.36 40.80 -11.22
N HIS B 525 -17.20 41.35 -10.87
CA HIS B 525 -17.09 42.82 -10.56
C HIS B 525 -17.56 43.67 -11.74
N ASN B 526 -17.17 43.25 -12.93
CA ASN B 526 -17.59 43.87 -14.22
C ASN B 526 -19.12 44.09 -14.27
N ASN B 527 -19.81 43.15 -13.63
CA ASN B 527 -21.16 42.79 -13.98
C ASN B 527 -21.26 42.44 -15.48
N THR B 528 -20.21 41.86 -16.04
CA THR B 528 -20.14 41.56 -17.48
C THR B 528 -20.28 40.08 -17.70
N THR B 529 -21.10 39.82 -18.69
CA THR B 529 -21.41 38.50 -19.14
C THR B 529 -20.19 37.82 -19.77
N ILE B 530 -19.94 36.58 -19.42
CA ILE B 530 -18.99 35.78 -20.19
C ILE B 530 -19.75 34.62 -20.81
N ASN B 531 -20.35 33.79 -19.94
CA ASN B 531 -21.21 32.71 -20.37
C ASN B 531 -22.68 33.18 -20.34
N PRO B 532 -23.24 33.46 -21.54
CA PRO B 532 -24.60 33.99 -21.58
C PRO B 532 -25.65 32.92 -21.44
N SER B 533 -25.26 31.64 -21.49
CA SER B 533 -26.23 30.57 -21.32
C SER B 533 -26.21 29.94 -19.93
N LEU B 534 -25.49 30.55 -18.97
CA LEU B 534 -25.66 30.22 -17.57
C LEU B 534 -26.83 31.01 -17.02
N LEU B 535 -27.99 30.38 -16.92
CA LEU B 535 -29.17 31.06 -16.42
C LEU B 535 -29.12 31.05 -14.89
N SER B 536 -29.03 32.25 -14.31
CA SER B 536 -28.92 32.47 -12.87
C SER B 536 -30.11 33.13 -12.26
N ILE B 537 -30.55 32.58 -11.16
CA ILE B 537 -31.73 33.04 -10.43
C ILE B 537 -31.34 33.43 -9.01
N GLU B 538 -31.36 34.74 -8.74
CA GLU B 538 -31.00 35.24 -7.43
C GLU B 538 -32.28 35.43 -6.65
N ILE B 539 -32.32 34.80 -5.48
CA ILE B 539 -33.52 34.79 -4.66
C ILE B 539 -33.08 35.32 -3.29
N LEU B 540 -33.71 36.41 -2.85
CA LEU B 540 -33.23 37.16 -1.71
C LEU B 540 -34.11 36.93 -0.53
N GLN B 541 -33.46 36.69 0.61
CA GLN B 541 -34.16 36.66 1.89
C GLN B 541 -35.39 35.74 1.94
N LYS B 542 -35.18 34.46 1.62
CA LYS B 542 -36.28 33.51 1.65
C LYS B 542 -35.89 32.36 2.43
N SER B 543 -36.87 31.76 3.08
CA SER B 543 -36.68 30.55 3.89
C SER B 543 -37.12 29.31 3.12
N SER B 544 -37.75 29.54 1.97
CA SER B 544 -38.07 28.49 1.03
C SER B 544 -38.45 29.00 -0.33
N PHE B 545 -38.23 28.14 -1.29
CA PHE B 545 -38.62 28.47 -2.66
C PHE B 545 -38.63 27.20 -3.47
N ASP B 546 -39.19 27.32 -4.66
CA ASP B 546 -39.13 26.24 -5.61
C ASP B 546 -38.93 26.68 -6.98
N ILE B 547 -38.45 25.74 -7.77
CA ILE B 547 -38.33 25.94 -9.20
C ILE B 547 -38.88 24.70 -9.85
N VAL B 548 -39.84 24.91 -10.73
CA VAL B 548 -40.51 23.82 -11.38
C VAL B 548 -40.18 23.77 -12.86
N GLN B 550 -40.52 21.97 -16.59
CA GLN B 550 -41.43 21.21 -17.41
C GLN B 550 -40.74 20.97 -18.67
N GLY B 551 -41.00 19.81 -19.25
CA GLY B 551 -40.59 19.53 -20.61
C GLY B 551 -41.72 19.09 -21.54
N PHE B 552 -41.67 19.55 -22.78
CA PHE B 552 -42.71 19.24 -23.79
C PHE B 552 -42.06 18.94 -25.08
N ASP B 553 -41.86 17.67 -25.38
CA ASP B 553 -41.25 17.27 -26.62
C ASP B 553 -42.14 17.59 -27.85
N THR B 554 -43.46 17.55 -27.66
CA THR B 554 -44.43 17.79 -28.73
C THR B 554 -45.27 19.03 -28.50
N GLY B 555 -44.83 19.89 -27.61
CA GLY B 555 -45.50 21.15 -27.37
C GLY B 555 -46.84 21.11 -26.70
N ASN B 556 -47.21 20.01 -26.03
CA ASN B 556 -48.48 19.96 -25.27
C ASN B 556 -48.37 20.64 -23.91
N VAL B 557 -48.23 21.96 -23.95
CA VAL B 557 -47.94 22.77 -22.78
C VAL B 557 -49.13 22.73 -21.82
N ILE B 558 -48.85 22.58 -20.54
CA ILE B 558 -49.88 22.51 -19.49
C ILE B 558 -49.57 23.58 -18.46
N PRO B 559 -50.62 24.20 -17.86
CA PRO B 559 -50.36 25.10 -16.78
C PRO B 559 -49.68 24.40 -15.60
N PHE B 560 -48.94 25.19 -14.83
CA PHE B 560 -48.37 24.76 -13.56
C PHE B 560 -49.47 24.58 -12.56
N LEU B 561 -49.28 23.63 -11.67
CA LEU B 561 -50.12 23.51 -10.46
C LEU B 561 -49.83 24.66 -9.51
N ASP B 562 -50.77 24.90 -8.61
CA ASP B 562 -50.59 25.90 -7.54
C ASP B 562 -49.64 25.39 -6.46
N GLN B 563 -49.75 24.11 -6.11
CA GLN B 563 -48.88 23.50 -5.11
C GLN B 563 -48.22 22.24 -5.64
N TYR B 564 -46.95 22.09 -5.27
CA TYR B 564 -46.13 20.97 -5.72
C TYR B 564 -45.62 20.20 -4.49
N ASP B 565 -46.23 19.05 -4.25
CA ASP B 565 -46.11 18.33 -2.98
C ASP B 565 -45.32 17.04 -3.22
N TYR B 566 -44.17 16.88 -2.55
CA TYR B 566 -43.33 15.68 -2.72
C TYR B 566 -44.03 14.41 -2.25
N LYS B 567 -44.63 14.52 -1.08
CA LYS B 567 -45.25 13.39 -0.42
C LYS B 567 -46.27 12.72 -1.34
N GLU B 568 -47.19 13.47 -1.92
CA GLU B 568 -48.12 12.86 -2.93
C GLU B 568 -47.41 12.11 -4.07
N GLN B 569 -46.34 12.66 -4.60
CA GLN B 569 -45.61 11.96 -5.66
C GLN B 569 -44.97 10.68 -5.15
N LEU B 570 -44.37 10.75 -3.97
CA LEU B 570 -43.81 9.58 -3.29
C LEU B 570 -44.83 8.46 -3.15
N GLU B 571 -46.00 8.75 -2.61
CA GLU B 571 -47.10 7.69 -2.49
C GLU B 571 -47.44 7.11 -3.86
N ALA B 572 -47.65 7.96 -4.84
CA ALA B 572 -48.04 7.47 -6.19
C ALA B 572 -46.96 6.59 -6.82
N TYR B 573 -45.71 7.08 -6.81
CA TYR B 573 -44.56 6.29 -7.32
C TYR B 573 -44.41 5.00 -6.53
N ARG B 574 -44.72 5.00 -5.24
CA ARG B 574 -44.56 3.78 -4.45
C ARG B 574 -45.50 2.69 -5.01
N ILE B 575 -46.78 3.02 -5.16
CA ILE B 575 -47.80 2.12 -5.79
C ILE B 575 -47.41 1.70 -7.23
N TYR B 576 -46.90 2.66 -8.02
CA TYR B 576 -46.46 2.40 -9.39
C TYR B 576 -45.39 1.31 -9.47
N TYR B 577 -44.34 1.47 -8.66
CA TYR B 577 -43.26 0.50 -8.57
C TYR B 577 -43.78 -0.84 -7.96
N ASP B 578 -44.57 -0.77 -6.91
CA ASP B 578 -45.18 -2.00 -6.32
C ASP B 578 -45.87 -2.81 -7.39
N GLN B 579 -46.72 -2.15 -8.17
CA GLN B 579 -47.40 -2.79 -9.31
C GLN B 579 -46.44 -3.31 -10.39
N LEU B 580 -45.38 -2.57 -10.65
CA LEU B 580 -44.40 -2.97 -11.64
C LEU B 580 -43.73 -4.29 -11.31
N VAL B 581 -43.54 -4.52 -10.00
CA VAL B 581 -42.95 -5.81 -9.50
C VAL B 581 -43.99 -6.77 -8.89
N CYS B 582 -45.25 -6.58 -9.20
CA CYS B 582 -46.33 -7.52 -8.83
C CYS B 582 -46.47 -7.63 -7.32
N ASN B 583 -46.18 -6.53 -6.64
CA ASN B 583 -46.37 -6.45 -5.17
C ASN B 583 -45.49 -7.42 -4.44
N PHE B 584 -44.36 -7.73 -5.09
CA PHE B 584 -43.30 -8.56 -4.54
C PHE B 584 -43.03 -8.24 -3.10
N LYS B 585 -43.15 -9.23 -2.25
CA LYS B 585 -42.73 -9.06 -0.84
C LYS B 585 -42.50 -10.40 -0.16
N LEU B 586 -41.35 -10.52 0.47
CA LEU B 586 -40.94 -11.73 1.21
C LEU B 586 -41.16 -11.45 2.69
N SER B 587 -41.78 -12.40 3.39
CA SER B 587 -42.05 -12.24 4.80
C SER B 587 -41.86 -13.58 5.52
N ALA B 588 -41.73 -13.55 6.83
CA ALA B 588 -41.74 -14.77 7.63
C ALA B 588 -42.23 -14.42 9.01
N PRO B 589 -42.77 -15.41 9.77
CA PRO B 589 -43.23 -15.13 11.13
C PRO B 589 -42.04 -14.84 12.08
N ASP B 590 -40.95 -15.58 11.94
CA ASP B 590 -39.72 -15.36 12.75
C ASP B 590 -38.89 -14.30 11.99
N LYS B 591 -37.62 -14.18 12.29
CA LYS B 591 -36.78 -13.20 11.61
C LYS B 591 -36.59 -13.61 10.15
N ILE B 592 -37.00 -12.74 9.25
CA ILE B 592 -36.73 -12.93 7.83
C ILE B 592 -35.19 -13.19 7.59
N PRO B 593 -34.82 -14.13 6.74
CA PRO B 593 -33.40 -14.30 6.42
C PRO B 593 -32.81 -13.01 5.81
N LEU B 594 -31.55 -12.75 6.05
CA LEU B 594 -30.92 -11.52 5.54
C LEU B 594 -31.02 -11.42 4.01
N SER B 595 -30.81 -12.53 3.34
CA SER B 595 -30.97 -12.57 1.87
C SER B 595 -32.38 -12.03 1.45
N ALA B 596 -33.42 -12.49 2.13
CA ALA B 596 -34.78 -12.04 1.78
C ALA B 596 -34.96 -10.56 2.12
N GLU B 597 -34.39 -10.12 3.22
CA GLU B 597 -34.44 -8.73 3.60
C GLU B 597 -33.80 -7.82 2.53
N LYS B 598 -32.66 -8.28 2.01
CA LYS B 598 -31.95 -7.61 0.94
C LYS B 598 -32.75 -7.56 -0.37
N LEU B 599 -33.45 -8.65 -0.64
CA LEU B 599 -34.25 -8.68 -1.85
C LEU B 599 -35.40 -7.72 -1.78
N ASN B 600 -36.06 -7.68 -0.60
CA ASN B 600 -37.12 -6.72 -0.41
C ASN B 600 -36.64 -5.26 -0.60
N ALA B 601 -35.45 -4.96 -0.07
CA ALA B 601 -34.86 -3.62 -0.11
C ALA B 601 -34.43 -3.23 -1.44
N ILE B 602 -33.96 -4.20 -2.23
CA ILE B 602 -33.33 -3.89 -3.50
C ILE B 602 -34.23 -3.94 -4.72
N ILE B 603 -35.31 -4.72 -4.64
CA ILE B 603 -35.98 -5.11 -5.85
C ILE B 603 -36.61 -3.91 -6.60
N HIS B 604 -37.16 -2.94 -5.87
CA HIS B 604 -37.75 -1.75 -6.52
C HIS B 604 -36.67 -0.79 -7.03
N TRP B 605 -35.50 -0.83 -6.40
CA TRP B 605 -34.31 -0.10 -6.90
C TRP B 605 -33.85 -0.66 -8.25
N TYR B 606 -33.76 -1.98 -8.33
CA TYR B 606 -33.41 -2.66 -9.57
C TYR B 606 -34.53 -2.49 -10.64
N ALA B 607 -35.78 -2.46 -10.18
CA ALA B 607 -36.89 -2.22 -11.09
C ALA B 607 -36.77 -0.82 -11.70
N HIS B 608 -36.57 0.19 -10.85
CA HIS B 608 -36.24 1.58 -11.34
C HIS B 608 -35.03 1.59 -12.31
N ASP B 609 -33.95 0.91 -11.94
CA ASP B 609 -32.76 0.89 -12.84
C ASP B 609 -33.09 0.32 -14.20
N ALA B 610 -33.72 -0.84 -14.19
CA ALA B 610 -34.19 -1.52 -15.39
C ALA B 610 -35.16 -0.66 -16.24
N LEU B 611 -36.04 0.03 -15.56
CA LEU B 611 -37.04 0.86 -16.22
C LEU B 611 -36.43 2.09 -16.92
N ILE B 612 -35.43 2.66 -16.28
CA ILE B 612 -34.64 3.71 -16.93
C ILE B 612 -33.91 3.18 -18.18
N HIS B 613 -33.26 2.04 -18.01
CA HIS B 613 -32.53 1.38 -19.08
C HIS B 613 -33.37 1.17 -20.32
N PHE B 614 -34.63 0.88 -20.06
CA PHE B 614 -35.65 0.73 -21.07
C PHE B 614 -36.20 2.06 -21.57
N ALA B 615 -36.75 2.89 -20.72
CA ALA B 615 -37.59 3.99 -21.19
C ALA B 615 -36.86 5.33 -21.44
N SER B 616 -35.80 5.56 -20.66
CA SER B 616 -35.02 6.77 -20.75
C SER B 616 -33.52 6.42 -20.70
N PRO B 617 -33.02 5.78 -21.75
CA PRO B 617 -31.80 5.00 -21.63
C PRO B 617 -30.53 5.79 -21.44
N HIS B 618 -30.01 5.78 -20.19
CA HIS B 618 -28.82 6.45 -19.83
C HIS B 618 -28.48 6.04 -18.45
N GLY B 619 -27.22 6.21 -18.12
CA GLY B 619 -26.69 5.83 -16.83
C GLY B 619 -26.05 6.97 -16.12
N LEU B 620 -25.29 6.62 -15.10
CA LEU B 620 -24.58 7.64 -14.37
C LEU B 620 -23.29 8.00 -15.15
N GLU B 621 -22.34 7.05 -15.19
CA GLU B 621 -21.11 7.20 -15.99
C GLU B 621 -21.50 7.25 -17.48
N GLN B 622 -22.40 6.35 -17.87
CA GLN B 622 -22.79 6.19 -19.26
C GLN B 622 -23.91 7.14 -19.57
N SER B 623 -23.60 8.44 -19.57
CA SER B 623 -24.66 9.47 -19.71
C SER B 623 -25.23 9.56 -21.13
N GLY B 624 -24.41 9.18 -22.10
CA GLY B 624 -24.69 9.23 -23.53
C GLY B 624 -25.32 7.88 -23.91
N GLY B 625 -26.64 7.85 -24.10
CA GLY B 625 -27.36 6.61 -24.50
C GLY B 625 -28.46 6.88 -25.48
N ALA B 626 -29.66 7.13 -24.96
CA ALA B 626 -30.80 7.57 -25.75
C ALA B 626 -31.39 6.47 -26.62
N ALA B 627 -30.53 5.75 -27.31
CA ALA B 627 -30.90 4.64 -28.18
C ALA B 627 -31.24 3.40 -27.39
N TRP B 628 -31.94 2.46 -28.03
CA TRP B 628 -32.01 1.11 -27.54
C TRP B 628 -30.88 0.38 -28.15
N GLY B 629 -30.12 -0.29 -27.33
CA GLY B 629 -29.18 -1.31 -27.81
C GLY B 629 -30.03 -2.48 -28.22
N THR B 630 -29.72 -3.10 -29.36
CA THR B 630 -30.57 -4.18 -29.87
C THR B 630 -30.58 -5.42 -28.94
N ARG B 631 -29.43 -5.93 -28.62
CA ARG B 631 -29.32 -7.07 -27.67
C ARG B 631 -29.72 -6.67 -26.21
N ASP B 632 -29.51 -5.38 -25.92
CA ASP B 632 -29.83 -4.76 -24.63
C ASP B 632 -31.35 -4.81 -24.36
N VAL B 633 -32.14 -4.29 -25.29
CA VAL B 633 -33.61 -4.19 -25.10
C VAL B 633 -34.23 -5.59 -25.04
N CYS B 634 -33.59 -6.53 -25.73
CA CYS B 634 -34.02 -7.94 -25.72
C CYS B 634 -33.75 -8.68 -24.47
N GLN B 635 -32.86 -8.13 -23.62
CA GLN B 635 -32.52 -8.76 -22.37
C GLN B 635 -33.15 -8.09 -21.15
N GLY B 636 -32.55 -7.02 -20.64
CA GLY B 636 -33.00 -6.44 -19.40
C GLY B 636 -34.51 -6.14 -19.43
N PRO B 637 -34.95 -5.36 -20.42
CA PRO B 637 -36.32 -4.96 -20.39
C PRO B 637 -37.28 -6.09 -20.64
N ILE B 638 -37.07 -6.81 -21.72
CA ILE B 638 -38.05 -7.83 -22.09
C ILE B 638 -38.10 -8.90 -20.95
N GLU B 639 -36.95 -9.26 -20.41
CA GLU B 639 -36.93 -10.29 -19.36
C GLU B 639 -37.62 -9.81 -18.11
N PHE B 640 -37.45 -8.53 -17.79
CA PHE B 640 -38.17 -7.92 -16.65
C PHE B 640 -39.69 -7.93 -16.87
N PHE B 641 -40.07 -7.49 -18.05
CA PHE B 641 -41.47 -7.37 -18.33
C PHE B 641 -42.13 -8.74 -18.49
N LEU B 642 -41.49 -9.72 -19.09
CA LEU B 642 -42.04 -11.09 -19.09
C LEU B 642 -42.22 -11.69 -17.74
N THR B 643 -41.29 -11.40 -16.86
CA THR B 643 -41.27 -11.93 -15.54
C THR B 643 -42.47 -11.43 -14.72
N THR B 644 -42.79 -10.16 -14.92
CA THR B 644 -43.86 -9.52 -14.19
C THR B 644 -45.19 -9.42 -14.94
N GLY B 645 -45.29 -9.96 -16.16
CA GLY B 645 -46.58 -10.07 -16.84
C GLY B 645 -46.98 -8.85 -17.63
N HIS B 646 -46.03 -7.99 -17.93
CA HIS B 646 -46.31 -6.81 -18.75
C HIS B 646 -46.24 -7.14 -20.23
N PHE B 647 -47.15 -8.02 -20.62
CA PHE B 647 -47.13 -8.65 -21.95
C PHE B 647 -47.50 -7.73 -23.10
N ASP B 648 -48.47 -6.85 -22.89
CA ASP B 648 -48.80 -5.82 -23.87
C ASP B 648 -47.58 -4.95 -24.17
N LEU B 649 -46.95 -4.45 -23.14
CA LEU B 649 -45.71 -3.72 -23.36
C LEU B 649 -44.71 -4.50 -24.20
N VAL B 650 -44.45 -5.78 -23.87
CA VAL B 650 -43.47 -6.55 -24.63
C VAL B 650 -43.84 -6.67 -26.09
N ARG B 651 -45.13 -6.84 -26.33
CA ARG B 651 -45.62 -6.99 -27.68
C ARG B 651 -45.22 -5.75 -28.46
N HIS B 652 -45.51 -4.59 -27.87
CA HIS B 652 -45.21 -3.30 -28.54
C HIS B 652 -43.72 -3.11 -28.74
N ILE B 653 -42.93 -3.50 -27.73
CA ILE B 653 -41.46 -3.46 -27.85
C ILE B 653 -41.02 -4.25 -29.05
N LEU B 654 -41.48 -5.47 -29.14
CA LEU B 654 -41.13 -6.37 -30.27
C LEU B 654 -41.53 -5.79 -31.63
N ILE B 655 -42.70 -5.22 -31.75
CA ILE B 655 -43.09 -4.61 -33.03
C ILE B 655 -42.16 -3.41 -33.38
N THR B 656 -41.88 -2.59 -32.37
CA THR B 656 -40.95 -1.49 -32.56
C THR B 656 -39.60 -2.02 -32.99
N LEU B 657 -39.11 -3.02 -32.27
CA LEU B 657 -37.79 -3.61 -32.59
C LEU B 657 -37.74 -4.19 -34.02
N TYR B 658 -38.78 -4.91 -34.38
CA TYR B 658 -38.81 -5.54 -35.73
C TYR B 658 -38.84 -4.48 -36.88
N SER B 659 -39.47 -3.32 -36.61
CA SER B 659 -39.47 -2.17 -37.54
C SER B 659 -38.09 -1.58 -37.80
N HIS B 660 -37.13 -1.94 -36.95
CA HIS B 660 -35.74 -1.41 -37.01
C HIS B 660 -34.76 -2.38 -37.62
N GLN B 661 -35.26 -3.52 -38.04
CA GLN B 661 -34.46 -4.44 -38.83
C GLN B 661 -34.09 -3.71 -40.14
N ILE B 662 -32.87 -3.94 -40.59
CA ILE B 662 -32.35 -3.18 -41.69
C ILE B 662 -32.60 -3.89 -43.02
N GLU B 663 -33.12 -3.13 -43.97
CA GLU B 663 -33.36 -3.64 -45.34
C GLU B 663 -32.04 -4.04 -46.00
N GLY B 664 -32.11 -5.11 -46.76
CA GLY B 664 -31.00 -5.60 -47.57
C GLY B 664 -30.17 -6.60 -46.81
N GLY B 665 -29.46 -6.13 -45.78
CA GLY B 665 -28.65 -6.99 -44.92
C GLY B 665 -29.54 -7.90 -44.08
N PHE B 666 -30.72 -7.38 -43.71
CA PHE B 666 -31.75 -8.06 -42.89
C PHE B 666 -31.31 -8.52 -41.50
N GLU B 667 -30.23 -7.91 -41.00
CA GLU B 667 -29.83 -8.03 -39.60
C GLU B 667 -30.35 -6.78 -38.89
N TRP B 668 -30.04 -6.65 -37.59
CA TRP B 668 -30.37 -5.47 -36.80
C TRP B 668 -29.15 -4.59 -36.68
N PRO B 669 -29.36 -3.24 -36.57
CA PRO B 669 -28.25 -2.42 -36.19
C PRO B 669 -27.83 -2.79 -34.74
N GLN B 670 -26.61 -2.41 -34.39
CA GLN B 670 -26.11 -2.53 -33.03
C GLN B 670 -27.03 -1.81 -32.04
N TRP B 671 -27.59 -0.70 -32.49
CA TRP B 671 -28.47 0.11 -31.65
C TRP B 671 -29.17 1.07 -32.52
N PHE B 672 -30.31 1.59 -32.03
CA PHE B 672 -31.16 2.49 -32.78
C PHE B 672 -31.98 3.36 -31.84
N PHE B 674 -35.44 4.97 -30.82
CA PHE B 674 -36.77 4.41 -30.91
C PHE B 674 -37.81 5.55 -30.93
N ASP B 675 -37.33 6.73 -31.23
CA ASP B 675 -38.18 7.92 -31.35
C ASP B 675 -38.05 8.46 -32.77
N HIS B 676 -38.43 9.72 -33.01
CA HIS B 676 -38.33 10.34 -34.35
C HIS B 676 -36.95 10.68 -34.85
N TYR B 677 -35.92 10.50 -34.02
CA TYR B 677 -34.55 10.67 -34.53
C TYR B 677 -34.18 9.42 -35.38
N PRO B 678 -33.98 9.61 -36.71
CA PRO B 678 -33.51 8.53 -37.55
C PRO B 678 -32.01 8.34 -37.44
N ILE B 679 -31.62 7.61 -36.40
CA ILE B 679 -30.23 7.38 -36.10
C ILE B 679 -30.02 5.95 -35.57
N HIS B 680 -29.09 5.24 -36.18
CA HIS B 680 -28.72 3.93 -35.74
C HIS B 680 -27.30 3.58 -36.16
N GLN B 681 -26.83 2.49 -35.61
CA GLN B 681 -25.53 1.97 -35.95
C GLN B 681 -25.80 0.67 -36.71
N GLU B 682 -25.77 0.75 -38.02
CA GLU B 682 -26.05 -0.40 -38.91
C GLU B 682 -25.03 -1.57 -38.80
N ASP B 683 -23.79 -1.26 -38.42
CA ASP B 683 -22.78 -2.30 -38.16
C ASP B 683 -23.04 -2.95 -36.80
N CYS B 684 -23.04 -4.28 -36.81
CA CYS B 684 -23.31 -5.01 -35.65
C CYS B 684 -22.37 -6.12 -35.35
N HIS B 685 -22.43 -6.52 -34.07
CA HIS B 685 -21.87 -7.77 -33.65
C HIS B 685 -22.66 -8.92 -34.23
N GLY B 686 -21.95 -10.02 -34.34
CA GLY B 686 -22.45 -11.28 -34.85
C GLY B 686 -23.54 -11.93 -34.06
N ASP B 687 -23.63 -11.62 -32.77
CA ASP B 687 -24.68 -12.19 -31.90
C ASP B 687 -26.01 -11.47 -31.95
N VAL B 688 -26.01 -10.27 -32.47
CA VAL B 688 -27.17 -9.36 -32.32
C VAL B 688 -28.43 -9.88 -32.98
N VAL B 689 -28.29 -10.48 -34.14
CA VAL B 689 -29.42 -11.03 -34.92
C VAL B 689 -30.24 -12.05 -34.12
N PHE B 690 -29.59 -12.81 -33.22
CA PHE B 690 -30.30 -13.83 -32.43
C PHE B 690 -31.28 -13.28 -31.38
N TRP B 691 -30.96 -12.12 -30.84
CA TRP B 691 -31.68 -11.59 -29.68
C TRP B 691 -33.17 -11.30 -29.98
N PRO B 692 -33.46 -10.59 -31.10
CA PRO B 692 -34.87 -10.34 -31.44
C PRO B 692 -35.64 -11.61 -31.75
N LEU B 693 -34.93 -12.57 -32.31
CA LEU B 693 -35.43 -13.93 -32.51
C LEU B 693 -35.75 -14.67 -31.21
N LYS B 694 -34.78 -14.71 -30.30
CA LYS B 694 -34.98 -15.26 -28.98
C LYS B 694 -36.13 -14.58 -28.20
N ALA B 695 -36.08 -13.25 -28.16
CA ALA B 695 -37.10 -12.50 -27.41
C ALA B 695 -38.56 -12.69 -27.93
N ILE B 696 -38.77 -12.68 -29.25
CA ILE B 696 -40.11 -12.93 -29.82
C ILE B 696 -40.64 -14.36 -29.52
N SER B 697 -39.70 -15.32 -29.50
CA SER B 697 -40.03 -16.70 -29.13
C SER B 697 -40.42 -16.77 -27.69
N ASP B 698 -39.68 -16.04 -26.81
CA ASP B 698 -39.99 -16.06 -25.40
C ASP B 698 -41.37 -15.44 -25.17
N TYR B 699 -41.65 -14.35 -25.89
CA TYR B 699 -42.94 -13.66 -25.78
C TYR B 699 -44.09 -14.59 -26.19
N ILE B 700 -43.88 -15.26 -27.31
CA ILE B 700 -44.91 -16.19 -27.83
C ILE B 700 -45.13 -17.32 -26.83
N GLN B 701 -44.06 -17.97 -26.39
CA GLN B 701 -44.18 -19.03 -25.39
C GLN B 701 -44.93 -18.57 -24.13
N ALA B 702 -44.67 -17.33 -23.72
CA ALA B 702 -45.23 -16.86 -22.45
C ALA B 702 -46.72 -16.50 -22.57
N THR B 703 -47.14 -16.13 -23.77
CA THR B 703 -48.48 -15.55 -23.93
C THR B 703 -49.39 -16.35 -24.82
N GLY B 704 -48.79 -17.18 -25.66
CA GLY B 704 -49.46 -17.83 -26.76
C GLY B 704 -49.81 -16.89 -27.87
N ASP B 705 -49.41 -15.62 -27.80
CA ASP B 705 -49.82 -14.61 -28.80
C ASP B 705 -49.08 -14.72 -30.15
N THR B 706 -49.45 -15.73 -30.94
CA THR B 706 -48.87 -15.95 -32.30
C THR B 706 -49.25 -14.89 -33.36
N SER B 707 -50.32 -14.17 -33.10
CA SER B 707 -50.76 -13.00 -33.89
C SER B 707 -49.66 -11.97 -34.20
N ILE B 708 -48.77 -11.74 -33.24
CA ILE B 708 -47.62 -10.86 -33.43
C ILE B 708 -46.84 -11.19 -34.71
N LEU B 709 -46.79 -12.47 -35.07
CA LEU B 709 -46.12 -12.91 -36.30
C LEU B 709 -46.72 -12.37 -37.63
N ASN B 710 -48.01 -12.09 -37.62
CA ASN B 710 -48.72 -11.58 -38.81
C ASN B 710 -48.74 -10.06 -38.93
N GLU B 711 -48.32 -9.37 -37.88
CA GLU B 711 -48.23 -7.93 -37.95
C GLU B 711 -47.34 -7.50 -39.09
N LEU B 712 -47.78 -6.45 -39.76
CA LEU B 712 -47.08 -5.84 -40.88
C LEU B 712 -46.21 -4.78 -40.32
N VAL B 713 -44.93 -4.90 -40.58
CA VAL B 713 -43.92 -4.06 -39.97
C VAL B 713 -42.88 -3.73 -41.03
N ASP B 714 -42.44 -2.49 -41.00
CA ASP B 714 -41.55 -1.90 -41.95
C ASP B 714 -40.13 -2.30 -41.62
N TYR B 715 -39.21 -1.86 -42.48
CA TYR B 715 -37.77 -1.95 -42.26
C TYR B 715 -37.14 -0.54 -42.24
N ARG B 716 -35.85 -0.49 -41.91
CA ARG B 716 -35.06 0.73 -41.99
C ARG B 716 -33.90 0.58 -42.96
N THR B 717 -33.61 1.67 -43.67
CA THR B 717 -32.44 1.73 -44.59
C THR B 717 -31.16 1.86 -43.81
N ALA B 718 -30.07 1.33 -44.34
CA ALA B 718 -28.84 1.18 -43.60
C ALA B 718 -28.16 2.56 -43.32
N LYS B 719 -28.07 3.40 -44.33
CA LYS B 719 -27.26 4.63 -44.26
C LYS B 719 -28.05 5.79 -43.66
N ASP B 720 -29.36 5.84 -43.94
CA ASP B 720 -30.27 6.92 -43.49
C ASP B 720 -31.13 6.62 -42.27
N ALA B 721 -31.26 5.34 -41.93
CA ALA B 721 -32.13 4.91 -40.82
C ALA B 721 -33.58 5.38 -41.00
N LEU B 722 -34.02 5.43 -42.25
CA LEU B 722 -35.40 5.84 -42.58
C LEU B 722 -36.26 4.66 -42.91
N PRO B 723 -37.54 4.71 -42.51
CA PRO B 723 -38.50 3.71 -42.98
C PRO B 723 -38.48 3.53 -44.50
N THR B 724 -38.48 2.28 -44.91
CA THR B 724 -38.45 1.91 -46.31
C THR B 724 -39.84 1.98 -46.94
N ASN B 725 -40.87 2.04 -46.08
CA ASN B 725 -42.30 1.93 -46.47
C ASN B 725 -42.59 0.72 -47.37
N GLN B 726 -41.97 -0.42 -47.04
CA GLN B 726 -42.23 -1.68 -47.73
C GLN B 726 -42.33 -2.75 -46.66
N PRO B 727 -43.45 -2.74 -45.94
CA PRO B 727 -43.61 -3.64 -44.81
C PRO B 727 -43.88 -5.08 -45.20
N GLU B 728 -43.48 -5.98 -44.32
CA GLU B 728 -43.80 -7.41 -44.40
C GLU B 728 -44.21 -7.91 -43.04
N THR B 729 -44.73 -9.12 -43.02
CA THR B 729 -45.09 -9.74 -41.75
C THR B 729 -43.82 -9.99 -40.91
N ILE B 730 -43.98 -9.86 -39.59
CA ILE B 730 -42.88 -10.21 -38.68
C ILE B 730 -42.36 -11.65 -38.93
N LEU B 731 -43.25 -12.54 -39.31
CA LEU B 731 -42.83 -13.88 -39.74
C LEU B 731 -41.78 -13.84 -40.86
N ILE B 732 -42.05 -13.01 -41.86
CA ILE B 732 -41.12 -12.86 -43.00
C ILE B 732 -39.82 -12.14 -42.54
N HIS B 733 -39.93 -11.13 -41.68
CA HIS B 733 -38.75 -10.53 -41.01
C HIS B 733 -37.85 -11.63 -40.42
N ILE B 734 -38.51 -12.54 -39.70
CA ILE B 734 -37.83 -13.65 -39.06
C ILE B 734 -37.14 -14.46 -40.11
N LYS B 735 -37.86 -14.90 -41.12
CA LYS B 735 -37.25 -15.73 -42.23
C LYS B 735 -36.00 -15.10 -42.83
N ARG B 736 -36.09 -13.82 -43.16
CA ARG B 736 -34.93 -13.09 -43.69
C ARG B 736 -33.79 -13.02 -42.71
N ALA B 737 -34.08 -12.82 -41.43
CA ALA B 737 -32.97 -12.89 -40.43
C ALA B 737 -32.30 -14.26 -40.36
N VAL B 738 -33.10 -15.31 -40.34
CA VAL B 738 -32.58 -16.68 -40.33
C VAL B 738 -31.79 -17.01 -41.61
N THR B 739 -32.24 -16.50 -42.75
CA THR B 739 -31.38 -16.63 -43.97
C THR B 739 -29.94 -16.12 -43.67
N THR B 740 -29.83 -14.95 -43.03
CA THR B 740 -28.50 -14.39 -42.72
C THR B 740 -27.67 -15.37 -41.89
N ILE B 741 -28.36 -16.07 -40.99
CA ILE B 741 -27.66 -16.94 -40.08
C ILE B 741 -27.14 -18.17 -40.84
N LYS B 742 -27.94 -18.67 -41.77
CA LYS B 742 -27.46 -19.76 -42.71
C LYS B 742 -26.19 -19.39 -43.42
N ASN B 743 -26.14 -18.15 -43.88
CA ASN B 743 -24.97 -17.63 -44.59
C ASN B 743 -23.72 -17.48 -43.72
N ARG B 744 -23.85 -17.59 -42.40
CA ARG B 744 -22.65 -17.53 -41.52
C ARG B 744 -21.91 -18.85 -41.26
N TYR B 745 -22.49 -19.94 -41.74
CA TYR B 745 -21.83 -21.25 -41.61
C TYR B 745 -20.46 -21.20 -42.24
N LEU B 746 -19.44 -21.66 -41.54
CA LEU B 746 -18.15 -21.92 -42.14
C LEU B 746 -18.31 -23.13 -43.07
N SER B 747 -17.72 -23.04 -44.26
CA SER B 747 -18.02 -24.00 -45.32
C SER B 747 -17.69 -25.43 -44.87
N GLY B 748 -18.58 -26.35 -45.21
CA GLY B 748 -18.48 -27.77 -44.77
C GLY B 748 -19.01 -28.08 -43.38
N THR B 749 -19.59 -27.06 -42.71
CA THR B 749 -20.10 -27.15 -41.31
C THR B 749 -21.38 -26.33 -41.07
N ALA B 750 -21.90 -26.44 -39.85
CA ALA B 750 -22.91 -25.51 -39.30
C ALA B 750 -22.34 -24.70 -38.09
N LEU B 751 -21.04 -24.45 -38.11
CA LEU B 751 -20.38 -23.56 -37.19
C LEU B 751 -20.63 -22.13 -37.60
N ILE B 752 -21.15 -21.34 -36.67
CA ILE B 752 -21.51 -19.97 -36.98
C ILE B 752 -20.28 -19.05 -36.87
N SER B 753 -19.95 -18.36 -37.95
CA SER B 753 -18.81 -17.44 -37.95
C SER B 753 -19.01 -16.33 -36.89
N TYR B 754 -17.89 -15.93 -36.30
CA TYR B 754 -17.87 -14.88 -35.27
C TYR B 754 -18.44 -13.55 -35.80
N ALA B 755 -18.14 -13.26 -37.07
CA ALA B 755 -18.49 -11.98 -37.74
C ALA B 755 -18.07 -10.78 -36.85
N GLY B 756 -18.95 -9.81 -36.61
CA GLY B 756 -18.60 -8.59 -35.85
C GLY B 756 -18.27 -8.79 -34.36
N GLY B 757 -18.53 -10.00 -33.84
CA GLY B 757 -18.18 -10.43 -32.49
C GLY B 757 -19.38 -11.06 -31.78
N ASP B 758 -19.24 -11.30 -30.48
CA ASP B 758 -20.31 -11.88 -29.70
C ASP B 758 -20.70 -10.87 -28.63
N TRP B 759 -21.32 -11.36 -27.57
CA TRP B 759 -21.82 -10.56 -26.44
C TRP B 759 -20.79 -9.58 -25.88
N ASP B 760 -19.54 -10.01 -25.81
CA ASP B 760 -18.54 -9.24 -25.14
C ASP B 760 -18.03 -8.23 -26.12
N ASP B 761 -18.47 -7.01 -25.94
CA ASP B 761 -18.11 -5.89 -26.86
C ASP B 761 -16.62 -5.56 -26.98
N THR B 762 -15.83 -6.04 -26.03
CA THR B 762 -14.38 -5.84 -25.99
C THR B 762 -13.62 -6.89 -26.80
N LEU B 763 -14.31 -7.93 -27.22
CA LEU B 763 -13.67 -9.04 -27.97
C LEU B 763 -13.98 -8.96 -29.49
N GLN B 764 -14.14 -7.75 -30.01
CA GLN B 764 -14.30 -7.62 -31.46
C GLN B 764 -13.04 -8.20 -32.14
N PRO B 765 -13.24 -8.90 -33.30
CA PRO B 765 -12.07 -9.48 -34.02
C PRO B 765 -11.14 -8.38 -34.50
N ALA B 766 -9.83 -8.53 -34.35
CA ALA B 766 -8.85 -7.49 -34.74
C ALA B 766 -8.57 -7.41 -36.27
N ASN B 767 -9.01 -8.40 -37.01
CA ASN B 767 -8.83 -8.41 -38.49
C ASN B 767 -9.91 -9.25 -39.12
N SER B 768 -10.02 -9.15 -40.45
CA SER B 768 -11.07 -9.81 -41.23
C SER B 768 -10.93 -11.35 -41.29
N GLU B 769 -9.71 -11.90 -41.12
CA GLU B 769 -9.52 -13.37 -41.10
C GLU B 769 -10.20 -13.96 -39.86
N LEU B 770 -10.05 -13.24 -38.75
CA LEU B 770 -10.70 -13.57 -37.47
C LEU B 770 -12.19 -13.50 -37.54
N LYS B 771 -12.67 -12.45 -38.18
CA LYS B 771 -14.09 -12.26 -38.45
C LYS B 771 -14.72 -13.43 -39.23
N GLU B 772 -13.99 -13.95 -40.24
CA GLU B 772 -14.48 -15.09 -41.07
C GLU B 772 -14.22 -16.49 -40.45
N ASN B 773 -13.10 -16.66 -39.78
CA ASN B 773 -12.69 -18.01 -39.40
C ASN B 773 -12.70 -18.32 -37.92
N LEU B 774 -13.06 -17.33 -37.08
CA LEU B 774 -13.32 -17.61 -35.68
C LEU B 774 -14.74 -18.11 -35.50
N VAL B 775 -14.89 -19.00 -34.54
CA VAL B 775 -16.21 -19.40 -34.03
C VAL B 775 -16.24 -19.19 -32.52
N SER B 776 -17.18 -18.37 -32.07
CA SER B 776 -17.50 -18.31 -30.66
C SER B 776 -18.44 -19.46 -30.26
N ALA B 777 -17.96 -20.29 -29.37
CA ALA B 777 -18.77 -21.37 -28.77
C ALA B 777 -20.03 -20.88 -28.07
N TRP B 778 -19.93 -19.71 -27.47
CA TRP B 778 -21.12 -19.07 -26.91
C TRP B 778 -22.12 -18.72 -27.95
N THR B 779 -21.65 -18.07 -29.03
CA THR B 779 -22.54 -17.75 -30.13
C THR B 779 -23.21 -19.02 -30.69
N GLN B 780 -22.43 -20.07 -30.84
CA GLN B 780 -22.93 -21.34 -31.33
C GLN B 780 -24.07 -21.84 -30.47
N ALA B 781 -23.83 -21.84 -29.17
CA ALA B 781 -24.86 -22.27 -28.19
C ALA B 781 -26.11 -21.44 -28.21
N LEU B 782 -25.93 -20.11 -28.28
CA LEU B 782 -27.06 -19.18 -28.29
C LEU B 782 -27.86 -19.40 -29.53
N ALA B 783 -27.17 -19.70 -30.64
CA ALA B 783 -27.84 -19.92 -31.93
C ALA B 783 -28.69 -21.19 -31.88
N GLU B 784 -28.14 -22.24 -31.28
CA GLU B 784 -28.91 -23.45 -31.06
C GLU B 784 -30.12 -23.19 -30.18
N GLN B 785 -29.89 -22.50 -29.08
CA GLN B 785 -31.00 -22.15 -28.20
C GLN B 785 -32.10 -21.41 -28.95
N THR B 786 -31.66 -20.42 -29.72
CA THR B 786 -32.61 -19.47 -30.27
C THR B 786 -33.44 -20.16 -31.35
N LEU B 787 -32.78 -20.93 -32.19
CA LEU B 787 -33.46 -21.66 -33.26
C LEU B 787 -34.47 -22.69 -32.72
N GLU B 788 -34.12 -23.39 -31.64
CA GLU B 788 -35.10 -24.26 -30.92
C GLU B 788 -36.33 -23.48 -30.38
N LEU B 789 -36.05 -22.37 -29.73
CA LEU B 789 -37.17 -21.55 -29.20
C LEU B 789 -38.07 -21.06 -30.36
N LEU B 790 -37.42 -20.71 -31.45
CA LEU B 790 -38.10 -20.17 -32.62
C LEU B 790 -38.96 -21.30 -33.25
N CYS B 791 -38.32 -22.47 -33.37
CA CYS B 791 -39.02 -23.70 -33.77
C CYS B 791 -40.35 -23.88 -33.05
N SER B 792 -40.31 -23.89 -31.72
CA SER B 792 -41.52 -24.06 -30.90
C SER B 792 -42.53 -22.93 -31.05
N ALA B 793 -42.05 -21.69 -31.08
CA ALA B 793 -42.96 -20.56 -31.22
C ALA B 793 -43.69 -20.54 -32.57
N ILE B 794 -43.05 -21.09 -33.59
CA ILE B 794 -43.56 -21.04 -34.98
C ILE B 794 -44.26 -22.32 -35.46
N LYS B 795 -44.10 -23.41 -34.71
CA LYS B 795 -44.74 -24.71 -34.96
C LYS B 795 -46.27 -24.53 -35.03
N GLY B 796 -46.91 -24.91 -36.13
CA GLY B 796 -48.37 -24.69 -36.21
C GLY B 796 -48.86 -23.30 -36.59
N ILE B 797 -47.94 -22.41 -36.94
CA ILE B 797 -48.25 -21.27 -37.81
C ILE B 797 -47.70 -21.53 -39.20
N ASP B 798 -46.47 -22.04 -39.25
CA ASP B 798 -45.77 -22.34 -40.49
C ASP B 798 -44.95 -23.61 -40.22
N HIS B 799 -45.63 -24.74 -40.39
CA HIS B 799 -45.09 -26.08 -40.13
C HIS B 799 -43.74 -26.27 -40.83
N ASP B 800 -43.67 -25.89 -42.11
CA ASP B 800 -42.46 -26.11 -42.90
C ASP B 800 -41.23 -25.35 -42.35
N PHE B 801 -41.42 -24.07 -42.05
CA PHE B 801 -40.33 -23.23 -41.50
C PHE B 801 -39.89 -23.79 -40.14
N SER B 802 -40.88 -24.13 -39.33
CA SER B 802 -40.65 -24.74 -38.02
C SER B 802 -39.78 -25.99 -38.13
N LYS B 803 -40.08 -26.81 -39.13
CA LYS B 803 -39.26 -28.00 -39.50
C LYS B 803 -37.86 -27.67 -39.89
N GLU B 804 -37.73 -26.66 -40.73
CA GLU B 804 -36.41 -26.22 -41.17
C GLU B 804 -35.60 -25.71 -39.95
N LEU B 805 -36.26 -24.97 -39.05
CA LEU B 805 -35.62 -24.40 -37.84
C LEU B 805 -35.10 -25.53 -36.98
N SER B 806 -35.88 -26.61 -36.90
CA SER B 806 -35.43 -27.83 -36.16
C SER B 806 -34.15 -28.44 -36.71
N HIS B 807 -34.13 -28.57 -38.02
CA HIS B 807 -32.95 -29.10 -38.71
C HIS B 807 -31.69 -28.25 -38.54
N ALA B 809 -31.14 -26.04 -36.19
CA ALA B 809 -30.73 -26.20 -34.74
C ALA B 809 -29.96 -27.52 -34.49
N ASN B 810 -30.40 -28.59 -35.14
CA ASN B 810 -29.74 -29.89 -34.98
C ASN B 810 -28.35 -29.83 -35.58
N ASP B 811 -28.28 -29.24 -36.77
CA ASP B 811 -26.98 -29.05 -37.43
C ASP B 811 -25.99 -28.22 -36.60
N ILE B 812 -26.51 -27.18 -35.94
CA ILE B 812 -25.69 -26.23 -35.17
C ILE B 812 -25.20 -26.95 -33.93
N ARG B 813 -26.14 -27.66 -33.34
CA ARG B 813 -25.91 -28.55 -32.20
C ARG B 813 -24.85 -29.59 -32.52
N THR B 814 -24.96 -30.17 -33.69
CA THR B 814 -23.98 -31.22 -34.13
C THR B 814 -22.61 -30.62 -34.32
N SER B 815 -22.56 -29.47 -35.02
CA SER B 815 -21.28 -28.77 -35.14
C SER B 815 -20.67 -28.33 -33.81
N PHE B 816 -21.50 -27.86 -32.89
CA PHE B 816 -21.02 -27.55 -31.52
C PHE B 816 -20.28 -28.71 -30.85
N TYR B 817 -20.93 -29.87 -30.80
CA TYR B 817 -20.37 -31.12 -30.20
C TYR B 817 -19.19 -31.70 -30.99
N GLN B 818 -19.28 -31.63 -32.29
CA GLN B 818 -18.24 -32.18 -33.17
C GLN B 818 -16.91 -31.40 -33.09
N TYR B 819 -17.00 -30.08 -33.05
CA TYR B 819 -15.81 -29.16 -33.15
C TYR B 819 -15.33 -28.40 -31.90
N LEU B 820 -16.27 -28.02 -31.03
CA LEU B 820 -15.98 -27.04 -29.99
C LEU B 820 -15.72 -27.62 -28.60
N ILE B 821 -15.71 -28.94 -28.52
CA ILE B 821 -15.42 -29.65 -27.28
C ILE B 821 -14.23 -30.56 -27.41
N LYS B 822 -13.22 -30.37 -26.58
CA LYS B 822 -12.12 -31.32 -26.49
C LYS B 822 -11.78 -31.58 -25.05
N ASP B 823 -11.53 -32.86 -24.78
CA ASP B 823 -11.20 -33.37 -23.43
C ASP B 823 -12.24 -32.94 -22.38
N GLY B 824 -13.50 -32.93 -22.77
CA GLY B 824 -14.60 -32.53 -21.90
C GLY B 824 -14.81 -31.02 -21.72
N VAL B 825 -13.85 -30.22 -22.21
CA VAL B 825 -13.84 -28.79 -22.08
C VAL B 825 -14.30 -28.14 -23.37
N ILE B 826 -15.36 -27.34 -23.27
CA ILE B 826 -15.82 -26.48 -24.36
C ILE B 826 -14.80 -25.35 -24.55
N ALA B 827 -14.28 -25.22 -25.77
CA ALA B 827 -13.35 -24.15 -26.09
C ALA B 827 -14.12 -22.83 -26.15
N GLY B 828 -13.47 -21.76 -25.75
CA GLY B 828 -14.08 -20.46 -25.95
C GLY B 828 -14.28 -20.15 -27.44
N PHE B 829 -13.25 -20.48 -28.22
CA PHE B 829 -13.26 -20.26 -29.61
C PHE B 829 -12.59 -21.40 -30.39
N LEU B 830 -13.07 -21.55 -31.63
CA LEU B 830 -12.34 -22.28 -32.67
C LEU B 830 -11.90 -21.34 -33.79
N TYR B 831 -10.64 -21.48 -34.19
CA TYR B 831 -10.14 -20.79 -35.37
C TYR B 831 -10.00 -21.83 -36.45
N ARG B 832 -10.78 -21.70 -37.50
CA ARG B 832 -10.84 -22.69 -38.60
C ARG B 832 -10.67 -22.09 -39.99
N GLU B 833 -9.50 -22.30 -40.57
CA GLU B 833 -9.27 -21.99 -42.02
C GLU B 833 -9.83 -23.08 -42.93
N SER B 834 -9.72 -24.32 -42.48
CA SER B 834 -10.27 -25.50 -43.17
C SER B 834 -10.32 -26.68 -42.20
N GLU B 835 -10.80 -27.83 -42.65
CA GLU B 835 -10.79 -29.03 -41.81
C GLU B 835 -9.38 -29.41 -41.37
N GLU B 836 -8.41 -29.06 -42.19
CA GLU B 836 -7.00 -29.41 -41.93
C GLU B 836 -6.25 -28.41 -41.05
N HIS B 837 -6.71 -27.18 -41.01
CA HIS B 837 -6.10 -26.14 -40.18
C HIS B 837 -7.15 -25.60 -39.19
N LYS B 839 -7.64 -24.63 -34.82
CA LYS B 839 -6.94 -24.27 -33.62
C LYS B 839 -7.99 -23.83 -32.59
N TYR B 840 -7.81 -24.23 -31.35
CA TYR B 840 -8.56 -23.67 -30.22
C TYR B 840 -7.93 -22.43 -29.64
N LEU B 842 -8.76 -20.04 -25.92
CA LEU B 842 -9.46 -20.09 -24.61
C LEU B 842 -9.91 -21.55 -24.38
N HIS B 843 -8.91 -22.43 -24.43
CA HIS B 843 -9.05 -23.83 -24.19
C HIS B 843 -7.66 -24.28 -23.67
N PRO B 844 -7.60 -25.32 -22.79
CA PRO B 844 -6.26 -25.80 -22.27
C PRO B 844 -5.18 -26.19 -23.34
N ASP B 845 -5.65 -26.70 -24.48
CA ASP B 845 -4.81 -27.00 -25.67
C ASP B 845 -4.04 -25.79 -26.18
N ASP B 846 -4.53 -24.55 -26.00
CA ASP B 846 -3.81 -23.36 -26.48
C ASP B 846 -2.68 -23.04 -25.52
N THR B 847 -1.70 -23.94 -25.48
CA THR B 847 -0.61 -23.92 -24.49
C THR B 847 0.28 -22.67 -24.58
N GLU B 848 0.44 -22.12 -25.77
CA GLU B 848 1.20 -20.86 -25.93
C GLU B 848 0.52 -19.67 -25.18
N SER B 849 -0.82 -19.69 -25.16
CA SER B 849 -1.66 -18.66 -24.51
C SER B 849 -1.61 -18.77 -23.02
N SER B 850 -1.82 -17.65 -22.38
CA SER B 850 -2.03 -17.64 -20.92
C SER B 850 -3.50 -17.90 -20.58
N ILE B 851 -4.38 -17.88 -21.58
CA ILE B 851 -5.82 -17.99 -21.35
C ILE B 851 -6.34 -19.34 -21.81
N HIS B 852 -6.85 -20.11 -20.84
CA HIS B 852 -7.32 -21.48 -21.07
C HIS B 852 -8.81 -21.82 -20.86
N TYR B 853 -9.57 -20.93 -20.26
CA TYR B 853 -11.01 -21.18 -20.04
C TYR B 853 -11.86 -19.94 -20.24
N ARG B 854 -13.04 -20.11 -20.85
CA ARG B 854 -14.06 -19.05 -21.00
C ARG B 854 -15.36 -19.41 -20.28
N LEU B 855 -15.94 -18.43 -19.58
CA LEU B 855 -17.17 -18.67 -18.85
C LEU B 855 -18.38 -18.86 -19.74
N LEU B 856 -18.51 -18.00 -20.71
CA LEU B 856 -19.77 -17.82 -21.42
C LEU B 856 -20.36 -19.06 -22.05
N PRO B 857 -19.56 -19.79 -22.84
CA PRO B 857 -20.05 -21.06 -23.39
C PRO B 857 -20.51 -22.05 -22.31
N LEU B 858 -19.85 -22.02 -21.18
CA LEU B 858 -20.18 -22.96 -20.13
C LEU B 858 -21.59 -22.72 -19.55
N THR B 859 -21.93 -21.44 -19.32
CA THR B 859 -23.27 -21.09 -18.78
C THR B 859 -24.36 -21.16 -19.85
N ARG B 860 -24.07 -20.68 -21.03
CA ARG B 860 -25.07 -20.67 -22.05
C ARG B 860 -25.48 -22.10 -22.39
N SER B 861 -24.52 -22.99 -22.54
CA SER B 861 -24.85 -24.38 -22.88
C SER B 861 -25.75 -25.05 -21.85
N ILE B 862 -25.60 -24.69 -20.57
CA ILE B 862 -26.51 -25.16 -19.51
C ILE B 862 -27.88 -24.51 -19.57
N ILE B 863 -27.89 -23.19 -19.71
CA ILE B 863 -29.15 -22.42 -19.78
C ILE B 863 -29.98 -22.98 -20.90
N ALA B 864 -29.35 -23.30 -22.03
CA ALA B 864 -30.08 -23.74 -23.22
C ALA B 864 -30.47 -25.23 -23.14
N GLN B 865 -30.05 -25.90 -22.09
CA GLN B 865 -30.21 -27.34 -22.01
C GLN B 865 -29.55 -28.05 -23.21
N LEU B 866 -28.43 -27.49 -23.67
CA LEU B 866 -27.66 -27.99 -24.81
C LEU B 866 -26.59 -28.97 -24.35
N ALA B 867 -25.97 -28.63 -23.21
CA ALA B 867 -24.98 -29.47 -22.61
C ALA B 867 -25.66 -30.65 -21.93
N ASP B 868 -25.24 -31.85 -22.29
CA ASP B 868 -25.78 -33.05 -21.64
C ASP B 868 -25.37 -33.01 -20.17
N PHE B 869 -26.09 -33.75 -19.35
CA PHE B 869 -25.91 -33.73 -17.86
C PHE B 869 -24.43 -33.83 -17.45
N LYS B 870 -23.69 -34.75 -18.07
CA LYS B 870 -22.28 -34.98 -17.73
C LYS B 870 -21.42 -33.76 -18.17
N LEU B 871 -21.63 -33.26 -19.37
CA LEU B 871 -20.88 -32.07 -19.81
C LEU B 871 -21.15 -30.84 -18.88
N ALA B 872 -22.44 -30.62 -18.59
CA ALA B 872 -22.89 -29.56 -17.70
C ALA B 872 -22.19 -29.66 -16.36
N THR B 873 -22.11 -30.87 -15.85
CA THR B 873 -21.46 -31.11 -14.55
C THR B 873 -20.01 -30.69 -14.59
N ARG B 874 -19.38 -31.03 -15.72
CA ARG B 874 -18.01 -30.66 -15.98
C ARG B 874 -17.84 -29.14 -16.03
N ASN B 875 -18.73 -28.47 -16.79
CA ASN B 875 -18.79 -27.01 -16.89
C ASN B 875 -18.69 -26.36 -15.51
N LEU B 876 -19.45 -26.91 -14.59
CA LEU B 876 -19.48 -26.40 -13.23
C LEU B 876 -18.18 -26.61 -12.49
N GLU B 877 -17.57 -27.80 -12.63
CA GLU B 877 -16.25 -28.05 -12.05
C GLU B 877 -15.24 -27.09 -12.64
N ILE B 878 -15.29 -26.84 -13.95
CA ILE B 878 -14.34 -25.88 -14.58
C ILE B 878 -14.53 -24.50 -13.93
N ILE B 879 -15.77 -24.04 -13.87
CA ILE B 879 -16.06 -22.75 -13.22
C ILE B 879 -15.47 -22.71 -11.82
N ASP B 880 -15.74 -23.73 -11.02
CA ASP B 880 -15.28 -23.75 -9.64
C ASP B 880 -13.76 -23.68 -9.50
N GLU B 881 -13.07 -24.41 -10.36
CA GLU B 881 -11.64 -24.52 -10.24
C GLU B 881 -10.90 -23.34 -10.84
N HIS B 882 -11.42 -22.81 -11.95
CA HIS B 882 -10.70 -21.80 -12.71
C HIS B 882 -11.34 -20.40 -12.83
N LEU B 883 -12.63 -20.27 -12.54
CA LEU B 883 -13.34 -19.01 -12.78
C LEU B 883 -13.97 -18.37 -11.55
N ALA B 884 -14.39 -19.17 -10.60
CA ALA B 884 -15.04 -18.70 -9.37
C ALA B 884 -14.11 -17.88 -8.44
N CYS B 885 -14.57 -16.69 -8.07
CA CYS B 885 -13.89 -15.82 -7.12
C CYS B 885 -14.88 -15.36 -6.06
N PRO B 886 -14.39 -14.87 -4.93
CA PRO B 886 -15.26 -14.35 -3.90
C PRO B 886 -16.18 -13.20 -4.36
N ASP B 887 -15.78 -12.44 -5.40
CA ASP B 887 -16.66 -11.39 -5.90
C ASP B 887 -17.55 -11.84 -7.06
N GLY B 888 -17.52 -13.13 -7.37
CA GLY B 888 -18.35 -13.71 -8.44
C GLY B 888 -17.51 -14.48 -9.46
N VAL B 889 -18.15 -15.06 -10.44
CA VAL B 889 -17.45 -15.85 -11.44
C VAL B 889 -16.92 -14.96 -12.54
N ARG B 890 -15.68 -15.27 -12.96
CA ARG B 890 -14.97 -14.50 -13.97
C ARG B 890 -15.08 -15.04 -15.39
N LEU B 891 -14.94 -14.11 -16.32
CA LEU B 891 -15.32 -14.35 -17.73
C LEU B 891 -14.30 -15.28 -18.41
N ASP B 893 -10.10 -17.22 -17.37
CA ASP B 893 -9.18 -17.56 -16.24
C ASP B 893 -7.86 -16.79 -16.22
N HIS B 894 -7.75 -15.84 -17.12
CA HIS B 894 -6.57 -14.98 -17.17
C HIS B 894 -6.98 -13.79 -18.00
N PRO B 895 -6.37 -12.62 -17.76
CA PRO B 895 -6.73 -11.43 -18.60
C PRO B 895 -6.34 -11.56 -20.05
N ALA B 896 -7.00 -10.76 -20.88
CA ALA B 896 -6.61 -10.62 -22.27
C ALA B 896 -5.23 -10.00 -22.38
N SER B 897 -4.63 -10.11 -23.56
CA SER B 897 -3.25 -9.62 -23.77
C SER B 897 -3.23 -8.14 -23.65
N TYR B 898 -2.13 -7.65 -23.10
CA TYR B 898 -1.84 -6.25 -23.16
C TYR B 898 -0.33 -6.07 -23.32
N SER B 899 0.04 -5.36 -24.38
CA SER B 899 1.45 -5.15 -24.69
C SER B 899 1.67 -3.75 -25.25
N GLY B 900 1.18 -2.77 -24.49
CA GLY B 900 1.35 -1.37 -24.83
C GLY B 900 0.19 -0.78 -25.61
N GLY B 901 -0.80 -1.58 -25.87
CA GLY B 901 -2.06 -1.03 -26.41
C GLY B 901 -2.43 -1.41 -27.83
N ILE B 902 -1.55 -2.14 -28.50
CA ILE B 902 -1.85 -2.64 -29.86
C ILE B 902 -2.59 -3.98 -29.80
N SER B 903 -3.63 -4.11 -30.63
CA SER B 903 -4.44 -5.34 -30.72
C SER B 903 -3.85 -6.37 -31.68
N LYS B 904 -3.79 -7.63 -31.24
CA LYS B 904 -3.39 -8.79 -32.04
C LYS B 904 -4.59 -9.65 -32.41
N ILE B 905 -5.42 -9.97 -31.43
CA ILE B 905 -6.63 -10.80 -31.67
C ILE B 905 -7.94 -10.07 -31.41
N PHE B 906 -8.06 -9.52 -30.21
CA PHE B 906 -9.28 -8.83 -29.79
C PHE B 906 -9.01 -7.33 -29.72
N LEU B 907 -10.01 -6.53 -30.09
CA LEU B 907 -9.82 -5.06 -30.14
C LEU B 907 -9.74 -4.38 -28.74
N ARG B 908 -10.87 -3.99 -28.15
CA ARG B 908 -10.81 -3.14 -26.91
C ARG B 908 -10.24 -3.93 -25.73
N ALA B 909 -10.46 -5.24 -25.70
CA ALA B 909 -9.85 -6.08 -24.65
C ALA B 909 -8.35 -6.01 -24.52
N GLU B 910 -7.68 -5.75 -25.62
CA GLU B 910 -6.22 -5.62 -25.62
C GLU B 910 -5.76 -4.18 -25.64
N GLN B 911 -6.68 -3.27 -25.78
CA GLN B 911 -6.37 -1.84 -25.83
C GLN B 911 -6.59 -1.12 -24.51
N ALA B 912 -7.50 -1.64 -23.69
CA ALA B 912 -7.90 -0.99 -22.42
C ALA B 912 -6.73 -0.95 -21.45
N ALA B 913 -6.30 0.27 -21.16
CA ALA B 913 -5.23 0.46 -20.20
C ALA B 913 -5.78 0.25 -18.77
N ASN B 914 -7.10 0.50 -18.61
CA ASN B 914 -7.74 0.49 -17.31
C ASN B 914 -8.26 -0.92 -16.97
N VAL B 915 -8.01 -1.38 -15.78
CA VAL B 915 -8.65 -2.63 -15.32
C VAL B 915 -10.01 -2.25 -14.82
N GLY B 916 -10.97 -2.42 -15.71
CA GLY B 916 -12.37 -2.11 -15.44
C GLY B 916 -13.29 -2.66 -16.52
N ARG B 917 -14.59 -2.43 -16.32
CA ARG B 917 -15.62 -2.85 -17.29
C ARG B 917 -15.42 -4.34 -17.59
N GLU B 918 -15.50 -4.75 -18.86
CA GLU B 918 -15.38 -6.22 -19.20
C GLU B 918 -14.00 -6.78 -18.89
N ILE B 919 -13.02 -5.88 -18.99
CA ILE B 919 -11.58 -6.18 -18.80
C ILE B 919 -11.31 -6.65 -17.35
N SER B 920 -12.14 -6.20 -16.44
CA SER B 920 -12.11 -6.71 -15.05
C SER B 920 -12.30 -8.20 -14.93
N LEU B 921 -12.92 -8.76 -15.97
CA LEU B 921 -13.35 -10.17 -16.04
C LEU B 921 -14.50 -10.56 -15.16
N GLN B 922 -15.06 -9.61 -14.41
CA GLN B 922 -16.27 -9.92 -13.62
C GLN B 922 -17.23 -8.86 -14.01
N TYR B 923 -17.91 -9.13 -15.13
CA TYR B 923 -18.95 -8.28 -15.61
C TYR B 923 -20.23 -8.93 -15.13
N VAL B 924 -20.95 -8.16 -14.32
CA VAL B 924 -21.97 -8.69 -13.48
C VAL B 924 -23.05 -9.37 -14.26
N HIS B 925 -23.40 -8.79 -15.40
CA HIS B 925 -24.40 -9.43 -16.26
C HIS B 925 -24.10 -10.93 -16.51
N ALA B 926 -22.86 -11.26 -16.83
CA ALA B 926 -22.50 -12.66 -17.07
C ALA B 926 -22.57 -13.55 -15.80
N HIS B 927 -22.28 -12.94 -14.64
CA HIS B 927 -22.43 -13.60 -13.38
C HIS B 927 -23.89 -13.97 -13.12
N ILE B 928 -24.76 -13.08 -13.57
CA ILE B 928 -26.20 -13.31 -13.47
C ILE B 928 -26.61 -14.45 -14.38
N ARG B 929 -26.06 -14.54 -15.58
CA ARG B 929 -26.30 -15.73 -16.38
C ARG B 929 -25.80 -17.05 -15.72
N TYR B 930 -24.71 -16.95 -14.98
CA TYR B 930 -24.19 -18.11 -14.23
C TYR B 930 -25.25 -18.56 -13.23
N ILE B 931 -25.90 -17.56 -12.62
CA ILE B 931 -27.03 -17.81 -11.69
C ILE B 931 -28.19 -18.51 -12.43
N GLU B 932 -28.55 -18.02 -13.60
CA GLU B 932 -29.54 -18.70 -14.42
C GLU B 932 -29.22 -20.18 -14.68
N ALA B 933 -27.97 -20.44 -15.01
CA ALA B 933 -27.53 -21.77 -15.28
C ALA B 933 -27.59 -22.65 -14.01
N LEU B 934 -27.11 -22.13 -12.87
CA LEU B 934 -27.30 -22.81 -11.58
C LEU B 934 -28.75 -23.16 -11.28
N ALA B 935 -29.63 -22.24 -11.60
CA ALA B 935 -31.06 -22.46 -11.36
C ALA B 935 -31.56 -23.56 -12.27
N THR B 936 -31.20 -23.47 -13.53
CA THR B 936 -31.47 -24.55 -14.45
C THR B 936 -31.08 -25.94 -13.88
N GLY B 938 -30.75 -26.65 -10.70
CA GLY B 938 -31.38 -26.80 -9.36
C GLY B 938 -30.40 -26.61 -8.22
N LEU B 939 -29.30 -25.92 -8.48
CA LEU B 939 -28.26 -25.85 -7.46
C LEU B 939 -28.47 -24.63 -6.58
N SER B 940 -29.31 -24.85 -5.58
CA SER B 940 -29.91 -23.71 -4.86
C SER B 940 -28.88 -23.03 -3.95
N LYS B 941 -27.97 -23.77 -3.34
CA LYS B 941 -27.00 -23.16 -2.43
C LYS B 941 -25.99 -22.24 -3.20
N LYS B 942 -25.44 -22.77 -4.29
CA LYS B 942 -24.60 -21.99 -5.18
C LYS B 942 -25.31 -20.80 -5.81
N ALA B 943 -26.55 -21.02 -6.24
CA ALA B 943 -27.36 -19.98 -6.85
C ALA B 943 -27.66 -18.83 -5.93
N TRP B 944 -28.14 -19.14 -4.70
CA TRP B 944 -28.43 -18.11 -3.69
C TRP B 944 -27.13 -17.43 -3.21
N ASP B 945 -26.04 -18.19 -3.09
CA ASP B 945 -24.76 -17.57 -2.76
C ASP B 945 -24.32 -16.60 -3.89
N ALA B 946 -24.41 -17.07 -5.13
CA ALA B 946 -24.10 -16.24 -6.28
C ALA B 946 -24.97 -14.93 -6.34
N LEU B 947 -26.23 -15.06 -6.01
CA LEU B 947 -27.13 -13.92 -5.95
C LEU B 947 -26.66 -12.86 -4.96
N ARG B 949 -23.51 -12.49 -3.73
CA ARG B 949 -22.14 -12.02 -4.06
C ARG B 949 -22.12 -10.72 -4.89
N ILE B 950 -23.19 -10.48 -5.60
CA ILE B 950 -23.33 -9.29 -6.44
C ILE B 950 -24.44 -8.37 -5.99
N ASN B 951 -24.92 -8.63 -4.82
CA ASN B 951 -25.96 -7.75 -4.23
C ASN B 951 -25.25 -6.65 -3.47
N PRO B 952 -25.52 -5.38 -3.84
CA PRO B 952 -24.83 -4.23 -3.25
C PRO B 952 -25.17 -3.94 -1.79
N ILE B 953 -26.26 -4.49 -1.31
CA ILE B 953 -26.66 -4.28 0.08
C ILE B 953 -25.75 -5.14 0.99
N LEU B 954 -25.02 -4.44 1.87
CA LEU B 954 -24.09 -5.03 2.82
C LEU B 954 -23.09 -5.95 2.16
N LEU B 955 -22.58 -5.49 1.03
CA LEU B 955 -21.78 -6.30 0.15
C LEU B 955 -20.47 -6.61 0.82
N THR B 956 -19.94 -5.61 1.50
CA THR B 956 -18.65 -5.77 2.18
C THR B 956 -18.68 -6.82 3.28
N ASP B 957 -19.84 -7.05 3.90
CA ASP B 957 -19.95 -8.13 4.91
C ASP B 957 -20.02 -9.48 4.28
N TYR B 958 -20.57 -9.55 3.09
CA TYR B 958 -20.73 -10.80 2.36
C TYR B 958 -19.39 -11.15 1.67
N VAL B 959 -18.79 -10.19 0.98
CA VAL B 959 -17.57 -10.42 0.18
C VAL B 959 -16.48 -9.57 0.85
N PRO B 960 -15.65 -10.17 1.71
CA PRO B 960 -14.73 -9.40 2.58
C PRO B 960 -13.67 -8.54 1.86
N ASN B 961 -13.28 -8.93 0.65
CA ASN B 961 -12.35 -8.12 -0.14
C ASN B 961 -13.07 -7.08 -1.05
N ALA B 962 -14.39 -6.97 -0.94
CA ALA B 962 -15.10 -5.98 -1.72
C ALA B 962 -15.04 -4.63 -1.04
N LEU B 963 -14.73 -3.60 -1.80
CA LEU B 963 -14.83 -2.24 -1.31
C LEU B 963 -16.29 -1.79 -1.39
N THR B 964 -16.69 -0.99 -0.44
CA THR B 964 -18.05 -0.51 -0.46
C THR B 964 -18.35 0.43 -1.65
N ARG B 965 -19.61 0.47 -2.02
CA ARG B 965 -20.14 1.22 -3.17
C ARG B 965 -21.61 1.52 -2.93
N GLN B 966 -22.17 2.39 -3.73
CA GLN B 966 -23.58 2.77 -3.61
C GLN B 966 -24.48 1.54 -3.50
N SER B 967 -25.33 1.50 -2.48
CA SER B 967 -25.99 0.25 -2.13
C SER B 967 -27.36 0.05 -2.77
N ASN B 968 -27.88 1.10 -3.46
CA ASN B 968 -29.22 1.11 -4.01
C ASN B 968 -29.23 1.24 -5.51
N VAL B 969 -28.12 0.83 -6.11
CA VAL B 969 -27.99 0.87 -7.53
C VAL B 969 -27.16 -0.32 -7.96
N TYR B 970 -27.45 -0.76 -9.17
CA TYR B 970 -26.70 -1.79 -9.83
C TYR B 970 -25.29 -1.39 -10.23
N PHE B 971 -24.33 -2.24 -9.90
CA PHE B 971 -22.95 -2.08 -10.37
C PHE B 971 -22.60 -3.14 -11.43
N SER B 972 -22.02 -2.67 -12.53
CA SER B 972 -21.86 -3.45 -13.76
C SER B 972 -20.65 -4.33 -13.80
N SER B 973 -19.70 -4.09 -12.91
CA SER B 973 -18.49 -4.87 -12.91
C SER B 973 -17.84 -4.82 -11.55
N SER B 974 -17.02 -5.84 -11.28
CA SER B 974 -16.19 -5.88 -10.11
C SER B 974 -14.75 -6.05 -10.52
N GLU B 975 -13.90 -5.08 -10.19
CA GLU B 975 -12.50 -5.10 -10.65
C GLU B 975 -11.52 -5.09 -9.55
N GLY B 976 -10.47 -5.94 -9.68
CA GLY B 976 -9.31 -5.87 -8.79
C GLY B 976 -8.72 -4.44 -8.82
N CYS B 977 -8.30 -3.96 -7.65
CA CYS B 977 -7.56 -2.66 -7.53
C CYS B 977 -6.12 -2.75 -8.04
N PHE B 978 -5.98 -3.05 -9.34
CA PHE B 978 -4.70 -3.11 -10.01
C PHE B 978 -4.56 -1.80 -10.76
N ASP B 979 -3.37 -1.18 -10.65
CA ASP B 979 -3.08 0.11 -11.27
C ASP B 979 -2.86 0.02 -12.79
N ASP B 980 -2.47 -1.16 -13.26
CA ASP B 980 -2.20 -1.34 -14.69
C ASP B 980 -2.44 -2.77 -15.14
N ARG B 981 -2.48 -2.96 -16.45
CA ARG B 981 -2.68 -4.28 -17.04
C ARG B 981 -1.57 -5.31 -16.69
N TYR B 982 -0.35 -4.82 -16.51
CA TYR B 982 0.84 -5.72 -16.30
C TYR B 982 0.80 -6.31 -14.90
N GLU B 983 0.48 -5.48 -13.91
CA GLU B 983 0.27 -5.97 -12.52
C GLU B 983 -0.96 -6.90 -12.45
N TYR B 984 -1.99 -6.55 -13.21
CA TYR B 984 -3.23 -7.38 -13.28
C TYR B 984 -2.92 -8.83 -13.72
N ALA B 985 -2.23 -8.95 -14.87
CA ALA B 985 -1.72 -10.23 -15.42
C ALA B 985 -0.81 -11.01 -14.44
N LYS B 986 0.18 -10.32 -13.90
CA LYS B 986 1.12 -10.90 -12.95
C LYS B 986 0.47 -11.43 -11.66
N ASN B 987 -0.48 -10.67 -11.12
CA ASN B 987 -1.05 -11.07 -9.82
C ASN B 987 -2.54 -11.44 -9.87
N PHE B 988 -2.95 -11.95 -11.01
CA PHE B 988 -4.35 -12.24 -11.28
C PHE B 988 -4.92 -13.17 -10.25
N ASP B 989 -4.14 -14.16 -9.84
CA ASP B 989 -4.56 -15.17 -8.87
C ASP B 989 -5.02 -14.61 -7.52
N LYS B 990 -4.55 -13.41 -7.18
CA LYS B 990 -5.11 -12.67 -6.03
C LYS B 990 -6.65 -12.53 -6.02
N LEU B 991 -7.21 -12.47 -7.22
CA LEU B 991 -8.65 -12.35 -7.41
C LEU B 991 -9.34 -13.65 -6.97
N ARG B 992 -8.73 -14.80 -7.22
CA ARG B 992 -9.32 -16.09 -6.84
C ARG B 992 -9.31 -16.28 -5.36
N THR B 993 -8.27 -15.81 -4.69
CA THR B 993 -8.11 -16.05 -3.25
C THR B 993 -8.64 -14.89 -2.38
N GLY B 994 -9.01 -13.77 -2.98
CA GLY B 994 -9.47 -12.59 -2.21
C GLY B 994 -8.32 -11.81 -1.56
N ASP B 995 -7.10 -11.95 -2.09
CA ASP B 995 -5.90 -11.27 -1.57
C ASP B 995 -5.67 -9.93 -2.23
N ILE B 996 -6.58 -9.52 -3.10
CA ILE B 996 -6.65 -8.13 -3.52
C ILE B 996 -8.05 -7.55 -3.33
N ASN B 997 -8.12 -6.26 -3.07
CA ASN B 997 -9.43 -5.57 -2.99
C ASN B 997 -10.05 -5.43 -4.35
N VAL B 998 -11.36 -5.51 -4.40
CA VAL B 998 -12.15 -5.26 -5.66
C VAL B 998 -13.20 -4.16 -5.48
N LYS B 999 -13.45 -3.43 -6.53
CA LYS B 999 -14.28 -2.23 -6.46
C LYS B 999 -15.24 -2.26 -7.61
N GLY B 1000 -16.27 -1.46 -7.48
CA GLY B 1000 -17.39 -1.52 -8.38
C GLY B 1000 -17.24 -0.64 -9.63
N GLY B 1001 -17.96 -1.08 -10.64
CA GLY B 1001 -17.92 -0.49 -11.95
C GLY B 1001 -19.04 0.46 -12.19
N TRP B 1002 -19.26 0.71 -13.46
CA TRP B 1002 -20.22 1.69 -13.87
C TRP B 1002 -21.62 1.29 -13.37
N ARG B 1003 -22.40 2.30 -13.01
CA ARG B 1003 -23.66 2.09 -12.30
C ARG B 1003 -24.89 2.22 -13.21
N LEU B 1004 -25.91 1.44 -12.84
CA LEU B 1004 -27.30 1.67 -13.21
C LEU B 1004 -27.61 1.10 -14.58
N TYR B 1005 -26.95 1.64 -15.61
CA TYR B 1005 -27.32 1.38 -17.01
C TYR B 1005 -26.72 0.04 -17.43
N SER B 1006 -27.61 -0.92 -17.54
CA SER B 1006 -27.25 -2.31 -17.77
C SER B 1006 -28.52 -3.11 -17.94
N SER B 1007 -28.38 -4.27 -18.60
CA SER B 1007 -29.47 -5.27 -18.58
C SER B 1007 -29.52 -6.00 -17.27
N GLY B 1008 -28.44 -5.90 -16.50
CA GLY B 1008 -28.29 -6.63 -15.27
C GLY B 1008 -29.46 -6.51 -14.32
N PRO B 1009 -29.92 -5.28 -14.04
CA PRO B 1009 -31.02 -5.13 -13.07
C PRO B 1009 -32.25 -5.96 -13.47
N GLY B 1010 -32.70 -5.82 -14.71
CA GLY B 1010 -33.83 -6.61 -15.23
C GLY B 1010 -33.65 -8.11 -15.17
N ILE B 1011 -32.46 -8.58 -15.58
CA ILE B 1011 -32.21 -10.02 -15.62
C ILE B 1011 -32.01 -10.58 -14.24
N TYR B 1012 -31.47 -9.76 -13.34
CA TYR B 1012 -31.40 -10.13 -11.88
C TYR B 1012 -32.76 -10.36 -11.31
N ILE B 1013 -33.66 -9.45 -11.63
CA ILE B 1013 -35.06 -9.54 -11.17
C ILE B 1013 -35.66 -10.81 -11.66
N ARG B 1014 -35.38 -11.17 -12.91
CA ARG B 1014 -35.94 -12.37 -13.48
C ARG B 1014 -35.30 -13.61 -12.80
N ARG B 1015 -34.03 -13.56 -12.57
CA ARG B 1015 -33.41 -14.61 -11.74
C ARG B 1015 -34.11 -14.81 -10.38
N ILE B 1016 -34.37 -13.70 -9.68
CA ILE B 1016 -34.99 -13.78 -8.34
C ILE B 1016 -36.34 -14.48 -8.41
N ILE B 1017 -37.17 -13.93 -9.27
CA ILE B 1017 -38.60 -14.26 -9.26
C ILE B 1017 -38.88 -15.52 -10.09
N ALA B 1018 -38.40 -15.53 -11.35
CA ALA B 1018 -38.61 -16.64 -12.26
C ALA B 1018 -37.80 -17.92 -11.98
N ASP B 1019 -36.51 -17.79 -11.66
CA ASP B 1019 -35.62 -18.97 -11.58
C ASP B 1019 -35.35 -19.53 -10.24
N LEU B 1020 -35.38 -18.67 -9.24
CA LEU B 1020 -35.08 -19.04 -7.86
C LEU B 1020 -36.34 -19.19 -6.99
N LEU B 1021 -37.09 -18.10 -6.85
CA LEU B 1021 -38.40 -18.22 -6.21
C LEU B 1021 -39.36 -19.09 -7.07
N GLY B 1022 -39.15 -19.08 -8.39
CA GLY B 1022 -39.66 -20.09 -9.29
C GLY B 1022 -41.04 -19.90 -9.80
N ILE B 1023 -41.46 -18.63 -9.89
CA ILE B 1023 -42.76 -18.27 -10.39
C ILE B 1023 -42.66 -17.71 -11.78
N ARG B 1024 -43.19 -18.47 -12.73
CA ARG B 1024 -43.15 -18.09 -14.15
C ARG B 1024 -44.50 -18.23 -14.85
N PHE B 1025 -44.72 -17.37 -15.82
CA PHE B 1025 -45.97 -17.32 -16.57
C PHE B 1025 -45.81 -17.91 -17.98
N GLY B 1026 -46.85 -18.65 -18.37
CA GLY B 1026 -46.93 -19.36 -19.64
C GLY B 1026 -48.30 -19.16 -20.26
N HIS B 1027 -48.53 -19.77 -21.42
CA HIS B 1027 -49.82 -19.59 -22.13
C HIS B 1027 -50.95 -20.25 -21.34
N ASN B 1028 -51.73 -19.43 -20.65
CA ASN B 1028 -52.80 -19.87 -19.74
C ASN B 1028 -52.37 -20.92 -18.70
N VAL B 1029 -51.11 -20.80 -18.29
CA VAL B 1029 -50.54 -21.63 -17.25
C VAL B 1029 -49.64 -20.77 -16.35
N ILE B 1030 -49.39 -21.30 -15.17
CA ILE B 1030 -48.38 -20.80 -14.27
C ILE B 1030 -47.41 -21.96 -14.03
N HIS B 1031 -46.11 -21.66 -14.07
CA HIS B 1031 -45.08 -22.60 -13.73
C HIS B 1031 -44.55 -22.29 -12.35
N ILE B 1032 -44.48 -23.32 -11.52
CA ILE B 1032 -43.91 -23.23 -10.22
C ILE B 1032 -42.75 -24.18 -10.21
N ASP B 1033 -41.55 -23.60 -10.14
CA ASP B 1033 -40.32 -24.36 -10.23
C ASP B 1033 -39.22 -23.73 -9.38
N PRO B 1034 -39.42 -23.69 -8.05
CA PRO B 1034 -38.47 -23.02 -7.20
C PRO B 1034 -37.16 -23.74 -7.11
N VAL B 1035 -36.09 -22.96 -6.87
CA VAL B 1035 -34.77 -23.45 -6.60
C VAL B 1035 -34.36 -22.65 -5.40
N VAL B 1036 -34.67 -23.20 -4.24
CA VAL B 1036 -34.51 -22.48 -2.98
C VAL B 1036 -33.70 -23.32 -1.99
N THR B 1037 -33.10 -22.62 -1.04
CA THR B 1037 -32.33 -23.27 0.04
C THR B 1037 -33.26 -23.48 1.26
N LYS B 1038 -32.77 -24.25 2.22
CA LYS B 1038 -33.54 -24.51 3.46
C LYS B 1038 -33.89 -23.23 4.17
N GLU B 1039 -33.02 -22.24 4.02
CA GLU B 1039 -33.21 -20.91 4.60
C GLU B 1039 -34.56 -20.25 4.24
N LEU B 1040 -35.08 -20.53 3.05
CA LEU B 1040 -36.41 -20.08 2.64
C LEU B 1040 -37.63 -20.93 3.12
N ASP B 1041 -37.35 -21.98 3.86
CA ASP B 1041 -38.40 -22.77 4.46
C ASP B 1041 -39.18 -21.90 5.46
N GLY B 1042 -40.47 -21.83 5.27
CA GLY B 1042 -41.30 -21.02 6.15
C GLY B 1042 -41.41 -19.56 5.72
N VAL B 1043 -40.75 -19.18 4.61
CA VAL B 1043 -40.76 -17.82 4.13
C VAL B 1043 -41.85 -17.77 3.08
N THR B 1044 -42.54 -16.63 2.95
CA THR B 1044 -43.61 -16.45 2.05
C THR B 1044 -43.35 -15.30 1.09
N LEU B 1045 -43.71 -15.54 -0.17
CA LEU B 1045 -43.72 -14.54 -1.20
C LEU B 1045 -45.12 -14.05 -1.53
N GLN B 1046 -45.31 -12.77 -1.35
CA GLN B 1046 -46.45 -12.09 -1.95
C GLN B 1046 -46.14 -11.74 -3.40
N PHE B 1047 -47.00 -12.17 -4.29
CA PHE B 1047 -46.87 -11.86 -5.73
C PHE B 1047 -48.23 -11.86 -6.37
N THR B 1048 -48.48 -10.88 -7.21
CA THR B 1048 -49.68 -10.78 -7.98
C THR B 1048 -49.47 -11.57 -9.27
N CYS B 1049 -50.37 -12.54 -9.50
CA CYS B 1049 -50.35 -13.44 -10.64
C CYS B 1049 -51.65 -13.36 -11.42
N PHE B 1050 -51.57 -13.12 -12.71
CA PHE B 1050 -52.77 -12.94 -13.56
C PHE B 1050 -53.75 -11.87 -13.01
N GLY B 1051 -53.21 -10.83 -12.41
CA GLY B 1051 -54.01 -9.81 -11.74
C GLY B 1051 -54.49 -10.13 -10.33
N LYS B 1052 -54.21 -11.33 -9.80
CA LYS B 1052 -54.64 -11.74 -8.44
C LYS B 1052 -53.47 -11.87 -7.46
N THR B 1053 -53.53 -11.15 -6.35
CA THR B 1053 -52.47 -11.20 -5.36
C THR B 1053 -52.56 -12.52 -4.60
N VAL B 1054 -51.46 -13.26 -4.55
CA VAL B 1054 -51.41 -14.55 -3.79
C VAL B 1054 -50.17 -14.58 -2.92
N PHE B 1055 -50.12 -15.60 -2.10
CA PHE B 1055 -49.09 -15.77 -1.12
C PHE B 1055 -48.51 -17.18 -1.22
N PHE B 1056 -47.26 -17.24 -1.69
CA PHE B 1056 -46.53 -18.48 -1.88
C PHE B 1056 -45.68 -18.76 -0.65
N THR B 1057 -46.02 -19.80 0.11
CA THR B 1057 -45.24 -20.16 1.32
C THR B 1057 -44.39 -21.39 0.98
N TYR B 1058 -43.11 -21.27 1.21
CA TYR B 1058 -42.12 -22.32 0.83
C TYR B 1058 -41.95 -23.27 1.97
N HIS B 1059 -41.96 -24.55 1.63
CA HIS B 1059 -41.58 -25.64 2.57
C HIS B 1059 -40.56 -26.50 1.85
N VAL B 1060 -39.38 -26.58 2.40
CA VAL B 1060 -38.25 -27.24 1.80
C VAL B 1060 -38.04 -28.50 2.57
N ASP B 1061 -38.41 -29.61 1.95
CA ASP B 1061 -38.48 -30.92 2.61
C ASP B 1061 -37.77 -31.97 1.73
N ASP B 1062 -36.50 -32.23 2.07
CA ASP B 1062 -35.65 -33.11 1.23
C ASP B 1062 -36.00 -34.61 1.41
N THR B 1063 -36.94 -34.91 2.31
CA THR B 1063 -37.42 -36.27 2.57
C THR B 1063 -38.70 -36.62 1.79
N ASP B 1065 -41.19 -37.77 -1.25
CA ASP B 1065 -41.01 -38.78 -2.30
C ASP B 1065 -41.15 -38.21 -3.72
N LYS B 1066 -41.76 -37.03 -3.83
CA LYS B 1066 -41.81 -36.30 -5.11
C LYS B 1066 -41.09 -34.95 -5.00
N HIS B 1067 -40.79 -34.37 -6.15
CA HIS B 1067 -40.00 -33.15 -6.16
C HIS B 1067 -40.80 -31.96 -5.64
N ILE B 1068 -42.04 -31.83 -6.08
CA ILE B 1068 -42.86 -30.68 -5.78
C ILE B 1068 -44.30 -31.00 -5.56
N CYS B 1069 -44.92 -30.27 -4.64
CA CYS B 1069 -46.34 -30.38 -4.37
C CYS B 1069 -46.87 -29.01 -3.98
N VAL B 1070 -47.88 -28.52 -4.69
CA VAL B 1070 -48.51 -27.24 -4.32
C VAL B 1070 -49.95 -27.39 -3.79
N LYS B 1071 -50.22 -26.78 -2.64
CA LYS B 1071 -51.53 -26.85 -1.97
C LYS B 1071 -52.16 -25.51 -1.72
N SER B 1072 -53.47 -25.48 -1.80
CA SER B 1072 -54.26 -24.36 -1.28
C SER B 1072 -55.44 -24.91 -0.50
N ASN B 1073 -55.62 -24.42 0.72
CA ASN B 1073 -56.62 -24.95 1.65
C ASN B 1073 -56.50 -26.50 1.73
N ASN B 1074 -55.26 -26.96 1.81
CA ASN B 1074 -54.90 -28.39 1.86
C ASN B 1074 -55.26 -29.22 0.62
N ASN B 1075 -55.81 -28.61 -0.41
CA ASN B 1075 -56.10 -29.32 -1.66
C ASN B 1075 -54.88 -29.26 -2.51
N ILE B 1076 -54.45 -30.41 -3.00
CA ILE B 1076 -53.32 -30.50 -3.91
C ILE B 1076 -53.70 -30.02 -5.32
N LEU B 1077 -52.95 -29.06 -5.84
CA LEU B 1077 -53.23 -28.57 -7.16
C LEU B 1077 -52.76 -29.53 -8.28
N PRO B 1078 -53.64 -29.83 -9.26
CA PRO B 1078 -53.23 -30.68 -10.37
C PRO B 1078 -52.36 -29.92 -11.38
N GLY B 1079 -51.50 -30.66 -12.05
CA GLY B 1079 -50.75 -30.13 -13.17
C GLY B 1079 -49.80 -31.14 -13.77
N ASP B 1080 -48.97 -30.66 -14.68
CA ASP B 1080 -47.96 -31.49 -15.38
C ASP B 1080 -46.56 -31.08 -14.95
N ASN B 1081 -45.62 -32.03 -14.99
CA ASN B 1081 -44.23 -31.77 -14.65
C ASN B 1081 -43.54 -31.09 -15.79
N LEU B 1082 -42.64 -30.18 -15.45
CA LEU B 1082 -41.83 -29.50 -16.45
C LEU B 1082 -40.69 -30.40 -16.90
N ASN B 1083 -40.23 -30.17 -18.12
CA ASN B 1083 -39.07 -30.86 -18.68
C ASN B 1083 -37.78 -30.18 -18.27
N ASN B 1084 -36.85 -30.97 -17.83
CA ASN B 1084 -35.56 -30.46 -17.43
C ASN B 1084 -34.63 -31.66 -17.41
N ILE B 1085 -33.58 -31.61 -18.25
CA ILE B 1085 -32.64 -32.72 -18.35
C ILE B 1085 -31.65 -32.85 -17.21
N TYR B 1086 -31.60 -31.86 -16.31
CA TYR B 1086 -30.61 -31.89 -15.23
C TYR B 1086 -31.16 -32.30 -13.87
N ARG B 1087 -32.48 -32.37 -13.71
CA ARG B 1087 -33.11 -32.50 -12.38
C ARG B 1087 -34.58 -32.67 -12.57
N ASP B 1088 -35.27 -32.95 -11.50
CA ASP B 1088 -36.74 -32.98 -11.53
C ASP B 1088 -37.23 -31.58 -11.73
N GLY B 1089 -38.15 -31.42 -12.66
CA GLY B 1089 -38.72 -30.13 -12.99
C GLY B 1089 -39.81 -29.77 -11.99
N GLY B 1090 -40.26 -28.51 -12.07
CA GLY B 1090 -41.33 -28.04 -11.17
C GLY B 1090 -42.67 -28.47 -11.74
N ILE B 1091 -43.68 -27.64 -11.60
CA ILE B 1091 -45.01 -27.99 -12.02
C ILE B 1091 -45.71 -26.86 -12.82
N GLN B 1092 -46.45 -27.30 -13.82
CA GLN B 1092 -47.28 -26.46 -14.67
C GLN B 1092 -48.68 -26.69 -14.21
N ILE B 1093 -49.31 -25.60 -13.81
CA ILE B 1093 -50.70 -25.57 -13.37
C ILE B 1093 -51.50 -24.68 -14.28
N ALA B 1094 -52.71 -25.11 -14.60
CA ALA B 1094 -53.58 -24.29 -15.44
C ALA B 1094 -54.08 -23.04 -14.71
N LYS B 1095 -54.16 -21.97 -15.50
CA LYS B 1095 -54.56 -20.64 -15.02
C LYS B 1095 -55.92 -20.66 -14.36
N ASP B 1096 -56.89 -21.28 -15.04
CA ASP B 1096 -58.26 -21.45 -14.49
C ASP B 1096 -58.25 -22.19 -13.13
N VAL B 1097 -57.52 -23.29 -13.07
CA VAL B 1097 -57.35 -24.07 -11.86
C VAL B 1097 -56.65 -23.27 -10.73
N PHE B 1098 -55.55 -22.64 -11.10
CA PHE B 1098 -54.80 -21.80 -10.17
C PHE B 1098 -55.70 -20.68 -9.65
N LEU B 1099 -56.32 -19.92 -10.55
CA LEU B 1099 -57.21 -18.82 -10.11
C LEU B 1099 -58.43 -19.27 -9.27
N SER B 1100 -59.01 -20.39 -9.66
CA SER B 1100 -60.15 -20.97 -8.93
C SER B 1100 -59.76 -21.27 -7.47
N ALA B 1101 -58.63 -21.95 -7.31
CA ALA B 1101 -58.03 -22.15 -5.96
C ALA B 1101 -57.71 -20.84 -5.19
N ALA B 1102 -57.19 -19.84 -5.90
CA ALA B 1102 -56.83 -18.58 -5.25
C ALA B 1102 -58.01 -17.76 -4.78
N SER B 1104 -60.82 -19.01 -3.44
CA SER B 1104 -61.23 -19.55 -2.12
C SER B 1104 -60.14 -19.44 -1.08
N ASP B 1105 -58.88 -19.61 -1.46
CA ASP B 1105 -57.72 -19.50 -0.52
C ASP B 1105 -56.46 -19.10 -1.27
N ASN B 1106 -56.05 -17.86 -1.04
CA ASN B 1106 -54.92 -17.29 -1.77
C ASN B 1106 -53.56 -17.52 -1.11
N ASN B 1107 -53.51 -18.39 -0.10
CA ASN B 1107 -52.22 -18.79 0.46
C ASN B 1107 -51.85 -20.14 -0.12
N PHE B 1108 -50.91 -20.15 -1.06
CA PHE B 1108 -50.44 -21.39 -1.73
C PHE B 1108 -49.24 -21.92 -1.02
N HIS B 1109 -49.23 -23.20 -0.69
CA HIS B 1109 -48.13 -23.79 0.01
C HIS B 1109 -47.38 -24.64 -0.99
N ILE B 1110 -46.11 -24.29 -1.18
CA ILE B 1110 -45.18 -25.00 -2.10
C ILE B 1110 -44.21 -25.86 -1.25
N TYR B 1111 -44.38 -27.17 -1.43
CA TYR B 1111 -43.55 -28.22 -0.83
C TYR B 1111 -42.53 -28.66 -1.89
N VAL B 1112 -41.26 -28.46 -1.63
CA VAL B 1112 -40.26 -28.73 -2.66
C VAL B 1112 -39.04 -29.38 -2.07
N LYS B 1113 -38.29 -30.12 -2.90
CA LYS B 1113 -36.89 -30.58 -2.61
C LYS B 1113 -35.70 -29.66 -3.03
N ASN B 1114 -34.46 -30.09 -2.69
CA ASN B 1114 -33.20 -29.40 -3.08
C ASN B 1114 -33.30 -27.90 -2.85
#